data_4ARX
#
_entry.id   4ARX
#
_cell.length_a   51.808
_cell.length_b   112.975
_cell.length_c   123.299
_cell.angle_alpha   113.11
_cell.angle_beta   91.52
_cell.angle_gamma   100.51
#
_symmetry.space_group_name_H-M   'P 1'
#
loop_
_entity.id
_entity.type
_entity.pdbx_description
1 polymer 'PESTICIDAL CRYSTAL PROTEIN CRY1AC'
2 non-polymer 1,3-DIAMINOPROPANE
3 non-polymer GLYCEROL
4 water water
#
_entity_poly.entity_id   1
_entity_poly.type   'polypeptide(L)'
_entity_poly.pdbx_seq_one_letter_code
;TGYTPIDISLSLTQFLLSEFVPGAGFVLGLVDIIWGIFGPSQWDAFLVQIEQLINQRIEEFARNQAISRLEGLSNLYQIY
AESFREWEADPTNPALREEMRIQFNDMNSALTTAIPLFAVQNYQVPLLSVYVQAANLHLSVLRDVSVFGQRWGFDAATIN
SRYNDLTRLIGNYTDYAVRWYNTGLERVWGPDSRDWVRYNQFRRELTLTVLDIVALFPNYDSRRYPIRTVSQLTREIYTN
PVLENFDGSFRGSAQGIERSIRSPHLMDILNSITIYTDAHRGYYYWSGHQIMASPVGFSGPEFTFPLYGTMGNAAPQQRI
VAQLGQGVYRTLSSTLYRRPFNIGINNQQLSVLDGTEFAYGTSSNLPSAVYRKSGTVDSLDEIPPQNNNVPPRQGFSHRL
SHVSMFRSGFSNSSVSIIRAPMFSWIHRSAEFNNIIASDSITQIPAVKGNFLFNGSVISGPGFTGGDLVRLNSSGNNIQN
RGYIEVPIHFPSTSTRYRVRVRYASVTPIHLNVNWGNSSIFSNTVPATATSLDNLQSSDFGYFESANAFTSSLGNIVGVR
NFSGTAGVIIDRFEFIPVT
;
_entity_poly.pdbx_strand_id   A,B,C,D
#
loop_
_chem_comp.id
_chem_comp.type
_chem_comp.name
_chem_comp.formula
13D non-polymer 1,3-DIAMINOPROPANE 'C3 H10 N2'
GOL non-polymer GLYCEROL 'C3 H8 O3'
#
# COMPACT_ATOMS: atom_id res chain seq x y z
N THR A 1 -48.77 -8.01 3.94
CA THR A 1 -48.54 -6.68 3.29
C THR A 1 -47.06 -6.25 3.31
N GLY A 2 -46.38 -6.53 4.43
CA GLY A 2 -45.06 -5.95 4.72
C GLY A 2 -45.09 -4.44 4.98
N TYR A 3 -46.25 -3.86 5.27
CA TYR A 3 -46.36 -2.42 5.54
C TYR A 3 -46.06 -2.08 7.00
N THR A 4 -45.60 -0.86 7.23
CA THR A 4 -45.39 -0.36 8.59
C THR A 4 -46.06 1.01 8.73
N PRO A 5 -46.09 1.56 9.96
CA PRO A 5 -46.56 2.93 10.19
C PRO A 5 -45.84 4.01 9.36
N ILE A 6 -44.61 3.73 8.93
CA ILE A 6 -43.88 4.64 8.06
C ILE A 6 -44.53 4.74 6.68
N ASP A 7 -44.94 3.61 6.12
CA ASP A 7 -45.68 3.60 4.85
C ASP A 7 -47.01 4.33 4.99
N ILE A 8 -47.75 3.99 6.03
CA ILE A 8 -49.05 4.58 6.30
C ILE A 8 -48.92 6.10 6.47
N SER A 9 -47.92 6.53 7.21
CA SER A 9 -47.72 7.95 7.47
C SER A 9 -47.36 8.70 6.19
N LEU A 10 -46.51 8.11 5.36
CA LEU A 10 -46.12 8.77 4.11
C LEU A 10 -47.33 8.95 3.19
N SER A 11 -48.24 7.99 3.21
CA SER A 11 -49.46 8.10 2.44
C SER A 11 -50.39 9.19 3.01
N LEU A 12 -50.50 9.28 4.34
CA LEU A 12 -51.23 10.38 4.98
C LEU A 12 -50.64 11.75 4.60
N THR A 13 -49.32 11.86 4.61
CA THR A 13 -48.63 13.07 4.19
C THR A 13 -48.93 13.47 2.75
N GLN A 14 -48.91 12.48 1.83
CA GLN A 14 -49.28 12.74 0.44
C GLN A 14 -50.68 13.35 0.38
N PHE A 15 -51.60 12.76 1.13
CA PHE A 15 -52.96 13.26 1.17
C PHE A 15 -53.06 14.66 1.75
N LEU A 16 -52.44 14.91 2.90
CA LEU A 16 -52.52 16.23 3.54
C LEU A 16 -51.83 17.30 2.71
N LEU A 17 -50.83 16.92 1.92
CA LEU A 17 -50.13 17.86 1.06
C LEU A 17 -50.98 18.27 -0.14
N SER A 18 -51.78 17.34 -0.68
CA SER A 18 -52.45 17.61 -1.96
C SER A 18 -53.96 17.86 -1.82
N GLU A 19 -54.57 17.51 -0.70
CA GLU A 19 -56.02 17.64 -0.52
C GLU A 19 -56.42 18.47 0.72
N PHE A 20 -55.59 19.44 1.12
CA PHE A 20 -55.85 20.17 2.36
C PHE A 20 -56.89 21.28 2.13
N VAL A 21 -58.15 20.84 2.15
CA VAL A 21 -59.29 21.72 1.92
C VAL A 21 -60.46 21.15 2.71
N PRO A 22 -61.25 22.01 3.37
CA PRO A 22 -62.37 21.46 4.14
C PRO A 22 -63.44 20.82 3.27
N GLY A 23 -64.15 19.82 3.81
CA GLY A 23 -65.22 19.15 3.07
C GLY A 23 -65.24 17.67 3.34
N ALA A 24 -66.17 16.98 2.72
CA ALA A 24 -66.35 15.54 2.93
C ALA A 24 -65.12 14.73 2.46
N GLY A 25 -64.44 15.23 1.43
CA GLY A 25 -63.27 14.54 0.90
C GLY A 25 -62.17 14.38 1.94
N PHE A 26 -61.91 15.43 2.70
CA PHE A 26 -60.88 15.43 3.75
C PHE A 26 -61.24 14.44 4.85
N VAL A 27 -62.47 14.55 5.33
CA VAL A 27 -62.97 13.67 6.39
C VAL A 27 -62.91 12.20 5.99
N LEU A 28 -63.27 11.91 4.75
CA LEU A 28 -63.28 10.54 4.26
C LEU A 28 -61.88 10.04 3.96
N GLY A 29 -61.01 10.95 3.51
CA GLY A 29 -59.58 10.64 3.39
C GLY A 29 -58.97 10.09 4.67
N LEU A 30 -59.27 10.74 5.80
CA LEU A 30 -58.72 10.35 7.08
C LEU A 30 -59.24 8.98 7.52
N VAL A 31 -60.51 8.68 7.23
CA VAL A 31 -61.05 7.34 7.48
C VAL A 31 -60.37 6.32 6.58
N ASP A 32 -60.25 6.65 5.29
CA ASP A 32 -59.62 5.71 4.38
C ASP A 32 -58.16 5.37 4.75
N ILE A 33 -57.35 6.38 5.10
CA ILE A 33 -55.91 6.16 5.32
C ILE A 33 -55.55 5.70 6.74
N ILE A 34 -56.27 6.19 7.76
CA ILE A 34 -55.90 5.95 9.15
C ILE A 34 -57.00 5.33 10.05
N TRP A 35 -58.19 5.92 10.04
CA TRP A 35 -59.20 5.67 11.08
C TRP A 35 -60.29 4.68 10.75
N GLY A 36 -60.21 4.06 9.56
CA GLY A 36 -61.27 3.16 9.08
C GLY A 36 -61.03 1.70 9.36
N ILE A 37 -59.94 1.41 10.08
CA ILE A 37 -59.53 0.05 10.47
C ILE A 37 -60.44 -0.59 11.54
N PHE A 38 -60.34 -1.91 11.66
CA PHE A 38 -61.06 -2.70 12.63
C PHE A 38 -60.07 -3.40 13.55
N GLY A 39 -60.27 -3.28 14.86
CA GLY A 39 -59.40 -3.95 15.82
C GLY A 39 -58.12 -3.19 16.18
N PRO A 40 -57.28 -3.80 17.03
CA PRO A 40 -56.11 -3.14 17.60
C PRO A 40 -54.80 -3.19 16.79
N SER A 41 -54.76 -3.94 15.69
CA SER A 41 -53.53 -4.24 14.97
C SER A 41 -52.68 -3.05 14.56
N GLN A 42 -53.30 -2.11 13.86
CA GLN A 42 -52.62 -0.94 13.37
C GLN A 42 -52.01 -0.19 14.54
N TRP A 43 -52.79 -0.04 15.61
CA TRP A 43 -52.33 0.75 16.76
C TRP A 43 -51.18 0.10 17.47
N ASP A 44 -51.30 -1.20 17.70
CA ASP A 44 -50.20 -1.96 18.23
C ASP A 44 -48.91 -1.77 17.39
N ALA A 45 -49.04 -1.84 16.05
CA ALA A 45 -47.91 -1.61 15.13
C ALA A 45 -47.28 -0.20 15.26
N PHE A 46 -48.12 0.83 15.40
CA PHE A 46 -47.62 2.18 15.62
C PHE A 46 -46.75 2.24 16.87
N LEU A 47 -47.18 1.56 17.93
CA LEU A 47 -46.39 1.56 19.17
C LEU A 47 -45.12 0.73 19.01
N VAL A 48 -45.23 -0.49 18.47
CA VAL A 48 -44.05 -1.35 18.27
C VAL A 48 -42.95 -0.62 17.47
N GLN A 49 -43.36 0.13 16.45
CA GLN A 49 -42.41 0.84 15.60
C GLN A 49 -41.46 1.77 16.36
N ILE A 50 -41.96 2.43 17.40
CA ILE A 50 -41.09 3.27 18.25
C ILE A 50 -40.46 2.45 19.41
N GLU A 51 -41.27 1.60 20.06
CA GLU A 51 -40.78 0.71 21.11
C GLU A 51 -39.52 -0.10 20.74
N GLN A 52 -39.52 -0.71 19.55
CA GLN A 52 -38.39 -1.54 19.14
C GLN A 52 -37.16 -0.70 18.86
N LEU A 53 -37.34 0.60 18.58
CA LEU A 53 -36.24 1.48 18.24
C LEU A 53 -35.52 1.96 19.48
N ILE A 54 -36.29 2.39 20.48
CA ILE A 54 -35.74 2.82 21.76
C ILE A 54 -35.56 1.65 22.74
N ASN A 55 -35.92 0.44 22.32
CA ASN A 55 -35.74 -0.77 23.15
C ASN A 55 -36.46 -0.68 24.49
N GLN A 56 -37.73 -0.26 24.45
CA GLN A 56 -38.54 -0.13 25.66
C GLN A 56 -40.02 -0.25 25.33
N ARG A 57 -40.67 -1.23 25.92
CA ARG A 57 -42.10 -1.43 25.74
C ARG A 57 -42.89 -0.57 26.72
N ILE A 58 -44.05 -0.07 26.29
CA ILE A 58 -44.91 0.73 27.19
C ILE A 58 -45.47 -0.20 28.28
N GLU A 59 -45.50 0.26 29.53
CA GLU A 59 -46.10 -0.47 30.64
C GLU A 59 -47.46 -0.98 30.21
N GLU A 60 -47.72 -2.25 30.50
CA GLU A 60 -48.79 -3.00 29.84
C GLU A 60 -50.21 -2.44 30.03
N PHE A 61 -50.52 -1.92 31.21
CA PHE A 61 -51.85 -1.35 31.44
C PHE A 61 -52.04 -0.09 30.63
N ALA A 62 -51.09 0.84 30.70
CA ALA A 62 -51.13 2.07 29.94
C ALA A 62 -51.16 1.80 28.42
N ARG A 63 -50.46 0.74 28.01
CA ARG A 63 -50.39 0.35 26.60
C ARG A 63 -51.76 -0.09 26.10
N ASN A 64 -52.38 -1.00 26.84
CA ASN A 64 -53.72 -1.47 26.53
C ASN A 64 -54.77 -0.37 26.61
N GLN A 65 -54.64 0.53 27.58
CA GLN A 65 -55.55 1.66 27.66
C GLN A 65 -55.44 2.56 26.42
N ALA A 66 -54.21 2.80 25.94
CA ALA A 66 -54.01 3.65 24.74
C ALA A 66 -54.60 2.96 23.50
N ILE A 67 -54.28 1.70 23.30
CA ILE A 67 -54.80 0.94 22.15
C ILE A 67 -56.32 0.92 22.18
N SER A 68 -56.86 0.52 23.32
CA SER A 68 -58.30 0.45 23.52
C SER A 68 -59.00 1.77 23.21
N ARG A 69 -58.41 2.87 23.66
CA ARG A 69 -58.98 4.17 23.38
C ARG A 69 -58.93 4.52 21.88
N LEU A 70 -57.85 4.15 21.20
CA LEU A 70 -57.73 4.43 19.77
C LEU A 70 -58.79 3.66 18.98
N GLU A 71 -59.08 2.44 19.40
CA GLU A 71 -60.18 1.66 18.80
C GLU A 71 -61.50 2.42 18.96
N GLY A 72 -61.73 2.96 20.15
CA GLY A 72 -62.95 3.74 20.43
C GLY A 72 -63.07 4.97 19.56
N LEU A 73 -61.96 5.68 19.40
CA LEU A 73 -61.92 6.88 18.58
C LEU A 73 -62.19 6.53 17.12
N SER A 74 -61.63 5.41 16.67
CA SER A 74 -61.83 4.95 15.31
C SER A 74 -63.31 4.71 15.01
N ASN A 75 -63.95 3.90 15.85
CA ASN A 75 -65.41 3.65 15.75
C ASN A 75 -66.20 4.93 15.73
N LEU A 76 -65.91 5.80 16.67
CA LEU A 76 -66.62 7.06 16.81
C LEU A 76 -66.39 7.96 15.57
N TYR A 77 -65.16 8.01 15.05
CA TYR A 77 -64.87 8.89 13.90
C TYR A 77 -65.48 8.36 12.60
N GLN A 78 -65.58 7.03 12.51
CA GLN A 78 -66.27 6.42 11.37
C GLN A 78 -67.74 6.87 11.32
N ILE A 79 -68.39 6.95 12.48
CA ILE A 79 -69.78 7.43 12.57
C ILE A 79 -69.87 8.91 12.24
N TYR A 80 -68.93 9.68 12.77
CA TYR A 80 -68.86 11.11 12.48
C TYR A 80 -68.69 11.37 10.99
N ALA A 81 -67.78 10.62 10.36
CA ALA A 81 -67.50 10.76 8.95
C ALA A 81 -68.74 10.46 8.10
N GLU A 82 -69.43 9.37 8.42
CA GLU A 82 -70.64 9.02 7.71
C GLU A 82 -71.73 10.06 7.87
N SER A 83 -71.87 10.57 9.08
CA SER A 83 -72.85 11.62 9.33
C SER A 83 -72.50 12.86 8.53
N PHE A 84 -71.22 13.22 8.52
CA PHE A 84 -70.73 14.34 7.71
C PHE A 84 -71.12 14.17 6.24
N ARG A 85 -70.83 12.99 5.69
CA ARG A 85 -71.11 12.70 4.27
C ARG A 85 -72.59 12.85 3.97
N GLU A 86 -73.43 12.32 4.85
CA GLU A 86 -74.87 12.38 4.67
C GLU A 86 -75.34 13.83 4.77
N TRP A 87 -74.83 14.56 5.76
CA TRP A 87 -75.12 15.97 5.87
C TRP A 87 -74.70 16.76 4.63
N GLU A 88 -73.51 16.52 4.09
CA GLU A 88 -73.06 17.30 2.93
C GLU A 88 -73.95 17.07 1.71
N ALA A 89 -74.49 15.87 1.60
CA ALA A 89 -75.38 15.47 0.52
C ALA A 89 -76.76 16.14 0.64
N ASP A 90 -77.11 16.60 1.83
CA ASP A 90 -78.43 17.17 2.10
C ASP A 90 -78.31 18.20 3.23
N PRO A 91 -77.61 19.33 2.98
CA PRO A 91 -77.13 20.26 4.03
C PRO A 91 -78.20 21.04 4.83
N THR A 92 -79.35 21.27 4.23
CA THR A 92 -80.41 22.03 4.89
C THR A 92 -81.27 21.17 5.80
N ASN A 93 -81.14 19.84 5.67
CA ASN A 93 -81.92 18.89 6.47
C ASN A 93 -81.68 19.03 7.98
N PRO A 94 -82.70 19.45 8.74
CA PRO A 94 -82.52 19.71 10.18
C PRO A 94 -82.20 18.48 11.01
N ALA A 95 -82.66 17.30 10.58
CA ALA A 95 -82.30 16.07 11.29
C ALA A 95 -80.80 15.81 11.15
N LEU A 96 -80.27 15.93 9.93
CA LEU A 96 -78.85 15.74 9.66
C LEU A 96 -77.96 16.82 10.29
N ARG A 97 -78.45 18.06 10.31
CA ARG A 97 -77.74 19.16 10.99
C ARG A 97 -77.64 18.92 12.51
N GLU A 98 -78.72 18.43 13.11
CA GLU A 98 -78.72 18.10 14.53
C GLU A 98 -77.79 16.93 14.82
N GLU A 99 -77.81 15.92 13.96
CA GLU A 99 -76.90 14.79 14.12
C GLU A 99 -75.42 15.23 14.02
N MET A 100 -75.10 16.17 13.14
CA MET A 100 -73.72 16.70 13.06
C MET A 100 -73.30 17.43 14.33
N ARG A 101 -74.23 18.20 14.91
CA ARG A 101 -73.96 18.90 16.16
C ARG A 101 -73.68 17.92 17.29
N ILE A 102 -74.50 16.89 17.42
CA ILE A 102 -74.29 15.84 18.42
C ILE A 102 -72.97 15.09 18.16
N GLN A 103 -72.75 14.68 16.91
CA GLN A 103 -71.54 13.92 16.56
C GLN A 103 -70.27 14.73 16.80
N PHE A 104 -70.30 16.01 16.46
CA PHE A 104 -69.15 16.86 16.70
C PHE A 104 -68.82 16.96 18.17
N ASN A 105 -69.84 17.17 19.00
CA ASN A 105 -69.63 17.26 20.44
C ASN A 105 -69.06 15.98 21.03
N ASP A 106 -69.60 14.83 20.62
CA ASP A 106 -69.09 13.53 21.09
C ASP A 106 -67.62 13.33 20.67
N MET A 107 -67.33 13.67 19.42
CA MET A 107 -66.00 13.51 18.83
C MET A 107 -65.03 14.47 19.53
N ASN A 108 -65.45 15.72 19.69
CA ASN A 108 -64.62 16.71 20.39
C ASN A 108 -64.32 16.31 21.84
N SER A 109 -65.36 15.89 22.54
CA SER A 109 -65.25 15.47 23.93
C SER A 109 -64.41 14.20 24.10
N ALA A 110 -64.66 13.19 23.27
CA ALA A 110 -63.91 11.97 23.29
C ALA A 110 -62.39 12.20 23.04
N LEU A 111 -62.05 13.11 22.13
CA LEU A 111 -60.65 13.36 21.77
C LEU A 111 -59.93 14.11 22.88
N THR A 112 -60.59 15.13 23.43
CA THR A 112 -60.07 15.88 24.59
C THR A 112 -59.79 14.95 25.77
N THR A 113 -60.68 13.98 26.01
CA THR A 113 -60.46 12.99 27.08
C THR A 113 -59.37 11.96 26.75
N ALA A 114 -59.32 11.52 25.49
CA ALA A 114 -58.38 10.46 25.06
C ALA A 114 -56.92 10.91 25.01
N ILE A 115 -56.68 12.16 24.64
CA ILE A 115 -55.32 12.60 24.32
C ILE A 115 -54.29 12.44 25.45
N PRO A 116 -54.67 12.81 26.70
CA PRO A 116 -53.71 12.60 27.80
C PRO A 116 -53.30 11.13 27.96
N LEU A 117 -54.15 10.21 27.54
CA LEU A 117 -53.82 8.80 27.65
C LEU A 117 -52.76 8.39 26.61
N PHE A 118 -52.47 9.28 25.67
CA PHE A 118 -51.38 9.10 24.72
C PHE A 118 -50.18 9.96 25.11
N ALA A 119 -50.20 10.51 26.33
CA ALA A 119 -49.10 11.31 26.87
C ALA A 119 -48.72 10.81 28.27
N VAL A 120 -48.82 9.51 28.49
CA VAL A 120 -48.60 8.93 29.82
C VAL A 120 -47.15 9.10 30.25
N GLN A 121 -46.98 9.55 31.50
CA GLN A 121 -45.69 9.85 32.09
C GLN A 121 -44.70 8.69 31.96
N ASN A 122 -43.46 9.01 31.57
CA ASN A 122 -42.38 8.03 31.31
C ASN A 122 -42.55 7.21 30.02
N TYR A 123 -43.64 7.44 29.28
CA TYR A 123 -43.90 6.74 28.03
C TYR A 123 -44.31 7.69 26.89
N GLN A 124 -43.95 8.96 27.01
CA GLN A 124 -44.34 9.95 26.01
C GLN A 124 -43.74 9.63 24.62
N VAL A 125 -42.50 9.15 24.59
CA VAL A 125 -41.81 8.89 23.32
C VAL A 125 -42.48 7.76 22.52
N PRO A 126 -42.66 6.57 23.13
CA PRO A 126 -43.24 5.46 22.33
C PRO A 126 -44.70 5.65 21.96
N LEU A 127 -45.39 6.58 22.65
CA LEU A 127 -46.76 6.93 22.38
C LEU A 127 -46.87 8.12 21.41
N LEU A 128 -45.74 8.63 20.94
CA LEU A 128 -45.75 9.92 20.24
C LEU A 128 -46.48 9.88 18.88
N SER A 129 -46.39 8.79 18.13
CA SER A 129 -47.00 8.76 16.81
C SER A 129 -48.51 8.64 16.93
N VAL A 130 -49.01 7.85 17.90
CA VAL A 130 -50.46 7.78 18.12
C VAL A 130 -50.97 9.08 18.72
N TYR A 131 -50.18 9.73 19.57
CA TYR A 131 -50.51 11.07 20.05
C TYR A 131 -50.73 12.01 18.87
N VAL A 132 -49.78 12.02 17.93
CA VAL A 132 -49.83 12.92 16.78
C VAL A 132 -51.01 12.58 15.85
N GLN A 133 -51.30 11.29 15.67
CA GLN A 133 -52.50 10.90 14.92
C GLN A 133 -53.79 11.44 15.56
N ALA A 134 -53.91 11.27 16.87
CA ALA A 134 -55.08 11.76 17.63
C ALA A 134 -55.18 13.29 17.59
N ALA A 135 -54.04 13.96 17.76
CA ALA A 135 -53.97 15.42 17.66
C ALA A 135 -54.46 15.89 16.31
N ASN A 136 -53.96 15.24 15.27
CA ASN A 136 -54.32 15.58 13.91
C ASN A 136 -55.81 15.48 13.71
N LEU A 137 -56.41 14.40 14.20
CA LEU A 137 -57.86 14.21 14.05
C LEU A 137 -58.63 15.27 14.83
N HIS A 138 -58.13 15.62 16.02
CA HIS A 138 -58.76 16.64 16.83
C HIS A 138 -58.77 17.99 16.15
N LEU A 139 -57.61 18.42 15.68
CA LEU A 139 -57.54 19.68 14.95
C LEU A 139 -58.47 19.66 13.73
N SER A 140 -58.53 18.51 13.06
CA SER A 140 -59.39 18.32 11.89
C SER A 140 -60.88 18.58 12.20
N VAL A 141 -61.33 17.99 13.30
CA VAL A 141 -62.69 18.10 13.74
C VAL A 141 -63.02 19.53 14.21
N LEU A 142 -62.06 20.18 14.85
CA LEU A 142 -62.25 21.58 15.28
C LEU A 142 -62.27 22.49 14.08
N ARG A 143 -61.47 22.17 13.08
CA ARG A 143 -61.54 22.90 11.83
C ARG A 143 -62.91 22.71 11.17
N ASP A 144 -63.44 21.50 11.23
CA ASP A 144 -64.76 21.22 10.66
C ASP A 144 -65.84 22.15 11.24
N VAL A 145 -65.89 22.24 12.57
CA VAL A 145 -66.92 23.06 13.22
C VAL A 145 -66.68 24.53 12.93
N SER A 146 -65.42 24.92 12.81
CA SER A 146 -65.11 26.31 12.45
C SER A 146 -65.63 26.67 11.06
N VAL A 147 -65.48 25.78 10.09
CA VAL A 147 -65.93 26.06 8.73
C VAL A 147 -67.44 25.86 8.54
N PHE A 148 -67.99 24.80 9.13
CA PHE A 148 -69.35 24.33 8.83
C PHE A 148 -70.33 24.47 10.00
N GLY A 149 -69.83 24.84 11.18
CA GLY A 149 -70.65 24.84 12.40
C GLY A 149 -71.86 25.75 12.35
N GLN A 150 -71.75 26.87 11.65
CA GLN A 150 -72.89 27.76 11.47
C GLN A 150 -73.95 27.05 10.65
N ARG A 151 -73.59 26.52 9.49
CA ARG A 151 -74.51 25.72 8.68
C ARG A 151 -75.12 24.55 9.46
N TRP A 152 -74.38 23.98 10.41
CA TRP A 152 -74.94 22.92 11.26
C TRP A 152 -75.94 23.41 12.28
N GLY A 153 -75.91 24.70 12.59
CA GLY A 153 -76.84 25.29 13.54
C GLY A 153 -76.25 25.71 14.86
N PHE A 154 -74.92 25.65 15.01
CA PHE A 154 -74.29 26.21 16.21
C PHE A 154 -74.38 27.75 16.16
N ASP A 155 -74.50 28.36 17.34
CA ASP A 155 -74.48 29.82 17.48
C ASP A 155 -73.07 30.39 17.41
N ALA A 156 -72.98 31.67 17.09
CA ALA A 156 -71.70 32.35 16.85
C ALA A 156 -70.75 32.25 18.03
N ALA A 157 -71.30 32.22 19.25
CA ALA A 157 -70.45 32.18 20.43
C ALA A 157 -69.75 30.82 20.52
N THR A 158 -70.51 29.75 20.28
CA THR A 158 -69.96 28.40 20.32
C THR A 158 -68.88 28.20 19.22
N ILE A 159 -69.12 28.76 18.04
CA ILE A 159 -68.20 28.64 16.91
C ILE A 159 -66.87 29.34 17.19
N ASN A 160 -66.95 30.59 17.65
CA ASN A 160 -65.75 31.35 17.99
C ASN A 160 -64.96 30.72 19.13
N SER A 161 -65.68 30.15 20.07
CA SER A 161 -65.06 29.46 21.17
C SER A 161 -64.29 28.20 20.67
N ARG A 162 -64.90 27.42 19.79
CA ARG A 162 -64.24 26.22 19.22
C ARG A 162 -63.07 26.63 18.31
N TYR A 163 -63.20 27.75 17.60
CA TYR A 163 -62.11 28.27 16.79
C TYR A 163 -60.89 28.67 17.66
N ASN A 164 -61.15 29.28 18.81
CA ASN A 164 -60.07 29.62 19.74
C ASN A 164 -59.40 28.36 20.30
N ASP A 165 -60.20 27.32 20.54
CA ASP A 165 -59.64 25.99 20.85
C ASP A 165 -58.69 25.51 19.74
N LEU A 166 -59.12 25.68 18.49
CA LEU A 166 -58.36 25.21 17.34
C LEU A 166 -56.99 25.89 17.28
N THR A 167 -56.97 27.21 17.33
CA THR A 167 -55.72 27.94 17.17
C THR A 167 -54.78 27.68 18.37
N ARG A 168 -55.34 27.53 19.57
CA ARG A 168 -54.54 27.26 20.75
C ARG A 168 -53.91 25.86 20.65
N LEU A 169 -54.71 24.88 20.24
CA LEU A 169 -54.27 23.48 20.20
C LEU A 169 -53.35 23.18 19.02
N ILE A 170 -53.47 23.92 17.93
CA ILE A 170 -52.45 23.87 16.88
C ILE A 170 -51.09 24.09 17.54
N GLY A 171 -51.02 25.09 18.40
CA GLY A 171 -49.80 25.43 19.12
C GLY A 171 -49.36 24.39 20.14
N ASN A 172 -50.28 23.96 21.02
CA ASN A 172 -49.97 23.03 22.12
C ASN A 172 -49.56 21.64 21.61
N TYR A 173 -50.28 21.13 20.63
CA TYR A 173 -49.96 19.83 20.08
C TYR A 173 -48.60 19.86 19.36
N THR A 174 -48.35 20.90 18.61
CA THR A 174 -47.08 21.09 17.94
C THR A 174 -45.92 21.10 18.93
N ASP A 175 -46.01 21.93 19.96
CA ASP A 175 -44.91 22.07 20.95
C ASP A 175 -44.68 20.79 21.73
N TYR A 176 -45.76 20.09 22.08
CA TYR A 176 -45.63 18.82 22.75
C TYR A 176 -44.90 17.81 21.84
N ALA A 177 -45.34 17.68 20.59
CA ALA A 177 -44.77 16.70 19.68
C ALA A 177 -43.27 16.99 19.44
N VAL A 178 -42.92 18.24 19.18
CA VAL A 178 -41.51 18.58 18.94
C VAL A 178 -40.63 18.38 20.17
N ARG A 179 -41.15 18.74 21.34
CA ARG A 179 -40.45 18.55 22.61
C ARG A 179 -40.06 17.09 22.83
N TRP A 180 -41.02 16.20 22.65
CA TRP A 180 -40.79 14.77 22.87
C TRP A 180 -40.02 14.12 21.75
N TYR A 181 -40.11 14.69 20.55
CA TYR A 181 -39.21 14.31 19.47
C TYR A 181 -37.76 14.61 19.89
N ASN A 182 -37.50 15.85 20.31
CA ASN A 182 -36.16 16.28 20.72
C ASN A 182 -35.61 15.43 21.88
N THR A 183 -36.45 15.16 22.87
CA THR A 183 -36.07 14.37 24.01
C THR A 183 -35.77 12.94 23.64
N GLY A 184 -36.67 12.32 22.86
CA GLY A 184 -36.46 10.97 22.36
C GLY A 184 -35.17 10.83 21.54
N LEU A 185 -34.96 11.77 20.62
CA LEU A 185 -33.79 11.74 19.74
C LEU A 185 -32.52 11.80 20.58
N GLU A 186 -32.48 12.74 21.51
CA GLU A 186 -31.32 12.94 22.36
C GLU A 186 -30.97 11.72 23.24
N ARG A 187 -31.98 11.02 23.75
CA ARG A 187 -31.75 9.82 24.54
C ARG A 187 -31.12 8.68 23.76
N VAL A 188 -31.27 8.69 22.43
CA VAL A 188 -30.74 7.63 21.59
C VAL A 188 -29.33 7.96 21.08
N TRP A 189 -28.86 9.17 21.32
CA TRP A 189 -27.50 9.54 20.92
C TRP A 189 -26.48 8.74 21.69
N GLY A 190 -25.41 8.36 21.02
CA GLY A 190 -24.27 7.70 21.67
C GLY A 190 -22.99 7.94 20.89
N PRO A 191 -21.85 7.52 21.45
CA PRO A 191 -20.55 7.88 20.87
C PRO A 191 -20.10 7.09 19.63
N ASP A 192 -20.64 5.90 19.42
CA ASP A 192 -20.15 5.02 18.37
C ASP A 192 -21.05 4.96 17.12
N SER A 193 -20.59 4.29 16.07
CA SER A 193 -21.34 4.24 14.83
C SER A 193 -22.66 3.50 14.98
N ARG A 194 -22.70 2.46 15.82
CA ARG A 194 -23.95 1.73 16.07
C ARG A 194 -24.96 2.66 16.71
N ASP A 195 -24.50 3.55 17.58
CA ASP A 195 -25.38 4.53 18.19
C ASP A 195 -25.86 5.50 17.13
N TRP A 196 -24.95 5.98 16.28
CA TRP A 196 -25.34 6.91 15.22
C TRP A 196 -26.40 6.33 14.30
N VAL A 197 -26.26 5.06 13.94
CA VAL A 197 -27.24 4.39 13.08
C VAL A 197 -28.64 4.40 13.71
N ARG A 198 -28.71 4.12 15.01
CA ARG A 198 -29.96 4.15 15.75
C ARG A 198 -30.50 5.58 15.88
N TYR A 199 -29.61 6.53 16.15
CA TYR A 199 -29.97 7.94 16.28
C TYR A 199 -30.58 8.49 14.98
N ASN A 200 -29.90 8.25 13.88
CA ASN A 200 -30.37 8.70 12.58
C ASN A 200 -31.64 7.96 12.16
N GLN A 201 -31.75 6.69 12.53
CA GLN A 201 -32.98 5.95 12.27
C GLN A 201 -34.16 6.58 12.99
N PHE A 202 -33.95 6.97 14.26
CA PHE A 202 -34.95 7.66 15.04
C PHE A 202 -35.35 8.97 14.36
N ARG A 203 -34.35 9.77 14.00
CA ARG A 203 -34.59 11.02 13.29
C ARG A 203 -35.44 10.80 12.02
N ARG A 204 -35.02 9.83 11.22
CA ARG A 204 -35.66 9.53 9.97
C ARG A 204 -37.10 9.08 10.16
N GLU A 205 -37.28 8.04 10.97
CA GLU A 205 -38.58 7.42 11.13
C GLU A 205 -39.57 8.36 11.80
N LEU A 206 -39.12 9.13 12.78
CA LEU A 206 -40.01 10.08 13.45
C LEU A 206 -40.20 11.38 12.69
N THR A 207 -39.30 11.71 11.76
CA THR A 207 -39.59 12.77 10.79
C THR A 207 -40.79 12.34 9.94
N LEU A 208 -40.77 11.09 9.48
CA LEU A 208 -41.83 10.58 8.60
C LEU A 208 -43.15 10.35 9.32
N THR A 209 -43.12 9.88 10.57
CA THR A 209 -44.34 9.55 11.31
C THR A 209 -44.84 10.66 12.27
N VAL A 210 -44.02 11.67 12.57
CA VAL A 210 -44.44 12.75 13.48
C VAL A 210 -44.25 14.15 12.91
N LEU A 211 -43.00 14.54 12.66
CA LEU A 211 -42.72 15.93 12.27
C LEU A 211 -43.37 16.35 10.96
N ASP A 212 -43.41 15.45 9.96
CA ASP A 212 -44.00 15.78 8.66
C ASP A 212 -45.47 16.12 8.81
N ILE A 213 -46.17 15.39 9.66
CA ILE A 213 -47.59 15.61 9.94
C ILE A 213 -47.77 16.91 10.77
N VAL A 214 -46.95 17.09 11.80
CA VAL A 214 -46.98 18.30 12.61
C VAL A 214 -46.75 19.58 11.81
N ALA A 215 -45.91 19.51 10.78
CA ALA A 215 -45.63 20.68 9.91
C ALA A 215 -46.86 21.15 9.13
N LEU A 216 -47.90 20.31 9.06
CA LEU A 216 -49.11 20.69 8.34
C LEU A 216 -50.22 21.19 9.28
N PHE A 217 -50.01 21.11 10.60
CA PHE A 217 -51.01 21.59 11.57
C PHE A 217 -51.48 23.05 11.37
N PRO A 218 -50.54 23.98 11.07
CA PRO A 218 -51.04 25.35 10.85
C PRO A 218 -52.10 25.46 9.75
N ASN A 219 -52.04 24.54 8.78
CA ASN A 219 -53.01 24.54 7.68
C ASN A 219 -54.45 24.37 8.17
N TYR A 220 -54.63 23.80 9.35
CA TYR A 220 -55.99 23.66 9.93
C TYR A 220 -56.66 24.97 10.36
N ASP A 221 -55.91 26.07 10.44
CA ASP A 221 -56.51 27.37 10.77
C ASP A 221 -57.32 27.91 9.56
N SER A 222 -58.61 27.65 9.60
CA SER A 222 -59.50 27.94 8.47
C SER A 222 -59.62 29.42 8.14
N ARG A 223 -59.43 30.31 9.10
CA ARG A 223 -59.46 31.75 8.77
C ARG A 223 -58.22 32.13 8.04
N ARG A 224 -57.12 31.45 8.38
CA ARG A 224 -55.86 31.70 7.73
C ARG A 224 -55.83 30.99 6.38
N TYR A 225 -56.44 29.80 6.28
CA TYR A 225 -56.44 29.02 5.04
C TYR A 225 -57.88 28.56 4.67
N PRO A 226 -58.74 29.51 4.23
CA PRO A 226 -60.17 29.23 3.97
C PRO A 226 -60.40 28.38 2.72
N ILE A 227 -59.44 28.37 1.81
CA ILE A 227 -59.46 27.46 0.66
C ILE A 227 -58.28 26.48 0.73
N ARG A 228 -58.18 25.61 -0.27
CA ARG A 228 -57.10 24.66 -0.39
C ARG A 228 -55.72 25.31 -0.28
N THR A 229 -54.85 24.68 0.50
CA THR A 229 -53.47 25.15 0.64
C THR A 229 -52.46 24.00 0.53
N VAL A 230 -51.38 24.24 -0.20
CA VAL A 230 -50.36 23.26 -0.51
C VAL A 230 -49.04 23.63 0.18
N SER A 231 -48.63 22.83 1.16
CA SER A 231 -47.33 22.98 1.79
C SER A 231 -46.24 22.24 1.00
N GLN A 232 -44.98 22.55 1.31
CA GLN A 232 -43.81 21.89 0.73
C GLN A 232 -42.82 21.53 1.85
N LEU A 233 -42.43 20.26 1.92
CA LEU A 233 -41.50 19.80 2.93
C LEU A 233 -40.11 19.76 2.35
N THR A 234 -39.23 20.62 2.86
CA THR A 234 -37.89 20.79 2.27
C THR A 234 -36.79 20.13 3.10
N ARG A 235 -37.13 19.62 4.29
CA ARG A 235 -36.15 18.95 5.14
C ARG A 235 -35.53 17.76 4.42
N GLU A 236 -34.30 17.43 4.81
CA GLU A 236 -33.59 16.29 4.26
C GLU A 236 -33.43 15.19 5.30
N ILE A 237 -33.60 13.94 4.88
CA ILE A 237 -33.32 12.79 5.74
C ILE A 237 -32.21 11.95 5.12
N TYR A 238 -31.61 11.04 5.88
CA TYR A 238 -30.35 10.45 5.46
C TYR A 238 -30.34 8.94 5.51
N THR A 239 -29.71 8.36 4.49
CA THR A 239 -29.28 6.98 4.56
C THR A 239 -27.76 6.90 4.35
N ASN A 240 -27.20 5.80 4.82
CA ASN A 240 -25.79 5.53 4.69
C ASN A 240 -25.57 4.01 4.65
N PRO A 241 -25.48 3.43 3.44
CA PRO A 241 -25.42 1.97 3.25
C PRO A 241 -24.23 1.31 3.97
N VAL A 242 -23.03 1.91 3.88
CA VAL A 242 -21.86 1.32 4.51
C VAL A 242 -22.09 1.20 6.01
N LEU A 243 -22.56 2.26 6.65
CA LEU A 243 -22.75 2.24 8.11
C LEU A 243 -23.95 1.39 8.54
N GLU A 244 -25.06 1.49 7.80
CA GLU A 244 -26.30 0.82 8.17
C GLU A 244 -26.30 -0.68 7.91
N ASN A 245 -25.47 -1.15 6.96
CA ASN A 245 -25.30 -2.58 6.72
C ASN A 245 -24.11 -3.21 7.48
N PHE A 246 -23.51 -2.45 8.40
CA PHE A 246 -22.34 -2.87 9.17
C PHE A 246 -22.80 -3.44 10.51
N ASP A 247 -22.39 -4.67 10.81
CA ASP A 247 -22.83 -5.34 12.04
C ASP A 247 -21.93 -5.00 13.22
N GLY A 248 -20.70 -4.54 12.95
CA GLY A 248 -19.82 -4.07 14.02
C GLY A 248 -20.12 -2.63 14.41
N SER A 249 -19.17 -1.98 15.08
CA SER A 249 -19.36 -0.60 15.49
C SER A 249 -18.02 0.15 15.59
N PHE A 250 -17.88 1.24 14.84
CA PHE A 250 -16.66 2.09 14.91
C PHE A 250 -16.73 2.96 16.15
N ARG A 251 -15.79 2.77 17.08
CA ARG A 251 -15.81 3.47 18.36
C ARG A 251 -15.53 4.94 18.19
N GLY A 252 -16.28 5.78 18.91
CA GLY A 252 -16.05 7.19 18.94
C GLY A 252 -16.32 7.94 17.64
N SER A 253 -16.93 7.30 16.65
CA SER A 253 -17.11 7.92 15.35
C SER A 253 -18.41 8.72 15.18
N ALA A 254 -19.35 8.61 16.13
CA ALA A 254 -20.69 9.18 15.96
C ALA A 254 -20.68 10.68 15.60
N GLN A 255 -19.90 11.45 16.32
CA GLN A 255 -19.78 12.88 16.10
C GLN A 255 -19.25 13.16 14.69
N GLY A 256 -18.22 12.45 14.28
CA GLY A 256 -17.67 12.61 12.93
C GLY A 256 -18.66 12.26 11.84
N ILE A 257 -19.48 11.24 12.05
CA ILE A 257 -20.48 10.82 11.07
C ILE A 257 -21.55 11.90 10.93
N GLU A 258 -22.00 12.41 12.07
CA GLU A 258 -23.02 13.43 12.09
C GLU A 258 -22.53 14.70 11.40
N ARG A 259 -21.24 15.00 11.53
CA ARG A 259 -20.68 16.20 10.90
C ARG A 259 -20.39 16.02 9.44
N SER A 260 -20.52 14.81 8.92
CA SER A 260 -20.33 14.62 7.48
C SER A 260 -21.60 15.05 6.72
N ILE A 261 -22.70 15.29 7.44
CA ILE A 261 -23.90 15.88 6.83
C ILE A 261 -23.63 17.37 6.58
N ARG A 262 -24.05 17.91 5.44
CA ARG A 262 -23.78 19.35 5.20
C ARG A 262 -24.72 20.24 6.02
N SER A 263 -24.28 21.46 6.25
CA SER A 263 -24.95 22.38 7.16
C SER A 263 -26.16 23.03 6.47
N PRO A 264 -26.98 23.74 7.25
CA PRO A 264 -28.17 24.33 6.66
C PRO A 264 -27.85 25.18 5.43
N HIS A 265 -28.71 25.13 4.43
CA HIS A 265 -28.42 25.72 3.13
C HIS A 265 -29.70 26.06 2.43
N LEU A 266 -29.63 26.95 1.47
CA LEU A 266 -30.74 27.15 0.53
C LEU A 266 -30.93 25.85 -0.27
N MET A 267 -32.18 25.51 -0.54
CA MET A 267 -32.47 24.29 -1.29
C MET A 267 -31.80 24.34 -2.64
N ASP A 268 -31.15 23.24 -3.02
CA ASP A 268 -30.60 23.11 -4.36
C ASP A 268 -31.14 21.86 -5.03
N ILE A 269 -30.80 21.70 -6.31
CA ILE A 269 -31.18 20.55 -7.10
C ILE A 269 -29.89 19.81 -7.50
N LEU A 270 -29.80 18.53 -7.16
CA LEU A 270 -28.65 17.71 -7.53
C LEU A 270 -28.66 17.42 -9.02
N ASN A 271 -27.62 17.85 -9.72
CA ASN A 271 -27.49 17.62 -11.18
C ASN A 271 -26.68 16.37 -11.52
N SER A 272 -25.53 16.25 -10.89
CA SER A 272 -24.65 15.14 -11.21
C SER A 272 -23.68 14.83 -10.08
N ILE A 273 -23.20 13.60 -10.10
CA ILE A 273 -22.21 13.14 -9.15
C ILE A 273 -21.12 12.44 -9.97
N THR A 274 -19.89 12.87 -9.76
CA THR A 274 -18.77 12.32 -10.50
C THR A 274 -17.97 11.51 -9.49
N ILE A 275 -17.90 10.20 -9.71
CA ILE A 275 -17.37 9.26 -8.71
C ILE A 275 -15.97 8.81 -9.11
N TYR A 276 -15.06 8.83 -8.15
CA TYR A 276 -13.70 8.38 -8.36
C TYR A 276 -13.50 7.01 -7.72
N THR A 277 -12.80 6.14 -8.45
CA THR A 277 -12.55 4.76 -8.02
C THR A 277 -11.10 4.56 -7.58
N ASP A 278 -10.93 3.95 -6.41
CA ASP A 278 -9.62 3.53 -5.93
C ASP A 278 -9.67 1.99 -5.82
N ALA A 279 -8.53 1.36 -5.55
CA ALA A 279 -8.44 -0.11 -5.50
C ALA A 279 -7.43 -0.59 -4.46
N HIS A 280 -7.70 -1.74 -3.86
CA HIS A 280 -6.78 -2.39 -2.94
C HIS A 280 -6.91 -3.88 -3.05
N ARG A 281 -5.82 -4.54 -3.42
CA ARG A 281 -5.76 -6.00 -3.60
C ARG A 281 -6.84 -6.53 -4.52
N GLY A 282 -7.08 -5.82 -5.61
CA GLY A 282 -8.06 -6.23 -6.60
C GLY A 282 -9.49 -5.83 -6.28
N TYR A 283 -9.71 -5.17 -5.13
CA TYR A 283 -11.05 -4.67 -4.77
C TYR A 283 -11.16 -3.20 -5.16
N TYR A 284 -12.03 -2.92 -6.12
CA TYR A 284 -12.31 -1.58 -6.61
C TYR A 284 -13.45 -0.94 -5.81
N TYR A 285 -13.30 0.33 -5.47
CA TYR A 285 -14.34 1.01 -4.70
C TYR A 285 -14.43 2.51 -4.92
N TRP A 286 -15.58 3.02 -4.51
CA TRP A 286 -15.91 4.43 -4.51
C TRP A 286 -15.07 5.14 -3.47
N SER A 287 -14.04 5.84 -3.91
CA SER A 287 -13.12 6.51 -2.97
C SER A 287 -13.47 7.95 -2.68
N GLY A 288 -14.11 8.61 -3.64
CA GLY A 288 -14.45 10.01 -3.47
C GLY A 288 -15.36 10.42 -4.60
N HIS A 289 -15.93 11.62 -4.50
CA HIS A 289 -16.81 12.13 -5.55
C HIS A 289 -16.98 13.62 -5.51
N GLN A 290 -17.53 14.14 -6.60
CA GLN A 290 -17.80 15.57 -6.70
C GLN A 290 -19.26 15.79 -7.04
N ILE A 291 -19.91 16.68 -6.29
CA ILE A 291 -21.30 17.03 -6.51
C ILE A 291 -21.42 18.30 -7.31
N MET A 292 -22.30 18.29 -8.31
CA MET A 292 -22.72 19.50 -9.00
C MET A 292 -24.23 19.69 -8.78
N ALA A 293 -24.63 20.92 -8.42
CA ALA A 293 -26.02 21.27 -8.13
C ALA A 293 -26.41 22.61 -8.73
N SER A 294 -27.72 22.86 -8.81
CA SER A 294 -28.27 24.13 -9.26
C SER A 294 -29.19 24.72 -8.19
N PRO A 295 -29.40 26.06 -8.23
CA PRO A 295 -30.44 26.68 -7.41
C PRO A 295 -31.85 26.24 -7.79
N VAL A 296 -32.81 26.45 -6.90
CA VAL A 296 -34.21 26.16 -7.23
C VAL A 296 -34.57 26.82 -8.56
N GLY A 297 -35.34 26.11 -9.37
CA GLY A 297 -35.79 26.61 -10.66
C GLY A 297 -34.70 26.74 -11.71
N PHE A 298 -33.53 26.17 -11.44
CA PHE A 298 -32.36 26.32 -12.33
C PHE A 298 -32.13 27.80 -12.64
N SER A 299 -32.19 28.61 -11.61
CA SER A 299 -32.31 30.05 -11.77
C SER A 299 -30.98 30.76 -11.62
N GLY A 300 -29.89 30.02 -11.80
CA GLY A 300 -28.55 30.56 -11.62
C GLY A 300 -27.59 29.52 -12.10
N PRO A 301 -26.30 29.87 -12.22
CA PRO A 301 -25.41 28.87 -12.78
C PRO A 301 -25.22 27.67 -11.85
N GLU A 302 -24.88 26.54 -12.45
CA GLU A 302 -24.55 25.32 -11.73
C GLU A 302 -23.30 25.58 -10.88
N PHE A 303 -23.30 25.08 -9.65
CA PHE A 303 -22.11 25.21 -8.79
C PHE A 303 -21.58 23.83 -8.37
N THR A 304 -20.30 23.80 -8.00
CA THR A 304 -19.61 22.56 -7.67
C THR A 304 -19.17 22.60 -6.22
N PHE A 305 -19.38 21.51 -5.49
CA PHE A 305 -18.96 21.44 -4.09
C PHE A 305 -17.51 20.99 -4.03
N PRO A 306 -16.83 21.27 -2.92
CA PRO A 306 -15.48 20.71 -2.72
C PRO A 306 -15.51 19.18 -2.72
N LEU A 307 -14.42 18.57 -3.16
CA LEU A 307 -14.29 17.13 -3.29
C LEU A 307 -14.68 16.40 -2.00
N TYR A 308 -15.50 15.36 -2.13
CA TYR A 308 -15.80 14.47 -1.02
C TYR A 308 -14.88 13.26 -1.15
N GLY A 309 -14.26 12.88 -0.03
CA GLY A 309 -13.36 11.73 0.00
C GLY A 309 -12.06 12.03 -0.74
N THR A 310 -11.49 11.01 -1.37
CA THR A 310 -10.19 11.12 -2.02
C THR A 310 -10.32 10.73 -3.48
N MET A 311 -9.57 11.41 -4.34
CA MET A 311 -9.64 11.23 -5.78
C MET A 311 -8.75 10.07 -6.24
N GLY A 312 -9.33 8.90 -6.39
CA GLY A 312 -8.60 7.72 -6.87
C GLY A 312 -8.56 7.66 -8.38
N ASN A 313 -7.57 6.94 -8.91
CA ASN A 313 -7.41 6.77 -10.34
C ASN A 313 -7.19 5.32 -10.74
N ALA A 314 -7.69 4.38 -9.93
CA ALA A 314 -7.63 2.95 -10.26
C ALA A 314 -8.54 2.60 -11.43
N ALA A 315 -9.48 3.48 -11.77
CA ALA A 315 -10.33 3.32 -12.94
C ALA A 315 -10.80 4.71 -13.35
N PRO A 316 -11.33 4.86 -14.57
CA PRO A 316 -11.73 6.22 -14.99
C PRO A 316 -12.89 6.77 -14.15
N GLN A 317 -12.91 8.08 -13.96
CA GLN A 317 -14.00 8.74 -13.26
C GLN A 317 -15.31 8.49 -13.98
N GLN A 318 -16.41 8.44 -13.24
CA GLN A 318 -17.72 8.23 -13.85
C GLN A 318 -18.70 9.33 -13.41
N ARG A 319 -19.22 10.05 -14.39
CA ARG A 319 -20.23 11.09 -14.18
C ARG A 319 -21.62 10.43 -14.21
N ILE A 320 -22.30 10.43 -13.06
CA ILE A 320 -23.70 9.99 -12.96
C ILE A 320 -24.57 11.26 -13.03
N VAL A 321 -25.43 11.35 -14.04
CA VAL A 321 -26.36 12.48 -14.14
C VAL A 321 -27.58 12.12 -13.27
N ALA A 322 -27.75 12.84 -12.18
CA ALA A 322 -28.85 12.64 -11.26
C ALA A 322 -30.15 13.22 -11.79
N GLN A 323 -30.08 14.38 -12.43
CA GLN A 323 -31.29 15.09 -12.82
C GLN A 323 -31.80 14.70 -14.21
N LEU A 324 -32.32 13.47 -14.29
CA LEU A 324 -33.13 13.02 -15.41
C LEU A 324 -34.52 12.68 -14.84
N GLY A 325 -35.56 12.91 -15.64
CA GLY A 325 -36.92 12.64 -15.22
C GLY A 325 -37.22 13.41 -13.95
N GLN A 326 -37.79 12.74 -12.95
CA GLN A 326 -38.04 13.37 -11.65
C GLN A 326 -36.85 13.29 -10.67
N GLY A 327 -35.66 12.97 -11.20
CA GLY A 327 -34.46 12.82 -10.36
C GLY A 327 -34.31 11.39 -9.86
N VAL A 328 -33.26 11.15 -9.08
CA VAL A 328 -32.98 9.82 -8.53
C VAL A 328 -33.92 9.57 -7.32
N TYR A 329 -34.73 8.52 -7.40
CA TYR A 329 -35.68 8.20 -6.30
C TYR A 329 -35.16 7.07 -5.41
N ARG A 330 -34.09 6.41 -5.83
CA ARG A 330 -33.65 5.19 -5.20
C ARG A 330 -32.21 4.88 -5.46
N THR A 331 -31.50 4.44 -4.43
CA THR A 331 -30.16 3.87 -4.58
C THR A 331 -30.14 2.40 -4.14
N LEU A 332 -29.51 1.56 -4.96
CA LEU A 332 -29.32 0.15 -4.65
C LEU A 332 -27.83 -0.13 -4.63
N SER A 333 -27.28 -0.23 -3.43
CA SER A 333 -25.84 -0.18 -3.19
C SER A 333 -25.26 -1.56 -2.86
N SER A 334 -24.01 -1.76 -3.25
CA SER A 334 -23.27 -2.92 -2.85
C SER A 334 -22.20 -2.47 -1.87
N THR A 335 -22.27 -2.98 -0.64
CA THR A 335 -21.27 -2.71 0.37
C THR A 335 -20.10 -3.70 0.32
N LEU A 336 -18.89 -3.21 0.62
CA LEU A 336 -17.70 -4.08 0.71
C LEU A 336 -17.02 -3.88 2.06
N TYR A 337 -16.99 -4.94 2.86
CA TYR A 337 -16.26 -4.93 4.12
C TYR A 337 -15.13 -5.93 3.90
N ARG A 338 -13.91 -5.47 4.10
CA ARG A 338 -12.78 -6.36 4.27
C ARG A 338 -12.31 -6.32 5.71
N ARG A 339 -12.27 -7.50 6.34
CA ARG A 339 -11.75 -7.64 7.71
C ARG A 339 -10.73 -8.79 7.77
N PRO A 340 -9.50 -8.54 7.30
CA PRO A 340 -8.48 -9.60 7.25
C PRO A 340 -8.05 -10.02 8.65
N PHE A 341 -7.55 -11.23 8.80
CA PHE A 341 -7.04 -11.71 10.10
C PHE A 341 -5.80 -10.93 10.51
N ASN A 342 -4.92 -10.67 9.54
CA ASN A 342 -3.73 -9.85 9.79
C ASN A 342 -3.71 -8.58 8.95
N ILE A 343 -3.90 -7.46 9.62
CA ILE A 343 -4.10 -6.20 8.94
C ILE A 343 -2.81 -5.39 8.89
N GLY A 344 -2.69 -4.57 7.84
CA GLY A 344 -1.58 -3.64 7.69
C GLY A 344 -1.76 -2.82 6.42
N ILE A 345 -0.82 -1.94 6.12
CA ILE A 345 -0.90 -1.06 4.95
C ILE A 345 -1.06 -1.86 3.67
N ASN A 346 -0.49 -3.06 3.63
CA ASN A 346 -0.64 -3.94 2.46
C ASN A 346 -1.87 -4.88 2.54
N ASN A 347 -2.57 -4.87 3.68
CA ASN A 347 -3.76 -5.72 3.83
C ASN A 347 -4.82 -5.02 4.69
N GLN A 348 -5.50 -4.06 4.09
CA GLN A 348 -6.32 -3.08 4.84
C GLN A 348 -7.73 -3.58 5.14
N GLN A 349 -8.25 -3.17 6.28
CA GLN A 349 -9.69 -3.19 6.51
C GLN A 349 -10.32 -2.13 5.60
N LEU A 350 -11.34 -2.56 4.85
CA LEU A 350 -12.12 -1.69 4.00
C LEU A 350 -13.58 -1.70 4.43
N SER A 351 -14.16 -0.50 4.54
CA SER A 351 -15.60 -0.35 4.68
C SER A 351 -16.03 0.69 3.67
N VAL A 352 -16.55 0.23 2.53
CA VAL A 352 -16.74 1.06 1.34
C VAL A 352 -17.90 0.55 0.47
N LEU A 353 -18.16 1.24 -0.62
CA LEU A 353 -19.12 0.78 -1.64
C LEU A 353 -18.35 0.37 -2.89
N ASP A 354 -18.61 -0.85 -3.38
CA ASP A 354 -18.03 -1.32 -4.63
C ASP A 354 -19.07 -1.27 -5.75
N GLY A 355 -20.22 -0.68 -5.46
CA GLY A 355 -21.23 -0.46 -6.49
C GLY A 355 -22.41 0.30 -5.97
N THR A 356 -23.11 0.98 -6.89
CA THR A 356 -24.42 1.53 -6.60
C THR A 356 -25.18 1.76 -7.89
N GLU A 357 -26.43 1.32 -7.91
CA GLU A 357 -27.36 1.68 -8.95
C GLU A 357 -28.17 2.88 -8.48
N PHE A 358 -28.29 3.86 -9.36
CA PHE A 358 -29.11 5.03 -9.16
C PHE A 358 -30.35 4.97 -10.07
N ALA A 359 -31.52 4.76 -9.50
CA ALA A 359 -32.76 4.61 -10.30
C ALA A 359 -33.56 5.91 -10.32
N TYR A 360 -34.18 6.20 -11.47
CA TYR A 360 -34.88 7.45 -11.73
C TYR A 360 -36.39 7.41 -11.54
N GLY A 361 -36.92 8.47 -10.95
CA GLY A 361 -38.34 8.70 -10.91
C GLY A 361 -38.76 9.13 -12.30
N THR A 362 -39.87 8.58 -12.78
CA THR A 362 -40.31 8.83 -14.13
C THR A 362 -41.71 8.28 -14.35
N SER A 363 -42.51 9.02 -15.11
CA SER A 363 -43.89 8.61 -15.42
C SER A 363 -43.96 7.56 -16.52
N SER A 364 -42.80 7.14 -17.04
CA SER A 364 -42.72 6.02 -17.96
C SER A 364 -41.56 5.14 -17.49
N ASN A 365 -40.43 5.15 -18.19
CA ASN A 365 -39.25 4.47 -17.70
C ASN A 365 -37.94 5.04 -18.26
N LEU A 366 -36.85 4.85 -17.50
CA LEU A 366 -35.52 5.39 -17.80
C LEU A 366 -34.52 4.41 -17.26
N PRO A 367 -33.57 3.95 -18.08
CA PRO A 367 -32.59 3.02 -17.50
C PRO A 367 -31.79 3.66 -16.39
N SER A 368 -31.51 2.90 -15.34
CA SER A 368 -30.74 3.37 -14.21
C SER A 368 -29.30 3.66 -14.60
N ALA A 369 -28.68 4.61 -13.90
CA ALA A 369 -27.24 4.81 -13.99
C ALA A 369 -26.63 3.84 -12.98
N VAL A 370 -25.55 3.17 -13.38
CA VAL A 370 -24.91 2.14 -12.54
C VAL A 370 -23.41 2.42 -12.40
N TYR A 371 -22.97 2.63 -11.17
CA TYR A 371 -21.54 2.67 -10.84
C TYR A 371 -21.09 1.23 -10.55
N ARG A 372 -20.40 0.62 -11.52
CA ARG A 372 -19.80 -0.73 -11.42
C ARG A 372 -20.82 -1.86 -11.33
N LYS A 373 -21.68 -1.85 -10.31
CA LYS A 373 -22.73 -2.84 -10.20
C LYS A 373 -23.84 -2.40 -9.24
N SER A 374 -24.97 -3.08 -9.32
CA SER A 374 -26.08 -2.89 -8.41
C SER A 374 -25.79 -3.66 -7.14
N GLY A 375 -26.60 -3.46 -6.12
CA GLY A 375 -26.44 -4.19 -4.87
C GLY A 375 -27.78 -4.25 -4.18
N THR A 376 -27.83 -4.87 -3.00
CA THR A 376 -29.10 -5.09 -2.35
C THR A 376 -29.31 -4.25 -1.11
N VAL A 377 -28.41 -3.31 -0.80
CA VAL A 377 -28.69 -2.35 0.26
C VAL A 377 -29.50 -1.23 -0.40
N ASP A 378 -30.82 -1.28 -0.16
CA ASP A 378 -31.83 -0.60 -0.94
C ASP A 378 -32.43 0.55 -0.14
N SER A 379 -32.27 1.77 -0.65
CA SER A 379 -32.82 2.96 0.00
C SER A 379 -34.33 2.87 0.18
N LEU A 380 -35.00 2.18 -0.74
CA LEU A 380 -36.45 2.03 -0.67
C LEU A 380 -36.93 1.39 0.63
N ASP A 381 -36.12 0.55 1.26
CA ASP A 381 -36.44 -0.04 2.56
C ASP A 381 -36.52 1.02 3.68
N GLU A 382 -35.79 2.13 3.54
CA GLU A 382 -35.79 3.17 4.56
C GLU A 382 -36.56 4.41 4.12
N ILE A 383 -36.70 4.59 2.83
CA ILE A 383 -37.30 5.78 2.21
C ILE A 383 -38.38 5.24 1.26
N PRO A 384 -39.47 4.71 1.83
CA PRO A 384 -40.43 3.98 1.01
C PRO A 384 -41.32 4.87 0.18
N PRO A 385 -42.06 4.27 -0.76
CA PRO A 385 -43.02 5.04 -1.56
C PRO A 385 -44.17 5.66 -0.74
N GLN A 386 -44.66 6.81 -1.21
CA GLN A 386 -45.86 7.41 -0.65
C GLN A 386 -47.12 6.77 -1.25
N ASN A 387 -47.00 6.19 -2.44
CA ASN A 387 -48.10 5.48 -3.08
C ASN A 387 -47.63 4.12 -3.61
N ASN A 388 -47.99 3.05 -2.91
CA ASN A 388 -47.51 1.72 -3.29
C ASN A 388 -48.45 1.00 -4.29
N ASN A 389 -49.42 1.70 -4.85
CA ASN A 389 -50.34 1.13 -5.85
C ASN A 389 -49.86 1.25 -7.29
N VAL A 390 -48.76 1.95 -7.48
CA VAL A 390 -48.10 2.09 -8.76
C VAL A 390 -46.66 1.66 -8.53
N PRO A 391 -45.89 1.44 -9.59
CA PRO A 391 -44.48 1.14 -9.37
C PRO A 391 -43.72 2.25 -8.59
N PRO A 392 -42.69 1.87 -7.80
CA PRO A 392 -41.93 2.79 -6.96
C PRO A 392 -41.38 4.00 -7.73
N ARG A 393 -41.02 3.81 -8.99
CA ARG A 393 -40.50 4.93 -9.78
C ARG A 393 -41.56 6.00 -10.09
N GLN A 394 -42.82 5.70 -9.87
CA GLN A 394 -43.90 6.68 -9.94
C GLN A 394 -44.46 7.07 -8.58
N GLY A 395 -44.44 6.16 -7.62
CA GLY A 395 -45.02 6.39 -6.31
C GLY A 395 -44.06 6.80 -5.20
N PHE A 396 -42.81 7.07 -5.58
CA PHE A 396 -41.76 7.46 -4.65
C PHE A 396 -42.16 8.66 -3.80
N SER A 397 -41.54 8.73 -2.61
CA SER A 397 -41.81 9.80 -1.66
C SER A 397 -40.71 10.84 -1.62
N HIS A 398 -39.50 10.48 -2.01
CA HIS A 398 -38.36 11.41 -1.93
C HIS A 398 -37.50 11.45 -3.17
N ARG A 399 -36.68 12.48 -3.24
CA ARG A 399 -35.67 12.64 -4.29
C ARG A 399 -34.29 12.83 -3.67
N LEU A 400 -33.28 12.23 -4.29
CA LEU A 400 -31.89 12.39 -3.84
C LEU A 400 -31.49 13.84 -4.03
N SER A 401 -31.12 14.52 -2.93
CA SER A 401 -30.77 15.93 -2.97
C SER A 401 -29.27 16.19 -2.87
N HIS A 402 -28.52 15.23 -2.35
CA HIS A 402 -27.09 15.40 -2.14
C HIS A 402 -26.46 14.06 -1.74
N VAL A 403 -25.15 13.96 -1.96
CA VAL A 403 -24.36 12.87 -1.42
C VAL A 403 -23.09 13.48 -0.83
N SER A 404 -22.92 13.34 0.48
CA SER A 404 -21.67 13.75 1.12
C SER A 404 -20.93 12.45 1.52
N MET A 405 -19.92 12.52 2.39
CA MET A 405 -19.19 11.29 2.77
C MET A 405 -18.59 11.28 4.14
N PHE A 406 -18.92 10.26 4.93
CA PHE A 406 -18.13 9.96 6.11
C PHE A 406 -16.90 9.18 5.65
N ARG A 407 -15.71 9.66 6.04
CA ARG A 407 -14.44 9.14 5.55
C ARG A 407 -13.42 9.03 6.70
N SER A 408 -12.54 8.05 6.59
CA SER A 408 -11.43 7.89 7.52
C SER A 408 -10.34 7.11 6.77
N GLY A 409 -9.08 7.54 6.92
CA GLY A 409 -7.94 6.82 6.37
C GLY A 409 -7.55 7.20 4.96
N PHE A 410 -6.28 6.96 4.63
CA PHE A 410 -5.75 7.18 3.29
C PHE A 410 -5.14 5.91 2.77
N SER A 411 -5.39 5.65 1.49
CA SER A 411 -5.02 4.38 0.88
C SER A 411 -3.52 4.10 0.89
N ASN A 412 -2.71 5.15 0.91
CA ASN A 412 -1.26 5.01 0.89
C ASN A 412 -0.61 4.72 2.24
N SER A 413 -1.28 5.08 3.33
CA SER A 413 -0.66 4.99 4.64
C SER A 413 -1.51 4.45 5.81
N SER A 414 -2.76 4.07 5.58
CA SER A 414 -3.64 3.64 6.70
C SER A 414 -3.89 2.15 6.68
N VAL A 415 -4.16 1.57 7.85
CA VAL A 415 -4.53 0.16 7.93
C VAL A 415 -6.05 -0.05 7.77
N SER A 416 -6.79 1.04 7.96
CA SER A 416 -8.24 0.98 7.89
C SER A 416 -8.78 2.11 7.02
N ILE A 417 -9.58 1.74 6.02
CA ILE A 417 -10.23 2.69 5.13
C ILE A 417 -11.74 2.63 5.30
N ILE A 418 -12.33 3.78 5.60
CA ILE A 418 -13.80 3.97 5.58
C ILE A 418 -14.12 5.02 4.53
N ARG A 419 -15.00 4.66 3.58
CA ARG A 419 -15.59 5.61 2.64
C ARG A 419 -17.08 5.31 2.61
N ALA A 420 -17.87 6.13 3.31
CA ALA A 420 -19.28 5.83 3.55
C ALA A 420 -20.16 6.98 3.04
N PRO A 421 -20.50 6.95 1.75
CA PRO A 421 -21.32 7.99 1.18
C PRO A 421 -22.63 8.17 1.93
N MET A 422 -22.92 9.43 2.25
CA MET A 422 -24.08 9.81 3.02
C MET A 422 -25.10 10.34 2.03
N PHE A 423 -26.19 9.60 1.85
CA PHE A 423 -27.21 9.96 0.88
C PHE A 423 -28.30 10.79 1.56
N SER A 424 -28.63 11.90 0.92
CA SER A 424 -29.51 12.89 1.46
C SER A 424 -30.80 12.96 0.61
N TRP A 425 -31.96 12.89 1.26
CA TRP A 425 -33.25 12.71 0.59
C TRP A 425 -34.21 13.80 0.95
N ILE A 426 -34.71 14.50 -0.05
CA ILE A 426 -35.67 15.59 0.14
C ILE A 426 -37.06 15.08 -0.27
N HIS A 427 -38.09 15.48 0.46
CA HIS A 427 -39.45 15.06 0.14
C HIS A 427 -39.84 15.58 -1.21
N ARG A 428 -40.57 14.80 -2.00
CA ARG A 428 -40.87 15.22 -3.39
C ARG A 428 -41.79 16.44 -3.51
N SER A 429 -42.52 16.77 -2.45
CA SER A 429 -43.28 18.02 -2.40
C SER A 429 -42.39 19.26 -2.53
N ALA A 430 -41.10 19.12 -2.29
CA ALA A 430 -40.13 20.17 -2.58
C ALA A 430 -39.89 20.28 -4.10
N GLU A 431 -40.76 21.00 -4.79
CA GLU A 431 -40.76 21.02 -6.26
C GLU A 431 -39.51 21.69 -6.79
N PHE A 432 -39.09 21.28 -7.98
CA PHE A 432 -37.92 21.84 -8.64
C PHE A 432 -38.07 23.34 -8.82
N ASN A 433 -39.29 23.77 -9.13
CA ASN A 433 -39.60 25.19 -9.34
C ASN A 433 -40.57 25.65 -8.27
N ASN A 434 -40.65 26.96 -8.09
CA ASN A 434 -41.66 27.56 -7.24
C ASN A 434 -42.79 28.02 -8.16
N ILE A 435 -43.86 27.25 -8.19
CA ILE A 435 -44.95 27.42 -9.14
C ILE A 435 -46.17 27.87 -8.36
N ILE A 436 -46.74 29.01 -8.75
CA ILE A 436 -47.87 29.57 -8.03
C ILE A 436 -49.18 29.08 -8.65
N ALA A 437 -49.93 28.30 -7.89
CA ALA A 437 -51.23 27.80 -8.36
C ALA A 437 -52.21 28.97 -8.49
N SER A 438 -53.26 28.79 -9.28
CA SER A 438 -54.31 29.81 -9.41
C SER A 438 -55.54 29.54 -8.57
N ASP A 439 -55.70 28.32 -8.08
CA ASP A 439 -56.90 27.92 -7.33
C ASP A 439 -56.63 27.44 -5.89
N SER A 440 -55.45 27.71 -5.36
CA SER A 440 -55.13 27.34 -3.99
C SER A 440 -54.10 28.29 -3.40
N ILE A 441 -53.95 28.25 -2.08
CA ILE A 441 -52.92 29.05 -1.38
C ILE A 441 -51.57 28.32 -1.44
N THR A 442 -50.69 28.79 -2.32
CA THR A 442 -49.37 28.22 -2.52
C THR A 442 -48.35 28.70 -1.47
N GLN A 443 -47.80 27.74 -0.72
CA GLN A 443 -46.76 28.01 0.27
C GLN A 443 -45.39 27.75 -0.35
N ILE A 444 -44.50 28.75 -0.28
CA ILE A 444 -43.15 28.64 -0.78
C ILE A 444 -42.19 28.97 0.37
N PRO A 445 -41.57 27.95 0.98
CA PRO A 445 -40.57 28.21 2.03
C PRO A 445 -39.46 29.15 1.57
N ALA A 446 -39.03 30.03 2.45
CA ALA A 446 -38.00 30.99 2.12
C ALA A 446 -36.66 30.31 1.74
N VAL A 447 -36.38 29.11 2.29
CA VAL A 447 -35.17 28.35 1.89
C VAL A 447 -35.22 27.88 0.41
N LYS A 448 -36.39 27.99 -0.24
CA LYS A 448 -36.47 27.78 -1.70
C LYS A 448 -36.06 29.02 -2.51
N GLY A 449 -35.49 30.02 -1.85
CA GLY A 449 -34.99 31.22 -2.55
C GLY A 449 -33.65 30.88 -3.17
N ASN A 450 -33.13 31.79 -3.98
CA ASN A 450 -31.83 31.61 -4.64
C ASN A 450 -30.81 32.72 -4.38
N PHE A 451 -31.14 33.69 -3.52
CA PHE A 451 -30.22 34.79 -3.19
C PHE A 451 -30.48 35.30 -1.78
N LEU A 452 -29.45 35.24 -0.95
CA LEU A 452 -29.53 35.59 0.46
C LEU A 452 -28.36 36.54 0.79
N PHE A 453 -28.66 37.76 1.24
CA PHE A 453 -27.66 38.77 1.51
C PHE A 453 -27.81 39.24 2.96
N ASN A 454 -26.68 39.30 3.67
CA ASN A 454 -26.65 39.62 5.10
C ASN A 454 -27.68 38.82 5.87
N GLY A 455 -27.55 37.51 5.78
CA GLY A 455 -28.43 36.59 6.50
C GLY A 455 -27.89 35.18 6.39
N SER A 456 -28.55 34.22 7.01
CA SER A 456 -28.13 32.84 6.87
C SER A 456 -29.31 31.87 6.97
N VAL A 457 -29.09 30.65 6.51
CA VAL A 457 -30.08 29.59 6.65
C VAL A 457 -29.80 28.93 7.97
N ILE A 458 -30.81 28.79 8.81
CA ILE A 458 -30.68 28.15 10.12
C ILE A 458 -31.58 26.92 10.23
N SER A 459 -31.21 26.00 11.09
CA SER A 459 -32.01 24.81 11.39
C SER A 459 -33.41 25.18 11.87
N GLY A 460 -34.43 24.56 11.28
CA GLY A 460 -35.80 24.72 11.73
C GLY A 460 -36.00 24.12 13.11
N PRO A 461 -37.01 24.58 13.84
CA PRO A 461 -37.26 24.07 15.19
C PRO A 461 -37.87 22.68 15.20
N GLY A 462 -38.28 22.19 14.03
CA GLY A 462 -38.81 20.82 13.90
C GLY A 462 -40.27 20.75 13.44
N PHE A 463 -40.95 21.89 13.40
CA PHE A 463 -42.38 21.91 13.07
C PHE A 463 -42.72 22.68 11.79
N THR A 464 -41.72 23.14 11.04
CA THR A 464 -41.96 23.92 9.84
C THR A 464 -41.75 23.12 8.58
N GLY A 465 -41.32 21.86 8.69
CA GLY A 465 -41.11 21.00 7.52
C GLY A 465 -39.78 21.19 6.83
N GLY A 466 -38.91 21.99 7.42
CA GLY A 466 -37.63 22.32 6.82
C GLY A 466 -36.89 23.40 7.59
N ASP A 467 -35.90 24.00 6.94
CA ASP A 467 -35.09 25.04 7.57
C ASP A 467 -35.66 26.45 7.30
N LEU A 468 -35.01 27.46 7.88
CA LEU A 468 -35.54 28.82 7.91
C LEU A 468 -34.48 29.82 7.46
N VAL A 469 -34.93 31.02 7.11
CA VAL A 469 -34.03 32.07 6.71
C VAL A 469 -33.99 33.12 7.82
N ARG A 470 -32.78 33.46 8.25
CA ARG A 470 -32.58 34.56 9.18
C ARG A 470 -31.97 35.74 8.44
N LEU A 471 -32.66 36.88 8.48
CA LEU A 471 -32.12 38.15 7.98
C LEU A 471 -31.52 38.95 9.15
N ASN A 472 -30.24 39.29 9.04
CA ASN A 472 -29.55 40.07 10.06
C ASN A 472 -29.99 41.53 10.03
N SER A 473 -29.64 42.25 11.08
CA SER A 473 -29.80 43.71 11.13
C SER A 473 -28.75 44.38 10.23
N SER A 474 -29.05 45.59 9.80
CA SER A 474 -28.15 46.33 8.90
C SER A 474 -26.92 46.96 9.58
N GLY A 475 -26.95 47.11 10.90
CA GLY A 475 -25.94 47.89 11.61
C GLY A 475 -26.06 49.36 11.19
N ASN A 476 -27.31 49.80 11.01
CA ASN A 476 -27.64 51.14 10.56
C ASN A 476 -26.92 51.55 9.26
N ASN A 477 -26.76 50.60 8.35
CA ASN A 477 -26.23 50.87 7.01
C ASN A 477 -27.23 50.42 5.95
N ILE A 478 -27.77 51.37 5.19
CA ILE A 478 -28.85 51.12 4.21
C ILE A 478 -28.42 50.18 3.07
N GLN A 479 -27.12 50.10 2.81
CA GLN A 479 -26.58 49.20 1.78
C GLN A 479 -26.35 47.78 2.32
N ASN A 480 -26.52 47.57 3.62
CA ASN A 480 -26.27 46.27 4.26
C ASN A 480 -27.55 45.62 4.82
N ARG A 481 -28.67 45.87 4.15
CA ARG A 481 -29.95 45.36 4.61
C ARG A 481 -30.14 43.89 4.24
N GLY A 482 -30.44 43.08 5.26
CA GLY A 482 -30.76 41.67 5.06
C GLY A 482 -31.83 41.46 4.00
N TYR A 483 -31.56 40.59 3.04
CA TYR A 483 -32.47 40.34 1.92
C TYR A 483 -32.48 38.85 1.52
N ILE A 484 -33.70 38.31 1.33
CA ILE A 484 -33.92 37.00 0.70
C ILE A 484 -34.80 37.18 -0.53
N GLU A 485 -34.36 36.62 -1.65
CA GLU A 485 -35.08 36.69 -2.91
C GLU A 485 -35.42 35.29 -3.42
N VAL A 486 -36.64 35.13 -3.94
CA VAL A 486 -37.19 33.86 -4.32
C VAL A 486 -37.72 33.92 -5.77
N PRO A 487 -37.18 33.05 -6.66
CA PRO A 487 -37.69 32.99 -8.04
C PRO A 487 -39.01 32.24 -8.07
N ILE A 488 -39.99 32.77 -8.81
CA ILE A 488 -41.34 32.21 -8.86
C ILE A 488 -41.88 32.20 -10.30
N HIS A 489 -42.78 31.28 -10.58
CA HIS A 489 -43.36 31.13 -11.90
C HIS A 489 -44.85 31.08 -11.79
N PHE A 490 -45.51 31.89 -12.61
CA PHE A 490 -46.97 32.00 -12.62
C PHE A 490 -47.54 31.40 -13.89
N PRO A 491 -48.12 30.19 -13.81
CA PRO A 491 -48.76 29.66 -15.02
C PRO A 491 -50.01 30.46 -15.46
N SER A 492 -50.66 31.16 -14.53
CA SER A 492 -51.78 32.05 -14.87
C SER A 492 -51.41 33.52 -14.71
N THR A 493 -51.44 34.27 -15.81
CA THR A 493 -51.04 35.67 -15.80
C THR A 493 -52.15 36.65 -15.44
N SER A 494 -53.37 36.16 -15.25
CA SER A 494 -54.50 37.02 -14.93
C SER A 494 -54.99 36.91 -13.48
N THR A 495 -54.65 35.83 -12.79
CA THR A 495 -55.06 35.69 -11.38
C THR A 495 -54.41 36.78 -10.52
N ARG A 496 -55.17 37.34 -9.60
CA ARG A 496 -54.65 38.35 -8.68
C ARG A 496 -54.28 37.69 -7.35
N TYR A 497 -53.13 38.07 -6.79
CA TYR A 497 -52.62 37.46 -5.57
C TYR A 497 -52.25 38.47 -4.50
N ARG A 498 -52.71 38.20 -3.30
CA ARG A 498 -52.17 38.82 -2.11
C ARG A 498 -50.97 37.98 -1.66
N VAL A 499 -49.89 38.64 -1.24
CA VAL A 499 -48.71 37.96 -0.74
C VAL A 499 -48.62 38.07 0.78
N ARG A 500 -48.64 36.90 1.43
CA ARG A 500 -48.56 36.80 2.87
C ARG A 500 -47.22 36.16 3.27
N VAL A 501 -46.62 36.66 4.34
CA VAL A 501 -45.34 36.14 4.80
C VAL A 501 -45.49 35.64 6.22
N ARG A 502 -44.96 34.45 6.48
CA ARG A 502 -44.93 33.87 7.82
C ARG A 502 -43.53 34.11 8.41
N TYR A 503 -43.48 34.68 9.61
CA TYR A 503 -42.22 35.20 10.19
C TYR A 503 -42.16 35.08 11.71
N ALA A 504 -40.96 35.28 12.26
CA ALA A 504 -40.77 35.37 13.72
C ALA A 504 -39.87 36.55 14.08
N SER A 505 -40.27 37.31 15.10
CA SER A 505 -39.52 38.51 15.52
C SER A 505 -39.69 38.80 17.01
N VAL A 506 -38.60 39.20 17.67
CA VAL A 506 -38.64 39.54 19.11
C VAL A 506 -39.07 40.98 19.34
N THR A 507 -38.87 41.85 18.35
CA THR A 507 -39.27 43.26 18.45
C THR A 507 -40.06 43.68 17.22
N PRO A 508 -40.88 44.73 17.35
CA PRO A 508 -41.49 45.31 16.16
C PRO A 508 -40.40 45.66 15.17
N ILE A 509 -40.63 45.36 13.89
CA ILE A 509 -39.57 45.48 12.91
C ILE A 509 -40.16 45.91 11.58
N HIS A 510 -39.45 46.78 10.88
CA HIS A 510 -39.86 47.28 9.56
C HIS A 510 -39.34 46.35 8.47
N LEU A 511 -40.29 45.74 7.75
CA LEU A 511 -39.97 44.83 6.65
C LEU A 511 -40.57 45.34 5.35
N ASN A 512 -39.80 45.20 4.27
CA ASN A 512 -40.27 45.50 2.92
C ASN A 512 -40.38 44.23 2.08
N VAL A 513 -41.56 43.96 1.53
CA VAL A 513 -41.75 42.88 0.57
C VAL A 513 -41.76 43.45 -0.85
N ASN A 514 -40.88 42.96 -1.71
CA ASN A 514 -40.93 43.30 -3.13
C ASN A 514 -41.50 42.15 -3.98
N TRP A 515 -42.23 42.52 -5.02
CA TRP A 515 -42.67 41.61 -6.08
C TRP A 515 -42.12 42.24 -7.33
N GLY A 516 -41.13 41.59 -7.94
CA GLY A 516 -40.31 42.21 -8.97
C GLY A 516 -39.57 43.38 -8.36
N ASN A 517 -39.56 44.51 -9.06
CA ASN A 517 -39.00 45.77 -8.52
C ASN A 517 -39.97 46.60 -7.69
N SER A 518 -41.23 46.17 -7.61
CA SER A 518 -42.26 46.95 -6.90
C SER A 518 -42.38 46.52 -5.44
N SER A 519 -42.36 47.50 -4.54
CA SER A 519 -42.62 47.25 -3.14
C SER A 519 -44.13 47.17 -2.91
N ILE A 520 -44.62 46.05 -2.37
CA ILE A 520 -46.06 45.83 -2.18
C ILE A 520 -46.43 45.84 -0.71
N PHE A 521 -45.43 46.00 0.15
CA PHE A 521 -45.62 46.12 1.57
C PHE A 521 -44.34 46.73 2.14
N SER A 522 -44.50 47.74 2.98
CA SER A 522 -43.38 48.38 3.66
C SER A 522 -43.92 48.98 4.93
N ASN A 523 -43.75 48.26 6.03
CA ASN A 523 -44.31 48.71 7.29
C ASN A 523 -43.69 47.94 8.46
N THR A 524 -43.94 48.43 9.66
CA THR A 524 -43.54 47.75 10.87
C THR A 524 -44.52 46.62 11.13
N VAL A 525 -44.01 45.46 11.46
CA VAL A 525 -44.83 44.31 11.82
C VAL A 525 -44.59 43.99 13.29
N PRO A 526 -45.57 43.40 13.96
CA PRO A 526 -45.44 43.22 15.40
C PRO A 526 -44.40 42.17 15.80
N ALA A 527 -43.93 42.26 17.04
CA ALA A 527 -43.12 41.21 17.64
C ALA A 527 -44.02 40.00 17.85
N THR A 528 -43.46 38.80 17.73
CA THR A 528 -44.24 37.55 17.82
C THR A 528 -43.64 36.56 18.80
N ALA A 529 -42.40 36.81 19.22
CA ALA A 529 -41.60 35.83 19.97
C ALA A 529 -40.81 36.49 21.07
N THR A 530 -40.47 35.73 22.10
CA THR A 530 -39.59 36.24 23.18
C THR A 530 -38.11 36.00 22.86
N SER A 531 -37.82 34.99 22.04
CA SER A 531 -36.45 34.65 21.63
C SER A 531 -36.43 33.99 20.24
N LEU A 532 -35.40 34.28 19.46
CA LEU A 532 -35.25 33.64 18.16
C LEU A 532 -34.48 32.31 18.27
N ASP A 533 -34.02 31.94 19.46
CA ASP A 533 -33.21 30.74 19.63
C ASP A 533 -33.98 29.50 20.07
N ASN A 534 -35.16 29.64 20.67
CA ASN A 534 -35.95 28.46 21.03
C ASN A 534 -37.39 28.58 20.61
N LEU A 535 -37.62 28.39 19.32
CA LEU A 535 -38.89 28.71 18.70
C LEU A 535 -39.96 27.71 19.11
N GLN A 536 -41.11 28.22 19.49
CA GLN A 536 -42.30 27.40 19.71
C GLN A 536 -43.32 27.81 18.63
N SER A 537 -44.41 27.07 18.56
CA SER A 537 -45.40 27.26 17.49
C SER A 537 -45.92 28.73 17.39
N SER A 538 -46.32 29.29 18.52
CA SER A 538 -46.93 30.60 18.53
C SER A 538 -45.94 31.71 18.25
N ASP A 539 -44.65 31.42 18.16
CA ASP A 539 -43.66 32.45 17.82
C ASP A 539 -43.69 32.88 16.37
N PHE A 540 -44.45 32.19 15.55
CA PHE A 540 -44.57 32.56 14.17
C PHE A 540 -45.88 33.31 13.98
N GLY A 541 -45.81 34.46 13.31
CA GLY A 541 -47.00 35.21 12.93
C GLY A 541 -46.98 35.45 11.44
N TYR A 542 -47.97 36.24 11.01
CA TYR A 542 -48.19 36.51 9.60
C TYR A 542 -48.40 38.00 9.39
N PHE A 543 -47.94 38.50 8.24
CA PHE A 543 -48.35 39.81 7.75
C PHE A 543 -48.54 39.68 6.26
N GLU A 544 -49.23 40.64 5.64
CA GLU A 544 -49.56 40.54 4.22
C GLU A 544 -49.73 41.86 3.52
N SER A 545 -49.51 41.86 2.22
CA SER A 545 -49.82 43.00 1.39
C SER A 545 -51.32 43.30 1.47
N ALA A 546 -51.65 44.58 1.55
CA ALA A 546 -53.04 45.01 1.67
C ALA A 546 -53.77 44.79 0.35
N ASN A 547 -53.04 44.96 -0.74
CA ASN A 547 -53.60 44.78 -2.06
C ASN A 547 -53.15 43.50 -2.76
N ALA A 548 -53.84 43.17 -3.86
CA ALA A 548 -53.55 41.98 -4.66
C ALA A 548 -53.08 42.39 -6.06
N PHE A 549 -52.15 41.61 -6.63
CA PHE A 549 -51.53 41.92 -7.92
C PHE A 549 -51.42 40.67 -8.80
N THR A 550 -51.04 40.88 -10.05
CA THR A 550 -50.84 39.79 -11.00
C THR A 550 -49.34 39.64 -11.31
N SER A 551 -49.02 38.55 -12.01
CA SER A 551 -47.66 38.25 -12.44
C SER A 551 -46.97 39.33 -13.28
N SER A 552 -47.72 40.35 -13.72
CA SER A 552 -47.10 41.46 -14.45
C SER A 552 -46.02 42.18 -13.62
N LEU A 553 -46.12 42.15 -12.30
CA LEU A 553 -45.08 42.73 -11.43
C LEU A 553 -43.74 42.02 -11.52
N GLY A 554 -43.75 40.75 -11.92
CA GLY A 554 -42.48 40.04 -12.16
C GLY A 554 -42.40 38.61 -11.65
N ASN A 555 -41.19 38.06 -11.77
CA ASN A 555 -40.93 36.67 -11.48
C ASN A 555 -40.04 36.44 -10.27
N ILE A 556 -39.94 37.44 -9.40
CA ILE A 556 -39.28 37.27 -8.11
C ILE A 556 -40.14 37.89 -7.04
N VAL A 557 -39.97 37.40 -5.81
CA VAL A 557 -40.57 37.97 -4.63
C VAL A 557 -39.45 38.00 -3.59
N GLY A 558 -39.48 38.98 -2.69
CA GLY A 558 -38.42 39.11 -1.69
C GLY A 558 -38.87 39.83 -0.43
N VAL A 559 -38.05 39.72 0.61
CA VAL A 559 -38.26 40.45 1.84
C VAL A 559 -36.93 41.02 2.28
N ARG A 560 -36.98 42.30 2.64
CA ARG A 560 -35.83 43.03 3.13
C ARG A 560 -36.07 43.49 4.58
N ASN A 561 -35.07 43.29 5.44
CA ASN A 561 -35.13 43.71 6.85
C ASN A 561 -34.55 45.13 6.97
N PHE A 562 -35.40 46.12 7.22
CA PHE A 562 -34.94 47.53 7.31
C PHE A 562 -34.30 47.88 8.65
N SER A 563 -34.49 47.03 9.66
CA SER A 563 -33.96 47.33 11.00
C SER A 563 -32.45 47.40 11.05
N GLY A 564 -31.92 48.38 11.76
CA GLY A 564 -30.49 48.54 11.94
C GLY A 564 -29.97 47.73 13.12
N THR A 565 -30.88 47.34 14.01
CA THR A 565 -30.48 46.67 15.27
C THR A 565 -31.07 45.26 15.48
N ALA A 566 -32.20 44.94 14.84
CA ALA A 566 -32.87 43.64 15.09
C ALA A 566 -32.84 42.69 13.88
N GLY A 567 -32.77 41.39 14.16
CA GLY A 567 -32.85 40.33 13.15
C GLY A 567 -34.27 39.82 13.00
N VAL A 568 -34.54 39.06 11.93
CA VAL A 568 -35.86 38.46 11.75
C VAL A 568 -35.75 37.12 11.05
N ILE A 569 -36.65 36.21 11.43
CA ILE A 569 -36.72 34.91 10.79
C ILE A 569 -37.91 34.88 9.81
N ILE A 570 -37.62 34.50 8.56
CA ILE A 570 -38.64 34.29 7.54
C ILE A 570 -38.83 32.78 7.33
N ASP A 571 -40.06 32.31 7.55
CA ASP A 571 -40.41 30.91 7.31
C ASP A 571 -40.75 30.72 5.85
N ARG A 572 -41.82 31.35 5.39
CA ARG A 572 -42.29 31.16 4.02
C ARG A 572 -43.15 32.29 3.47
N PHE A 573 -43.20 32.33 2.13
CA PHE A 573 -44.11 33.19 1.37
C PHE A 573 -45.34 32.39 1.05
N GLU A 574 -46.49 33.07 1.01
CA GLU A 574 -47.76 32.42 0.67
C GLU A 574 -48.51 33.29 -0.33
N PHE A 575 -48.89 32.71 -1.47
CA PHE A 575 -49.67 33.43 -2.47
C PHE A 575 -51.14 33.06 -2.33
N ILE A 576 -51.98 34.09 -2.15
CA ILE A 576 -53.42 33.92 -1.95
C ILE A 576 -54.17 34.49 -3.16
N PRO A 577 -54.76 33.61 -3.97
CA PRO A 577 -55.56 34.08 -5.10
C PRO A 577 -56.85 34.76 -4.63
N VAL A 578 -57.18 35.92 -5.17
CA VAL A 578 -58.38 36.65 -4.74
C VAL A 578 -59.58 36.29 -5.61
N THR A 579 -60.66 36.08 -5.06
N GLY B 2 38.75 12.85 -20.54
CA GLY B 2 38.40 11.58 -19.84
C GLY B 2 38.19 10.36 -20.75
N TYR B 3 39.08 10.15 -21.72
CA TYR B 3 39.06 8.92 -22.52
C TYR B 3 39.79 7.82 -21.77
N THR B 4 39.44 6.56 -22.04
CA THR B 4 40.12 5.43 -21.44
C THR B 4 40.52 4.44 -22.56
N PRO B 5 41.31 3.40 -22.22
CA PRO B 5 41.62 2.31 -23.15
C PRO B 5 40.42 1.60 -23.74
N ILE B 6 39.28 1.66 -23.05
CA ILE B 6 38.05 1.12 -23.59
C ILE B 6 37.56 1.91 -24.80
N ASP B 7 37.60 3.23 -24.71
CA ASP B 7 37.25 4.11 -25.85
C ASP B 7 38.18 3.85 -27.02
N ILE B 8 39.47 3.85 -26.74
CA ILE B 8 40.48 3.64 -27.77
C ILE B 8 40.26 2.27 -28.45
N SER B 9 40.03 1.24 -27.65
CA SER B 9 39.87 -0.13 -28.18
C SER B 9 38.62 -0.25 -29.02
N LEU B 10 37.52 0.37 -28.59
CA LEU B 10 36.29 0.33 -29.40
C LEU B 10 36.47 1.01 -30.77
N SER B 11 37.26 2.06 -30.80
CA SER B 11 37.57 2.76 -32.06
C SER B 11 38.46 1.90 -32.95
N LEU B 12 39.45 1.23 -32.36
CA LEU B 12 40.23 0.23 -33.12
C LEU B 12 39.35 -0.90 -33.72
N THR B 13 38.42 -1.41 -32.93
CA THR B 13 37.49 -2.43 -33.40
C THR B 13 36.63 -1.97 -34.57
N GLN B 14 36.10 -0.75 -34.47
CA GLN B 14 35.34 -0.16 -35.59
C GLN B 14 36.19 -0.17 -36.86
N PHE B 15 37.43 0.27 -36.73
CA PHE B 15 38.34 0.32 -37.86
C PHE B 15 38.63 -1.07 -38.43
N LEU B 16 38.96 -2.02 -37.56
CA LEU B 16 39.29 -3.38 -38.03
C LEU B 16 38.07 -4.07 -38.64
N LEU B 17 36.87 -3.75 -38.15
CA LEU B 17 35.66 -4.33 -38.71
C LEU B 17 35.34 -3.80 -40.12
N SER B 18 35.62 -2.53 -40.40
CA SER B 18 35.16 -1.94 -41.65
C SER B 18 36.26 -1.71 -42.69
N GLU B 19 37.54 -1.73 -42.30
CA GLU B 19 38.65 -1.42 -43.20
C GLU B 19 39.68 -2.56 -43.27
N PHE B 20 39.24 -3.81 -43.09
CA PHE B 20 40.20 -4.92 -43.03
C PHE B 20 40.64 -5.39 -44.43
N VAL B 21 41.60 -4.63 -44.98
CA VAL B 21 42.13 -4.85 -46.32
C VAL B 21 43.59 -4.35 -46.29
N PRO B 22 44.51 -5.05 -46.96
CA PRO B 22 45.90 -4.59 -46.94
C PRO B 22 46.10 -3.28 -47.68
N GLY B 23 47.08 -2.49 -47.25
CA GLY B 23 47.38 -1.24 -47.94
C GLY B 23 47.78 -0.16 -46.96
N ALA B 24 48.06 1.03 -47.48
CA ALA B 24 48.50 2.16 -46.65
C ALA B 24 47.42 2.58 -45.65
N GLY B 25 46.15 2.44 -46.03
CA GLY B 25 45.06 2.86 -45.19
C GLY B 25 45.06 2.14 -43.86
N PHE B 26 45.28 0.83 -43.91
CA PHE B 26 45.30 -0.01 -42.73
C PHE B 26 46.46 0.39 -41.82
N VAL B 27 47.66 0.50 -42.41
CA VAL B 27 48.87 0.88 -41.69
C VAL B 27 48.72 2.24 -41.01
N LEU B 28 48.10 3.19 -41.72
CA LEU B 28 47.93 4.55 -41.20
C LEU B 28 46.79 4.59 -40.15
N GLY B 29 45.77 3.77 -40.34
CA GLY B 29 44.74 3.60 -39.34
C GLY B 29 45.32 3.25 -37.98
N LEU B 30 46.23 2.28 -37.95
CA LEU B 30 46.82 1.83 -36.70
C LEU B 30 47.66 2.91 -36.02
N VAL B 31 48.37 3.74 -36.81
CA VAL B 31 49.07 4.89 -36.24
C VAL B 31 48.09 5.89 -35.69
N ASP B 32 47.07 6.20 -36.47
CA ASP B 32 46.10 7.18 -36.01
C ASP B 32 45.39 6.77 -34.70
N ILE B 33 44.99 5.50 -34.59
CA ILE B 33 44.16 5.08 -33.45
C ILE B 33 44.98 4.66 -32.23
N ILE B 34 46.15 4.05 -32.43
CA ILE B 34 46.92 3.47 -31.34
C ILE B 34 48.38 3.92 -31.23
N TRP B 35 49.11 3.85 -32.32
CA TRP B 35 50.57 3.91 -32.26
C TRP B 35 51.19 5.25 -32.53
N GLY B 36 50.38 6.28 -32.73
CA GLY B 36 50.88 7.60 -33.11
C GLY B 36 51.17 8.54 -31.96
N ILE B 37 50.97 8.07 -30.74
CA ILE B 37 51.18 8.86 -29.52
C ILE B 37 52.65 9.12 -29.17
N PHE B 38 52.87 10.10 -28.30
CA PHE B 38 54.20 10.43 -27.81
C PHE B 38 54.22 10.28 -26.31
N GLY B 39 55.25 9.62 -25.81
CA GLY B 39 55.41 9.48 -24.38
C GLY B 39 54.68 8.28 -23.80
N PRO B 40 54.74 8.10 -22.47
CA PRO B 40 54.22 6.91 -21.80
C PRO B 40 52.76 6.92 -21.35
N SER B 41 52.06 8.04 -21.48
CA SER B 41 50.72 8.21 -20.92
C SER B 41 49.69 7.15 -21.26
N GLN B 42 49.52 6.92 -22.56
CA GLN B 42 48.55 5.98 -23.06
C GLN B 42 48.84 4.61 -22.48
N TRP B 43 50.11 4.24 -22.49
CA TRP B 43 50.51 2.89 -22.07
C TRP B 43 50.30 2.69 -20.60
N ASP B 44 50.69 3.68 -19.81
CA ASP B 44 50.39 3.67 -18.40
C ASP B 44 48.89 3.46 -18.15
N ALA B 45 48.04 4.19 -18.88
CA ALA B 45 46.58 4.09 -18.77
C ALA B 45 46.06 2.68 -19.14
N PHE B 46 46.60 2.06 -20.18
CA PHE B 46 46.25 0.70 -20.51
C PHE B 46 46.53 -0.25 -19.34
N LEU B 47 47.68 -0.07 -18.67
CA LEU B 47 48.02 -0.92 -17.53
C LEU B 47 47.15 -0.62 -16.31
N VAL B 48 46.99 0.66 -15.97
CA VAL B 48 46.12 1.05 -14.85
C VAL B 48 44.70 0.46 -14.99
N GLN B 49 44.15 0.51 -16.20
CA GLN B 49 42.78 0.05 -16.44
C GLN B 49 42.56 -1.40 -15.98
N ILE B 50 43.55 -2.27 -16.13
CA ILE B 50 43.44 -3.63 -15.61
C ILE B 50 43.92 -3.73 -14.16
N GLU B 51 45.04 -3.08 -13.84
CA GLU B 51 45.59 -3.07 -12.48
C GLU B 51 44.58 -2.68 -11.43
N GLN B 52 43.83 -1.62 -11.68
CA GLN B 52 42.86 -1.14 -10.68
C GLN B 52 41.69 -2.12 -10.53
N LEU B 53 41.46 -2.95 -11.54
CA LEU B 53 40.31 -3.86 -11.53
C LEU B 53 40.64 -5.11 -10.74
N ILE B 54 41.83 -5.68 -10.98
CA ILE B 54 42.30 -6.82 -10.20
C ILE B 54 43.04 -6.42 -8.91
N ASN B 55 43.15 -5.12 -8.64
CA ASN B 55 43.75 -4.63 -7.40
C ASN B 55 45.20 -5.09 -7.23
N GLN B 56 45.99 -4.97 -8.28
CA GLN B 56 47.39 -5.36 -8.25
C GLN B 56 48.19 -4.59 -9.30
N ARG B 57 49.20 -3.87 -8.83
CA ARG B 57 50.09 -3.12 -9.70
C ARG B 57 51.23 -4.01 -10.20
N ILE B 58 51.66 -3.82 -11.44
CA ILE B 58 52.77 -4.58 -11.98
C ILE B 58 54.06 -4.17 -11.24
N GLU B 59 54.91 -5.14 -10.93
CA GLU B 59 56.22 -4.88 -10.32
C GLU B 59 56.92 -3.78 -11.11
N GLU B 60 57.47 -2.82 -10.38
CA GLU B 60 57.84 -1.53 -10.96
C GLU B 60 58.88 -1.58 -12.07
N PHE B 61 59.87 -2.46 -11.95
CA PHE B 61 60.87 -2.58 -13.01
C PHE B 61 60.24 -3.15 -14.29
N ALA B 62 59.52 -4.26 -14.16
CA ALA B 62 58.83 -4.87 -15.30
C ALA B 62 57.82 -3.89 -15.94
N ARG B 63 57.19 -3.08 -15.10
CA ARG B 63 56.19 -2.11 -15.56
C ARG B 63 56.84 -1.06 -16.44
N ASN B 64 57.94 -0.50 -15.94
CA ASN B 64 58.72 0.48 -16.69
C ASN B 64 59.31 -0.11 -17.94
N GLN B 65 59.80 -1.35 -17.86
CA GLN B 65 60.34 -2.04 -19.05
C GLN B 65 59.23 -2.14 -20.14
N ALA B 66 58.01 -2.50 -19.73
CA ALA B 66 56.91 -2.68 -20.70
C ALA B 66 56.52 -1.36 -21.32
N ILE B 67 56.33 -0.35 -20.48
CA ILE B 67 55.97 0.99 -21.00
C ILE B 67 57.05 1.48 -21.95
N SER B 68 58.29 1.44 -21.48
CA SER B 68 59.43 1.93 -22.23
C SER B 68 59.53 1.24 -23.60
N ARG B 69 59.32 -0.06 -23.63
CA ARG B 69 59.34 -0.79 -24.88
C ARG B 69 58.19 -0.37 -25.83
N LEU B 70 57.01 -0.11 -25.28
CA LEU B 70 55.86 0.30 -26.09
C LEU B 70 56.12 1.65 -26.74
N GLU B 71 56.79 2.54 -26.01
CA GLU B 71 57.22 3.82 -26.57
C GLU B 71 58.14 3.58 -27.75
N GLY B 72 59.10 2.67 -27.59
CA GLY B 72 60.03 2.34 -28.67
C GLY B 72 59.33 1.81 -29.90
N LEU B 73 58.38 0.90 -29.67
CA LEU B 73 57.61 0.31 -30.78
C LEU B 73 56.79 1.37 -31.50
N SER B 74 56.22 2.30 -30.73
CA SER B 74 55.46 3.42 -31.30
C SER B 74 56.29 4.27 -32.25
N ASN B 75 57.44 4.75 -31.75
CA ASN B 75 58.40 5.50 -32.56
C ASN B 75 58.77 4.76 -33.83
N LEU B 76 59.14 3.50 -33.67
CA LEU B 76 59.58 2.67 -34.78
C LEU B 76 58.43 2.45 -35.79
N TYR B 77 57.21 2.23 -35.32
CA TYR B 77 56.09 1.96 -36.24
C TYR B 77 55.64 3.23 -36.98
N GLN B 78 55.80 4.38 -36.33
CA GLN B 78 55.52 5.66 -36.98
C GLN B 78 56.40 5.85 -38.20
N ILE B 79 57.67 5.48 -38.07
CA ILE B 79 58.62 5.53 -39.19
C ILE B 79 58.21 4.51 -40.25
N TYR B 80 57.89 3.30 -39.82
CA TYR B 80 57.47 2.25 -40.75
C TYR B 80 56.25 2.72 -41.57
N ALA B 81 55.27 3.29 -40.88
CA ALA B 81 54.03 3.77 -41.50
C ALA B 81 54.29 4.86 -42.55
N GLU B 82 55.10 5.86 -42.19
CA GLU B 82 55.48 6.93 -43.13
C GLU B 82 56.24 6.36 -44.33
N SER B 83 57.14 5.41 -44.09
CA SER B 83 57.87 4.77 -45.18
C SER B 83 56.89 4.05 -46.09
N PHE B 84 55.96 3.27 -45.50
CA PHE B 84 54.96 2.52 -46.25
C PHE B 84 54.18 3.45 -47.17
N ARG B 85 53.72 4.56 -46.60
CA ARG B 85 52.91 5.53 -47.34
C ARG B 85 53.68 6.10 -48.53
N GLU B 86 54.94 6.48 -48.29
CA GLU B 86 55.80 7.00 -49.38
C GLU B 86 55.99 5.88 -50.43
N TRP B 87 56.27 4.66 -49.98
CA TRP B 87 56.45 3.53 -50.91
C TRP B 87 55.20 3.31 -51.75
N GLU B 88 54.01 3.33 -51.14
CA GLU B 88 52.79 3.07 -51.91
C GLU B 88 52.55 4.11 -52.98
N ALA B 89 52.95 5.35 -52.72
CA ALA B 89 52.83 6.44 -53.67
C ALA B 89 53.81 6.29 -54.87
N ASP B 90 54.87 5.52 -54.69
CA ASP B 90 55.92 5.37 -55.69
C ASP B 90 56.54 3.97 -55.59
N PRO B 91 55.75 2.91 -55.91
CA PRO B 91 56.08 1.52 -55.56
C PRO B 91 57.30 0.88 -56.24
N THR B 92 57.64 1.34 -57.45
CA THR B 92 58.76 0.75 -58.20
C THR B 92 60.11 1.37 -57.79
N ASN B 93 60.06 2.45 -57.01
CA ASN B 93 61.27 3.16 -56.52
C ASN B 93 62.16 2.28 -55.66
N PRO B 94 63.36 1.96 -56.14
CA PRO B 94 64.25 1.02 -55.41
C PRO B 94 64.77 1.54 -54.08
N ALA B 95 64.92 2.85 -53.92
CA ALA B 95 65.29 3.42 -52.63
C ALA B 95 64.16 3.15 -51.61
N LEU B 96 62.91 3.43 -52.00
CA LEU B 96 61.75 3.21 -51.13
C LEU B 96 61.49 1.72 -50.84
N ARG B 97 61.72 0.86 -51.85
CA ARG B 97 61.58 -0.58 -51.67
C ARG B 97 62.60 -1.13 -50.68
N GLU B 98 63.82 -0.63 -50.77
CA GLU B 98 64.89 -1.03 -49.84
C GLU B 98 64.56 -0.56 -48.42
N GLU B 99 64.10 0.68 -48.31
CA GLU B 99 63.73 1.22 -47.01
C GLU B 99 62.58 0.39 -46.38
N MET B 100 61.61 -0.08 -47.20
CA MET B 100 60.55 -0.97 -46.68
C MET B 100 61.10 -2.32 -46.17
N ARG B 101 62.07 -2.88 -46.88
CA ARG B 101 62.69 -4.15 -46.46
C ARG B 101 63.39 -3.97 -45.12
N ILE B 102 64.18 -2.90 -45.00
CA ILE B 102 64.88 -2.60 -43.75
C ILE B 102 63.85 -2.33 -42.63
N GLN B 103 62.86 -1.47 -42.91
CA GLN B 103 61.86 -1.09 -41.90
C GLN B 103 61.07 -2.31 -41.43
N PHE B 104 60.70 -3.19 -42.36
CA PHE B 104 59.99 -4.40 -41.96
C PHE B 104 60.82 -5.28 -41.04
N ASN B 105 62.09 -5.50 -41.39
CA ASN B 105 62.96 -6.34 -40.57
C ASN B 105 63.13 -5.76 -39.17
N ASP B 106 63.35 -4.45 -39.08
CA ASP B 106 63.48 -3.78 -37.79
C ASP B 106 62.20 -3.93 -36.95
N MET B 107 61.06 -3.71 -37.61
CA MET B 107 59.76 -3.77 -36.97
C MET B 107 59.50 -5.21 -36.53
N ASN B 108 59.77 -6.17 -37.41
CA ASN B 108 59.55 -7.57 -37.08
C ASN B 108 60.42 -8.05 -35.92
N SER B 109 61.69 -7.70 -36.00
CA SER B 109 62.64 -8.03 -34.96
C SER B 109 62.29 -7.36 -33.62
N ALA B 110 61.97 -6.07 -33.64
CA ALA B 110 61.62 -5.33 -32.41
C ALA B 110 60.36 -5.91 -31.72
N LEU B 111 59.39 -6.36 -32.51
CA LEU B 111 58.14 -6.89 -31.96
C LEU B 111 58.35 -8.29 -31.37
N THR B 112 59.09 -9.14 -32.08
CA THR B 112 59.48 -10.46 -31.56
C THR B 112 60.23 -10.35 -30.23
N THR B 113 61.10 -9.35 -30.11
CA THR B 113 61.84 -9.14 -28.85
C THR B 113 60.99 -8.53 -27.75
N ALA B 114 60.09 -7.60 -28.13
CA ALA B 114 59.28 -6.87 -27.14
C ALA B 114 58.20 -7.75 -26.50
N ILE B 115 57.63 -8.68 -27.25
CA ILE B 115 56.38 -9.32 -26.82
C ILE B 115 56.50 -10.09 -25.50
N PRO B 116 57.57 -10.88 -25.30
CA PRO B 116 57.75 -11.53 -24.00
C PRO B 116 57.78 -10.56 -22.83
N LEU B 117 58.18 -9.30 -23.05
CA LEU B 117 58.18 -8.30 -21.99
C LEU B 117 56.76 -7.84 -21.64
N PHE B 118 55.78 -8.20 -22.47
CA PHE B 118 54.38 -7.98 -22.16
C PHE B 118 53.71 -9.27 -21.66
N ALA B 119 54.51 -10.27 -21.35
CA ALA B 119 54.03 -11.56 -20.91
C ALA B 119 54.82 -11.99 -19.67
N VAL B 120 55.23 -11.01 -18.85
CA VAL B 120 56.11 -11.27 -17.71
C VAL B 120 55.37 -12.12 -16.66
N GLN B 121 56.07 -13.16 -16.20
CA GLN B 121 55.55 -14.13 -15.25
C GLN B 121 54.96 -13.45 -14.01
N ASN B 122 53.79 -13.93 -13.58
CA ASN B 122 53.00 -13.36 -12.48
C ASN B 122 52.28 -12.04 -12.78
N TYR B 123 52.47 -11.51 -13.98
CA TYR B 123 51.84 -10.24 -14.36
C TYR B 123 51.20 -10.31 -15.75
N GLN B 124 50.88 -11.53 -16.20
CA GLN B 124 50.29 -11.72 -17.54
C GLN B 124 48.95 -10.97 -17.68
N VAL B 125 48.13 -11.00 -16.63
CA VAL B 125 46.79 -10.41 -16.70
C VAL B 125 46.81 -8.87 -16.87
N PRO B 126 47.48 -8.13 -15.96
CA PRO B 126 47.51 -6.66 -16.14
C PRO B 126 48.25 -6.18 -17.38
N LEU B 127 49.09 -7.02 -17.95
CA LEU B 127 49.80 -6.72 -19.20
C LEU B 127 49.03 -7.18 -20.45
N LEU B 128 47.85 -7.74 -20.28
CA LEU B 128 47.20 -8.45 -21.37
C LEU B 128 46.73 -7.56 -22.53
N SER B 129 46.27 -6.34 -22.23
CA SER B 129 45.78 -5.47 -23.28
C SER B 129 46.94 -4.92 -24.11
N VAL B 130 48.08 -4.60 -23.47
CA VAL B 130 49.24 -4.15 -24.25
C VAL B 130 49.84 -5.31 -25.03
N TYR B 131 49.79 -6.51 -24.45
CA TYR B 131 50.21 -7.71 -25.18
C TYR B 131 49.40 -7.82 -26.45
N VAL B 132 48.08 -7.68 -26.33
CA VAL B 132 47.18 -7.84 -27.48
C VAL B 132 47.42 -6.73 -28.51
N GLN B 133 47.67 -5.52 -28.05
CA GLN B 133 48.01 -4.44 -28.97
C GLN B 133 49.28 -4.74 -29.77
N ALA B 134 50.32 -5.20 -29.09
CA ALA B 134 51.60 -5.59 -29.70
C ALA B 134 51.41 -6.76 -30.67
N ALA B 135 50.68 -7.77 -30.23
CA ALA B 135 50.38 -8.94 -31.06
C ALA B 135 49.67 -8.52 -32.36
N ASN B 136 48.65 -7.66 -32.21
CA ASN B 136 47.91 -7.14 -33.35
C ASN B 136 48.83 -6.44 -34.34
N LEU B 137 49.72 -5.58 -33.86
CA LEU B 137 50.66 -4.88 -34.74
C LEU B 137 51.60 -5.87 -35.42
N HIS B 138 52.04 -6.88 -34.68
CA HIS B 138 52.93 -7.90 -35.25
C HIS B 138 52.26 -8.64 -36.37
N LEU B 139 51.06 -9.14 -36.14
CA LEU B 139 50.34 -9.87 -37.19
C LEU B 139 50.08 -8.97 -38.41
N SER B 140 49.80 -7.71 -38.14
CA SER B 140 49.64 -6.71 -39.20
C SER B 140 50.88 -6.60 -40.11
N VAL B 141 52.03 -6.49 -39.48
CA VAL B 141 53.29 -6.28 -40.18
C VAL B 141 53.68 -7.56 -40.93
N LEU B 142 53.39 -8.72 -40.35
CA LEU B 142 53.65 -9.97 -41.03
C LEU B 142 52.70 -10.13 -42.22
N ARG B 143 51.48 -9.66 -42.08
CA ARG B 143 50.54 -9.66 -43.19
C ARG B 143 51.06 -8.72 -44.29
N ASP B 144 51.61 -7.57 -43.89
CA ASP B 144 52.17 -6.64 -44.86
C ASP B 144 53.22 -7.32 -45.75
N VAL B 145 54.20 -7.99 -45.13
CA VAL B 145 55.28 -8.62 -45.90
C VAL B 145 54.72 -9.77 -46.75
N SER B 146 53.72 -10.47 -46.25
CA SER B 146 53.09 -11.51 -47.04
C SER B 146 52.46 -10.97 -48.33
N VAL B 147 51.77 -9.83 -48.24
CA VAL B 147 51.09 -9.26 -49.38
C VAL B 147 52.04 -8.49 -50.32
N PHE B 148 52.94 -7.70 -49.74
CA PHE B 148 53.71 -6.71 -50.47
C PHE B 148 55.21 -7.04 -50.54
N GLY B 149 55.66 -8.07 -49.85
CA GLY B 149 57.08 -8.37 -49.71
C GLY B 149 57.78 -8.65 -51.02
N GLN B 150 57.07 -9.28 -51.95
CA GLN B 150 57.63 -9.52 -53.28
C GLN B 150 57.87 -8.19 -54.00
N ARG B 151 56.85 -7.34 -54.07
CA ARG B 151 57.02 -6.02 -54.62
C ARG B 151 58.14 -5.23 -53.93
N TRP B 152 58.36 -5.48 -52.62
CA TRP B 152 59.46 -4.80 -51.92
C TRP B 152 60.82 -5.31 -52.29
N GLY B 153 60.87 -6.52 -52.84
CA GLY B 153 62.13 -7.10 -53.27
C GLY B 153 62.62 -8.28 -52.46
N PHE B 154 61.82 -8.77 -51.52
CA PHE B 154 62.14 -10.02 -50.82
C PHE B 154 61.98 -11.20 -51.76
N ASP B 155 62.82 -12.23 -51.57
CA ASP B 155 62.72 -13.49 -52.32
C ASP B 155 61.60 -14.39 -51.81
N ALA B 156 61.14 -15.30 -52.66
CA ALA B 156 60.02 -16.18 -52.37
C ALA B 156 60.20 -16.99 -51.09
N ALA B 157 61.43 -17.39 -50.78
CA ALA B 157 61.69 -18.19 -49.59
C ALA B 157 61.43 -17.38 -48.31
N THR B 158 61.93 -16.14 -48.30
CA THR B 158 61.71 -15.24 -47.17
C THR B 158 60.21 -14.94 -46.96
N ILE B 159 59.48 -14.77 -48.06
CA ILE B 159 58.04 -14.44 -48.01
C ILE B 159 57.22 -15.61 -47.45
N ASN B 160 57.44 -16.80 -47.98
CA ASN B 160 56.76 -18.02 -47.49
C ASN B 160 57.09 -18.31 -46.02
N SER B 161 58.33 -18.05 -45.65
CA SER B 161 58.75 -18.20 -44.27
C SER B 161 58.02 -17.21 -43.31
N ARG B 162 57.94 -15.93 -43.71
CA ARG B 162 57.21 -14.94 -42.94
C ARG B 162 55.70 -15.26 -42.90
N TYR B 163 55.16 -15.79 -44.01
CA TYR B 163 53.74 -16.17 -44.05
C TYR B 163 53.45 -17.31 -43.05
N ASN B 164 54.36 -18.28 -42.97
CA ASN B 164 54.21 -19.36 -42.00
C ASN B 164 54.28 -18.82 -40.56
N ASP B 165 55.13 -17.81 -40.34
CA ASP B 165 55.15 -17.10 -39.06
C ASP B 165 53.76 -16.51 -38.76
N LEU B 166 53.17 -15.87 -39.78
CA LEU B 166 51.89 -15.21 -39.62
C LEU B 166 50.81 -16.19 -39.17
N THR B 167 50.67 -17.30 -39.89
CA THR B 167 49.58 -18.25 -39.59
C THR B 167 49.81 -18.93 -38.24
N ARG B 168 51.06 -19.20 -37.91
CA ARG B 168 51.38 -19.81 -36.61
C ARG B 168 51.04 -18.84 -35.46
N LEU B 169 51.46 -17.60 -35.61
CA LEU B 169 51.31 -16.60 -34.54
C LEU B 169 49.86 -16.12 -34.41
N ILE B 170 49.06 -16.14 -35.47
CA ILE B 170 47.60 -15.93 -35.36
C ILE B 170 47.06 -16.88 -34.30
N GLY B 171 47.51 -18.13 -34.36
CA GLY B 171 47.13 -19.13 -33.38
C GLY B 171 47.67 -18.88 -31.99
N ASN B 172 48.99 -18.68 -31.89
CA ASN B 172 49.65 -18.58 -30.58
C ASN B 172 49.20 -17.37 -29.80
N TYR B 173 49.08 -16.23 -30.48
CA TYR B 173 48.66 -15.00 -29.82
C TYR B 173 47.24 -15.12 -29.33
N THR B 174 46.39 -15.72 -30.17
CA THR B 174 45.02 -15.95 -29.81
C THR B 174 44.90 -16.80 -28.54
N ASP B 175 45.57 -17.95 -28.53
CA ASP B 175 45.46 -18.89 -27.40
C ASP B 175 46.03 -18.29 -26.11
N TYR B 176 47.11 -17.53 -26.21
CA TYR B 176 47.67 -16.85 -25.07
C TYR B 176 46.67 -15.84 -24.49
N ALA B 177 46.10 -14.99 -25.35
CA ALA B 177 45.14 -13.98 -24.90
C ALA B 177 43.93 -14.61 -24.20
N VAL B 178 43.33 -15.60 -24.83
CA VAL B 178 42.14 -16.23 -24.26
C VAL B 178 42.44 -16.94 -22.95
N ARG B 179 43.58 -17.63 -22.88
CA ARG B 179 44.00 -18.33 -21.65
C ARG B 179 44.10 -17.38 -20.45
N TRP B 180 44.75 -16.24 -20.66
CA TRP B 180 44.92 -15.29 -19.56
C TRP B 180 43.68 -14.50 -19.29
N TYR B 181 42.82 -14.36 -20.29
CA TYR B 181 41.50 -13.79 -20.06
C TYR B 181 40.73 -14.69 -19.10
N ASN B 182 40.67 -15.99 -19.41
CA ASN B 182 39.97 -16.97 -18.58
C ASN B 182 40.50 -16.98 -17.15
N THR B 183 41.83 -16.96 -17.02
CA THR B 183 42.47 -17.02 -15.73
C THR B 183 42.18 -15.75 -14.94
N GLY B 184 42.32 -14.60 -15.58
CA GLY B 184 42.01 -13.31 -14.94
C GLY B 184 40.56 -13.20 -14.50
N LEU B 185 39.65 -13.61 -15.38
CA LEU B 185 38.22 -13.57 -15.05
C LEU B 185 37.89 -14.42 -13.81
N GLU B 186 38.41 -15.65 -13.81
CA GLU B 186 38.16 -16.58 -12.70
C GLU B 186 38.69 -16.06 -11.35
N ARG B 187 39.84 -15.39 -11.35
CA ARG B 187 40.41 -14.86 -10.13
C ARG B 187 39.59 -13.80 -9.48
N VAL B 188 38.76 -13.14 -10.28
CA VAL B 188 37.93 -12.02 -9.79
C VAL B 188 36.55 -12.48 -9.34
N TRP B 189 36.23 -13.75 -9.57
CA TRP B 189 34.96 -14.28 -9.07
C TRP B 189 34.88 -14.31 -7.55
N GLY B 190 33.73 -13.97 -6.99
CA GLY B 190 33.48 -14.07 -5.54
C GLY B 190 32.01 -14.26 -5.24
N PRO B 191 31.65 -14.48 -3.95
CA PRO B 191 30.26 -14.93 -3.62
C PRO B 191 29.20 -13.84 -3.57
N ASP B 192 29.60 -12.60 -3.38
CA ASP B 192 28.66 -11.49 -3.14
C ASP B 192 28.44 -10.58 -4.35
N SER B 193 27.46 -9.67 -4.26
CA SER B 193 27.11 -8.82 -5.39
C SER B 193 28.25 -7.87 -5.76
N ARG B 194 29.02 -7.41 -4.78
CA ARG B 194 30.17 -6.56 -5.07
C ARG B 194 31.19 -7.33 -5.89
N ASP B 195 31.36 -8.62 -5.59
CA ASP B 195 32.27 -9.46 -6.37
C ASP B 195 31.73 -9.63 -7.77
N TRP B 196 30.43 -9.88 -7.89
CA TRP B 196 29.83 -10.04 -9.22
C TRP B 196 30.02 -8.81 -10.08
N VAL B 197 29.85 -7.62 -9.50
CA VAL B 197 30.03 -6.35 -10.23
C VAL B 197 31.45 -6.29 -10.79
N ARG B 198 32.44 -6.68 -9.99
CA ARG B 198 33.84 -6.67 -10.42
C ARG B 198 34.10 -7.73 -11.48
N TYR B 199 33.52 -8.91 -11.29
CA TYR B 199 33.65 -10.03 -12.23
C TYR B 199 33.08 -9.68 -13.62
N ASN B 200 31.88 -9.14 -13.63
CA ASN B 200 31.28 -8.75 -14.86
C ASN B 200 32.01 -7.56 -15.50
N GLN B 201 32.55 -6.67 -14.67
CA GLN B 201 33.28 -5.52 -15.16
C GLN B 201 34.51 -6.00 -15.88
N PHE B 202 35.18 -6.99 -15.29
CA PHE B 202 36.33 -7.62 -15.92
C PHE B 202 35.94 -8.24 -17.27
N ARG B 203 34.86 -9.01 -17.27
CA ARG B 203 34.37 -9.63 -18.52
C ARG B 203 34.09 -8.59 -19.61
N ARG B 204 33.38 -7.55 -19.21
CA ARG B 204 32.99 -6.48 -20.10
C ARG B 204 34.21 -5.72 -20.65
N GLU B 205 35.05 -5.26 -19.76
CA GLU B 205 36.17 -4.41 -20.16
C GLU B 205 37.20 -5.16 -20.98
N LEU B 206 37.45 -6.43 -20.60
CA LEU B 206 38.41 -7.23 -21.36
C LEU B 206 37.83 -7.88 -22.61
N THR B 207 36.50 -7.99 -22.70
CA THR B 207 35.88 -8.27 -23.99
C THR B 207 36.17 -7.13 -24.96
N LEU B 208 35.98 -5.90 -24.49
CA LEU B 208 36.17 -4.70 -25.34
C LEU B 208 37.63 -4.42 -25.66
N THR B 209 38.56 -4.66 -24.72
CA THR B 209 39.97 -4.35 -24.92
C THR B 209 40.84 -5.53 -25.39
N VAL B 210 40.35 -6.77 -25.29
CA VAL B 210 41.14 -7.95 -25.70
C VAL B 210 40.39 -8.87 -26.67
N LEU B 211 39.30 -9.47 -26.22
CA LEU B 211 38.63 -10.51 -27.02
C LEU B 211 38.10 -10.02 -28.36
N ASP B 212 37.56 -8.79 -28.39
CA ASP B 212 37.00 -8.25 -29.65
C ASP B 212 38.09 -8.10 -30.70
N ILE B 213 39.28 -7.69 -30.27
CA ILE B 213 40.42 -7.53 -31.17
C ILE B 213 40.91 -8.93 -31.60
N VAL B 214 41.03 -9.86 -30.64
CA VAL B 214 41.52 -11.19 -30.93
C VAL B 214 40.62 -11.90 -31.95
N ALA B 215 39.32 -11.62 -31.92
CA ALA B 215 38.37 -12.27 -32.83
C ALA B 215 38.59 -11.88 -34.29
N LEU B 216 39.39 -10.84 -34.53
CA LEU B 216 39.68 -10.40 -35.87
C LEU B 216 41.04 -10.90 -36.40
N PHE B 217 41.82 -11.54 -35.54
CA PHE B 217 43.14 -12.05 -35.95
C PHE B 217 43.12 -12.97 -37.16
N PRO B 218 42.15 -13.88 -37.26
CA PRO B 218 42.15 -14.73 -38.45
C PRO B 218 42.08 -13.95 -39.75
N ASN B 219 41.48 -12.77 -39.70
CA ASN B 219 41.40 -11.92 -40.90
C ASN B 219 42.77 -11.56 -41.48
N TYR B 220 43.83 -11.59 -40.65
CA TYR B 220 45.20 -11.29 -41.11
C TYR B 220 45.82 -12.33 -42.05
N ASP B 221 45.20 -13.50 -42.16
CA ASP B 221 45.61 -14.50 -43.14
C ASP B 221 45.22 -14.09 -44.56
N SER B 222 46.18 -13.46 -45.23
CA SER B 222 45.98 -12.88 -46.55
C SER B 222 45.67 -13.89 -47.65
N ARG B 223 46.13 -15.12 -47.52
CA ARG B 223 45.73 -16.14 -48.51
C ARG B 223 44.28 -16.54 -48.32
N ARG B 224 43.84 -16.52 -47.07
CA ARG B 224 42.46 -16.84 -46.76
C ARG B 224 41.56 -15.63 -47.06
N TYR B 225 42.06 -14.43 -46.82
CA TYR B 225 41.28 -13.20 -47.03
C TYR B 225 42.07 -12.17 -47.86
N PRO B 226 42.23 -12.43 -49.18
CA PRO B 226 43.08 -11.62 -50.05
C PRO B 226 42.46 -10.27 -50.38
N ILE B 227 41.14 -10.17 -50.28
CA ILE B 227 40.44 -8.89 -50.40
C ILE B 227 39.82 -8.52 -49.06
N ARG B 228 39.19 -7.35 -49.02
CA ARG B 228 38.50 -6.88 -47.85
C ARG B 228 37.51 -7.92 -47.30
N THR B 229 37.52 -8.07 -45.97
CA THR B 229 36.57 -8.93 -45.27
C THR B 229 35.98 -8.24 -44.03
N VAL B 230 34.68 -8.44 -43.84
CA VAL B 230 33.90 -7.84 -42.78
C VAL B 230 33.42 -8.91 -41.78
N SER B 231 33.96 -8.87 -40.57
CA SER B 231 33.49 -9.70 -39.47
C SER B 231 32.28 -9.08 -38.75
N GLN B 232 31.56 -9.90 -37.98
CA GLN B 232 30.43 -9.45 -37.15
C GLN B 232 30.62 -10.02 -35.73
N LEU B 233 30.59 -9.15 -34.73
CA LEU B 233 30.70 -9.54 -33.34
C LEU B 233 29.31 -9.69 -32.74
N THR B 234 28.93 -10.91 -32.40
CA THR B 234 27.57 -11.21 -31.92
C THR B 234 27.48 -11.44 -30.42
N ARG B 235 28.62 -11.48 -29.72
CA ARG B 235 28.63 -11.64 -28.28
C ARG B 235 27.85 -10.51 -27.59
N GLU B 236 27.30 -10.84 -26.42
CA GLU B 236 26.59 -9.87 -25.60
C GLU B 236 27.38 -9.51 -24.32
N ILE B 237 27.38 -8.24 -23.95
CA ILE B 237 27.98 -7.80 -22.69
C ILE B 237 26.90 -7.16 -21.81
N TYR B 238 27.17 -7.01 -20.52
CA TYR B 238 26.07 -6.73 -19.59
C TYR B 238 26.31 -5.50 -18.72
N THR B 239 25.25 -4.74 -18.52
CA THR B 239 25.18 -3.75 -17.45
C THR B 239 23.98 -4.03 -16.55
N ASN B 240 24.08 -3.54 -15.33
CA ASN B 240 23.04 -3.70 -14.33
C ASN B 240 23.07 -2.51 -13.36
N PRO B 241 22.24 -1.49 -13.61
CA PRO B 241 22.29 -0.24 -12.88
C PRO B 241 22.07 -0.43 -11.39
N VAL B 242 21.07 -1.23 -11.00
CA VAL B 242 20.79 -1.41 -9.55
C VAL B 242 22.01 -1.97 -8.82
N LEU B 243 22.63 -3.00 -9.37
CA LEU B 243 23.77 -3.63 -8.71
C LEU B 243 25.06 -2.81 -8.81
N GLU B 244 25.32 -2.24 -9.99
CA GLU B 244 26.55 -1.47 -10.22
C GLU B 244 26.59 -0.12 -9.53
N ASN B 245 25.42 0.50 -9.28
CA ASN B 245 25.35 1.78 -8.56
C ASN B 245 25.14 1.61 -7.05
N PHE B 246 25.19 0.37 -6.56
CA PHE B 246 24.95 0.05 -5.14
C PHE B 246 26.26 0.07 -4.36
N ASP B 247 26.32 0.86 -3.29
CA ASP B 247 27.53 1.04 -2.45
C ASP B 247 27.70 -0.14 -1.46
N GLY B 248 26.62 -0.83 -1.14
CA GLY B 248 26.69 -2.01 -0.27
C GLY B 248 26.98 -3.28 -1.05
N SER B 249 26.70 -4.44 -0.45
CA SER B 249 26.92 -5.73 -1.11
C SER B 249 25.96 -6.78 -0.59
N PHE B 250 25.15 -7.37 -1.48
CA PHE B 250 24.24 -8.46 -1.13
C PHE B 250 25.01 -9.76 -0.98
N ARG B 251 25.03 -10.31 0.23
CA ARG B 251 25.84 -11.52 0.51
C ARG B 251 25.30 -12.74 -0.20
N GLY B 252 26.21 -13.53 -0.76
CA GLY B 252 25.86 -14.81 -1.37
C GLY B 252 25.04 -14.73 -2.63
N SER B 253 24.89 -13.55 -3.22
CA SER B 253 24.01 -13.37 -4.37
C SER B 253 24.69 -13.58 -5.73
N ALA B 254 26.02 -13.66 -5.77
CA ALA B 254 26.76 -13.66 -7.05
C ALA B 254 26.28 -14.73 -8.04
N GLN B 255 26.13 -15.96 -7.55
CA GLN B 255 25.66 -17.10 -8.37
C GLN B 255 24.28 -16.83 -8.93
N GLY B 256 23.36 -16.37 -8.10
CA GLY B 256 22.02 -16.01 -8.56
C GLY B 256 21.98 -14.89 -9.62
N ILE B 257 22.87 -13.90 -9.47
CA ILE B 257 22.95 -12.79 -10.42
C ILE B 257 23.44 -13.32 -11.76
N GLU B 258 24.49 -14.14 -11.73
CA GLU B 258 25.10 -14.67 -12.94
C GLU B 258 24.09 -15.53 -13.70
N ARG B 259 23.20 -16.21 -12.97
CA ARG B 259 22.21 -17.06 -13.59
C ARG B 259 21.05 -16.29 -14.16
N SER B 260 20.96 -15.00 -13.85
CA SER B 260 19.88 -14.18 -14.40
C SER B 260 20.19 -13.75 -15.84
N ILE B 261 21.42 -13.96 -16.29
CA ILE B 261 21.75 -13.82 -17.70
C ILE B 261 21.20 -15.02 -18.52
N ARG B 262 20.62 -14.78 -19.69
CA ARG B 262 20.08 -15.92 -20.48
C ARG B 262 21.21 -16.72 -21.16
N SER B 263 20.91 -17.97 -21.45
CA SER B 263 21.87 -18.92 -21.94
C SER B 263 22.15 -18.74 -23.44
N PRO B 264 23.14 -19.48 -23.98
CA PRO B 264 23.48 -19.31 -25.40
C PRO B 264 22.27 -19.51 -26.32
N HIS B 265 22.17 -18.70 -27.37
CA HIS B 265 20.96 -18.64 -28.17
C HIS B 265 21.29 -18.18 -29.55
N LEU B 266 20.40 -18.47 -30.52
CA LEU B 266 20.47 -17.84 -31.82
C LEU B 266 20.21 -16.34 -31.64
N MET B 267 20.94 -15.51 -32.38
CA MET B 267 20.82 -14.08 -32.26
C MET B 267 19.38 -13.69 -32.53
N ASP B 268 18.83 -12.82 -31.70
CA ASP B 268 17.52 -12.24 -31.97
C ASP B 268 17.61 -10.70 -31.95
N ILE B 269 16.50 -10.06 -32.30
CA ILE B 269 16.39 -8.61 -32.34
C ILE B 269 15.31 -8.23 -31.34
N LEU B 270 15.67 -7.39 -30.38
CA LEU B 270 14.73 -6.90 -29.37
C LEU B 270 13.73 -5.95 -30.02
N ASN B 271 12.45 -6.29 -29.94
CA ASN B 271 11.38 -5.44 -30.49
C ASN B 271 10.78 -4.53 -29.44
N SER B 272 10.46 -5.09 -28.29
CA SER B 272 9.79 -4.30 -27.25
C SER B 272 9.95 -4.89 -25.86
N ILE B 273 9.76 -4.01 -24.88
CA ILE B 273 9.76 -4.41 -23.49
C ILE B 273 8.53 -3.82 -22.83
N THR B 274 7.76 -4.66 -22.18
CA THR B 274 6.53 -4.20 -21.52
C THR B 274 6.80 -4.27 -20.03
N ILE B 275 6.79 -3.12 -19.39
CA ILE B 275 7.25 -2.99 -18.01
C ILE B 275 6.06 -2.86 -17.04
N TYR B 276 6.12 -3.61 -15.94
CA TYR B 276 5.08 -3.59 -14.92
C TYR B 276 5.57 -2.83 -13.73
N THR B 277 4.72 -1.96 -13.20
CA THR B 277 5.04 -1.12 -12.05
C THR B 277 4.37 -1.65 -10.78
N ASP B 278 5.17 -1.76 -9.71
CA ASP B 278 4.64 -2.03 -8.39
C ASP B 278 4.93 -0.80 -7.56
N ALA B 279 4.39 -0.75 -6.35
CA ALA B 279 4.56 0.43 -5.48
C ALA B 279 4.60 0.04 -4.03
N HIS B 280 5.38 0.79 -3.25
CA HIS B 280 5.42 0.58 -1.82
C HIS B 280 5.61 1.92 -1.16
N ARG B 281 4.64 2.29 -0.33
CA ARG B 281 4.66 3.55 0.42
C ARG B 281 4.91 4.76 -0.46
N GLY B 282 4.24 4.79 -1.60
CA GLY B 282 4.36 5.93 -2.51
C GLY B 282 5.58 5.89 -3.43
N TYR B 283 6.45 4.87 -3.30
CA TYR B 283 7.56 4.67 -4.22
C TYR B 283 7.18 3.67 -5.31
N TYR B 284 7.08 4.16 -6.53
CA TYR B 284 6.74 3.36 -7.70
C TYR B 284 8.00 2.82 -8.37
N TYR B 285 7.98 1.56 -8.77
CA TYR B 285 9.15 0.97 -9.37
C TYR B 285 8.86 -0.14 -10.37
N TRP B 286 9.87 -0.39 -11.19
CA TRP B 286 9.90 -1.46 -12.19
C TRP B 286 9.95 -2.80 -11.47
N SER B 287 8.81 -3.49 -11.40
CA SER B 287 8.75 -4.78 -10.67
C SER B 287 9.03 -5.99 -11.55
N GLY B 288 8.68 -5.88 -12.82
CA GLY B 288 8.81 -7.02 -13.73
C GLY B 288 8.57 -6.54 -15.15
N HIS B 289 8.87 -7.40 -16.13
CA HIS B 289 8.67 -7.03 -17.54
C HIS B 289 8.60 -8.21 -18.43
N GLN B 290 8.14 -7.97 -19.63
CA GLN B 290 8.08 -8.99 -20.65
C GLN B 290 8.84 -8.53 -21.91
N ILE B 291 9.67 -9.41 -22.45
CA ILE B 291 10.42 -9.15 -23.66
C ILE B 291 9.75 -9.78 -24.86
N MET B 292 9.67 -9.01 -25.94
CA MET B 292 9.33 -9.56 -27.27
C MET B 292 10.51 -9.33 -28.23
N ALA B 293 10.86 -10.37 -28.98
CA ALA B 293 11.99 -10.34 -29.92
C ALA B 293 11.63 -11.03 -31.24
N SER B 294 12.44 -10.78 -32.28
CA SER B 294 12.32 -11.44 -33.59
C SER B 294 13.62 -12.16 -33.95
N PRO B 295 13.54 -13.14 -34.87
CA PRO B 295 14.74 -13.72 -35.46
C PRO B 295 15.50 -12.72 -36.33
N VAL B 296 16.77 -13.04 -36.61
CA VAL B 296 17.57 -12.20 -37.51
C VAL B 296 16.80 -11.97 -38.80
N GLY B 297 16.85 -10.74 -39.31
CA GLY B 297 16.19 -10.40 -40.57
C GLY B 297 14.66 -10.31 -40.49
N PHE B 298 14.12 -10.33 -39.27
CA PHE B 298 12.68 -10.41 -39.06
C PHE B 298 12.08 -11.53 -39.91
N SER B 299 12.73 -12.68 -39.86
CA SER B 299 12.48 -13.74 -40.82
C SER B 299 11.55 -14.82 -40.26
N GLY B 300 10.78 -14.47 -39.24
CA GLY B 300 9.87 -15.42 -38.62
C GLY B 300 9.01 -14.64 -37.65
N PRO B 301 7.99 -15.29 -37.07
CA PRO B 301 7.12 -14.49 -36.20
C PRO B 301 7.81 -14.05 -34.92
N GLU B 302 7.33 -12.95 -34.37
CA GLU B 302 7.81 -12.40 -33.11
C GLU B 302 7.50 -13.40 -31.99
N PHE B 303 8.43 -13.59 -31.07
CA PHE B 303 8.21 -14.50 -29.93
C PHE B 303 8.37 -13.78 -28.60
N THR B 304 7.76 -14.34 -27.56
CA THR B 304 7.72 -13.69 -26.25
C THR B 304 8.45 -14.56 -25.26
N PHE B 305 9.23 -13.95 -24.38
CA PHE B 305 9.92 -14.68 -23.32
C PHE B 305 9.05 -14.81 -22.06
N PRO B 306 9.36 -15.77 -21.18
CA PRO B 306 8.67 -15.85 -19.88
C PRO B 306 8.89 -14.57 -19.08
N LEU B 307 7.90 -14.22 -18.25
CA LEU B 307 7.94 -13.01 -17.44
C LEU B 307 9.23 -12.89 -16.66
N TYR B 308 9.82 -11.71 -16.68
CA TYR B 308 10.93 -11.39 -15.77
C TYR B 308 10.39 -10.62 -14.58
N GLY B 309 10.85 -11.00 -13.41
CA GLY B 309 10.40 -10.38 -12.17
C GLY B 309 9.00 -10.76 -11.79
N THR B 310 8.29 -9.81 -11.19
CA THR B 310 6.97 -10.04 -10.69
C THR B 310 6.02 -9.02 -11.29
N MET B 311 4.82 -9.49 -11.58
CA MET B 311 3.82 -8.55 -12.03
C MET B 311 3.56 -7.54 -10.94
N GLY B 312 3.26 -6.32 -11.35
CA GLY B 312 2.66 -5.35 -10.47
C GLY B 312 1.60 -4.59 -11.22
N ASN B 313 0.65 -4.04 -10.49
CA ASN B 313 -0.44 -3.28 -11.07
C ASN B 313 -0.69 -1.97 -10.33
N ALA B 314 0.36 -1.43 -9.72
CA ALA B 314 0.28 -0.13 -9.06
C ALA B 314 0.15 1.02 -10.07
N ALA B 315 0.45 0.75 -11.34
CA ALA B 315 0.25 1.72 -12.45
C ALA B 315 0.05 0.91 -13.71
N PRO B 316 -0.49 1.54 -14.77
CA PRO B 316 -0.67 0.76 -16.00
C PRO B 316 0.64 0.28 -16.61
N GLN B 317 0.61 -0.89 -17.23
CA GLN B 317 1.77 -1.43 -17.91
C GLN B 317 2.22 -0.47 -19.00
N GLN B 318 3.52 -0.44 -19.29
CA GLN B 318 4.04 0.44 -20.37
C GLN B 318 4.87 -0.38 -21.36
N ARG B 319 4.42 -0.37 -22.62
CA ARG B 319 5.14 -0.99 -23.72
C ARG B 319 6.17 -0.01 -24.28
N ILE B 320 7.46 -0.32 -24.11
CA ILE B 320 8.57 0.45 -24.73
C ILE B 320 8.92 -0.27 -26.02
N VAL B 321 8.78 0.40 -27.17
CA VAL B 321 9.22 -0.18 -28.44
C VAL B 321 10.73 0.10 -28.58
N ALA B 322 11.53 -0.96 -28.49
CA ALA B 322 12.97 -0.85 -28.61
C ALA B 322 13.41 -0.68 -30.07
N GLN B 323 12.74 -1.35 -31.00
CA GLN B 323 13.20 -1.36 -32.37
C GLN B 323 12.62 -0.20 -33.20
N LEU B 324 13.07 1.01 -32.90
CA LEU B 324 12.96 2.15 -33.78
C LEU B 324 14.38 2.58 -34.20
N GLY B 325 14.51 3.07 -35.42
CA GLY B 325 15.81 3.52 -35.93
C GLY B 325 16.80 2.39 -35.85
N GLN B 326 17.97 2.64 -35.27
CA GLN B 326 18.98 1.60 -35.15
C GLN B 326 18.85 0.84 -33.84
N GLY B 327 17.72 1.00 -33.16
CA GLY B 327 17.49 0.33 -31.88
C GLY B 327 17.94 1.20 -30.72
N VAL B 328 17.82 0.68 -29.51
CA VAL B 328 18.20 1.41 -28.31
C VAL B 328 19.72 1.34 -28.13
N TYR B 329 20.40 2.49 -28.15
CA TYR B 329 21.86 2.50 -27.97
C TYR B 329 22.28 2.80 -26.53
N ARG B 330 21.32 3.22 -25.71
CA ARG B 330 21.63 3.80 -24.41
C ARG B 330 20.48 3.72 -23.44
N THR B 331 20.78 3.39 -22.19
CA THR B 331 19.80 3.49 -21.10
C THR B 331 20.33 4.46 -20.04
N LEU B 332 19.44 5.34 -19.58
CA LEU B 332 19.74 6.29 -18.55
C LEU B 332 18.74 6.04 -17.42
N SER B 333 19.23 5.39 -16.37
CA SER B 333 18.39 4.79 -15.37
C SER B 333 18.43 5.57 -14.05
N SER B 334 17.30 5.56 -13.36
CA SER B 334 17.24 6.10 -12.01
C SER B 334 17.12 4.90 -11.07
N THR B 335 18.12 4.73 -10.22
CA THR B 335 18.11 3.73 -9.19
C THR B 335 17.41 4.25 -7.91
N LEU B 336 16.70 3.36 -7.22
CA LEU B 336 16.06 3.69 -5.93
C LEU B 336 16.50 2.67 -4.89
N TYR B 337 17.18 3.14 -3.84
CA TYR B 337 17.57 2.30 -2.72
C TYR B 337 16.94 2.64 -1.33
N ARG B 338 15.75 2.15 -1.03
CA ARG B 338 15.09 2.53 0.22
C ARG B 338 15.79 1.75 1.31
N ARG B 339 16.33 2.48 2.28
CA ARG B 339 16.94 1.87 3.46
C ARG B 339 16.35 2.56 4.70
N PRO B 340 15.13 2.16 5.11
CA PRO B 340 14.48 2.79 6.26
C PRO B 340 15.21 2.53 7.55
N PHE B 341 15.00 3.42 8.53
CA PHE B 341 15.59 3.25 9.86
C PHE B 341 15.01 2.02 10.54
N ASN B 342 13.71 1.82 10.40
CA ASN B 342 13.02 0.62 10.92
C ASN B 342 12.32 -0.22 9.85
N ILE B 343 12.85 -1.40 9.57
CA ILE B 343 12.37 -2.20 8.43
C ILE B 343 11.39 -3.28 8.83
N GLY B 344 10.51 -3.65 7.89
CA GLY B 344 9.58 -4.78 8.03
C GLY B 344 8.72 -4.91 6.78
N ILE B 345 7.78 -5.85 6.77
CA ILE B 345 6.93 -6.11 5.60
C ILE B 345 6.20 -4.85 5.17
N ASN B 346 5.87 -3.99 6.12
CA ASN B 346 5.19 -2.72 5.82
C ASN B 346 6.13 -1.53 5.64
N ASN B 347 7.42 -1.76 5.81
CA ASN B 347 8.44 -0.72 5.56
C ASN B 347 9.71 -1.33 4.98
N GLN B 348 9.66 -1.66 3.70
CA GLN B 348 10.68 -2.52 3.08
C GLN B 348 11.91 -1.78 2.59
N GLN B 349 13.05 -2.46 2.66
CA GLN B 349 14.20 -2.08 1.85
C GLN B 349 13.87 -2.37 0.38
N LEU B 350 14.08 -1.37 -0.48
CA LEU B 350 13.91 -1.49 -1.93
C LEU B 350 15.25 -1.21 -2.65
N SER B 351 15.63 -2.11 -3.58
CA SER B 351 16.75 -1.88 -4.48
C SER B 351 16.25 -2.17 -5.90
N VAL B 352 15.90 -1.10 -6.60
CA VAL B 352 15.06 -1.18 -7.78
C VAL B 352 15.33 0.02 -8.72
N LEU B 353 14.63 0.05 -9.84
CA LEU B 353 14.66 1.18 -10.74
C LEU B 353 13.31 1.87 -10.66
N ASP B 354 13.32 3.17 -10.41
CA ASP B 354 12.11 3.99 -10.46
C ASP B 354 12.04 4.81 -11.76
N GLY B 355 12.96 4.54 -12.67
CA GLY B 355 12.91 5.17 -13.97
C GLY B 355 13.99 4.64 -14.90
N THR B 356 13.72 4.72 -16.20
CA THR B 356 14.77 4.54 -17.20
C THR B 356 14.35 5.22 -18.50
N GLU B 357 15.27 6.02 -19.06
CA GLU B 357 15.15 6.53 -20.41
C GLU B 357 15.88 5.60 -21.37
N PHE B 358 15.20 5.22 -22.45
CA PHE B 358 15.73 4.40 -23.53
C PHE B 358 15.97 5.30 -24.75
N ALA B 359 17.22 5.57 -25.08
CA ALA B 359 17.53 6.48 -26.21
C ALA B 359 17.88 5.66 -27.45
N TYR B 360 17.45 6.18 -28.60
CA TYR B 360 17.56 5.48 -29.90
C TYR B 360 18.79 5.90 -30.71
N GLY B 361 19.41 4.91 -31.34
CA GLY B 361 20.41 5.18 -32.39
C GLY B 361 19.67 5.62 -33.62
N THR B 362 20.17 6.64 -34.30
CA THR B 362 19.48 7.22 -35.41
C THR B 362 20.37 8.20 -36.13
N SER B 363 20.29 8.18 -37.46
CA SER B 363 21.10 9.07 -38.30
C SER B 363 20.55 10.50 -38.35
N SER B 364 19.44 10.74 -37.65
CA SER B 364 18.93 12.07 -37.44
C SER B 364 18.58 12.21 -35.95
N ASN B 365 17.30 12.22 -35.59
CA ASN B 365 16.92 12.17 -34.18
C ASN B 365 15.55 11.57 -33.96
N LEU B 366 15.34 11.02 -32.76
CA LEU B 366 14.12 10.34 -32.35
C LEU B 366 13.94 10.55 -30.88
N PRO B 367 12.79 11.03 -30.45
CA PRO B 367 12.65 11.21 -29.00
C PRO B 367 12.77 9.88 -28.26
N SER B 368 13.44 9.90 -27.11
CA SER B 368 13.60 8.72 -26.28
C SER B 368 12.27 8.21 -25.73
N ALA B 369 12.20 6.90 -25.47
CA ALA B 369 11.12 6.32 -24.69
C ALA B 369 11.52 6.45 -23.22
N VAL B 370 10.58 6.86 -22.37
CA VAL B 370 10.87 7.09 -20.94
C VAL B 370 9.89 6.33 -20.05
N TYR B 371 10.42 5.42 -19.24
CA TYR B 371 9.63 4.77 -18.19
C TYR B 371 9.74 5.67 -16.95
N ARG B 372 8.67 6.42 -16.69
CA ARG B 372 8.52 7.31 -15.53
C ARG B 372 9.44 8.50 -15.51
N LYS B 373 10.75 8.28 -15.51
CA LYS B 373 11.69 9.38 -15.59
C LYS B 373 13.08 8.91 -16.01
N SER B 374 13.91 9.87 -16.40
CA SER B 374 15.29 9.61 -16.73
C SER B 374 16.09 9.52 -15.45
N GLY B 375 17.34 9.11 -15.54
CA GLY B 375 18.23 9.10 -14.38
C GLY B 375 19.65 9.26 -14.86
N THR B 376 20.61 9.21 -13.94
CA THR B 376 21.99 9.44 -14.31
C THR B 376 22.88 8.21 -14.23
N VAL B 377 22.32 7.03 -14.01
CA VAL B 377 23.10 5.80 -14.14
C VAL B 377 23.04 5.44 -15.63
N ASP B 378 24.13 5.80 -16.31
CA ASP B 378 24.18 5.91 -17.78
C ASP B 378 24.99 4.77 -18.39
N SER B 379 24.34 3.96 -19.22
CA SER B 379 25.04 2.85 -19.91
C SER B 379 26.24 3.33 -20.71
N LEU B 380 26.16 4.53 -21.26
CA LEU B 380 27.23 5.09 -22.07
C LEU B 380 28.57 5.17 -21.34
N ASP B 381 28.54 5.28 -20.01
CA ASP B 381 29.77 5.19 -19.18
C ASP B 381 30.47 3.83 -19.23
N GLU B 382 29.73 2.75 -19.44
CA GLU B 382 30.29 1.41 -19.50
C GLU B 382 30.33 0.85 -20.92
N ILE B 383 29.48 1.40 -21.79
CA ILE B 383 29.31 0.93 -23.17
C ILE B 383 29.46 2.16 -24.07
N PRO B 384 30.69 2.70 -24.17
CA PRO B 384 30.90 3.98 -24.82
C PRO B 384 30.83 3.94 -26.33
N PRO B 385 30.79 5.11 -26.98
CA PRO B 385 30.76 5.18 -28.44
C PRO B 385 32.02 4.64 -29.07
N GLN B 386 31.87 4.09 -30.27
CA GLN B 386 33.03 3.71 -31.09
C GLN B 386 33.58 4.89 -31.88
N ASN B 387 32.76 5.90 -32.14
CA ASN B 387 33.18 7.11 -32.88
C ASN B 387 32.72 8.38 -32.15
N ASN B 388 33.67 9.08 -31.57
CA ASN B 388 33.36 10.22 -30.74
C ASN B 388 33.35 11.55 -31.51
N ASN B 389 33.48 11.48 -32.84
CA ASN B 389 33.43 12.64 -33.71
C ASN B 389 32.02 13.07 -34.13
N VAL B 390 31.04 12.25 -33.78
CA VAL B 390 29.66 12.53 -34.03
C VAL B 390 28.93 12.35 -32.70
N PRO B 391 27.67 12.80 -32.60
CA PRO B 391 26.93 12.53 -31.38
C PRO B 391 26.80 11.01 -31.05
N PRO B 392 26.74 10.65 -29.77
CA PRO B 392 26.56 9.25 -29.34
C PRO B 392 25.45 8.46 -30.03
N ARG B 393 24.32 9.11 -30.34
CA ARG B 393 23.25 8.41 -31.06
C ARG B 393 23.61 8.02 -32.49
N GLN B 394 24.71 8.56 -33.01
CA GLN B 394 25.26 8.12 -34.31
C GLN B 394 26.56 7.33 -34.17
N GLY B 395 27.34 7.64 -33.14
CA GLY B 395 28.65 7.01 -32.94
C GLY B 395 28.67 5.83 -31.98
N PHE B 396 27.49 5.41 -31.53
CA PHE B 396 27.34 4.28 -30.60
C PHE B 396 28.03 3.01 -31.05
N SER B 397 28.42 2.19 -30.07
CA SER B 397 29.13 0.93 -30.34
C SER B 397 28.24 -0.29 -30.19
N HIS B 398 27.17 -0.19 -29.41
CA HIS B 398 26.30 -1.34 -29.15
C HIS B 398 24.85 -1.04 -29.31
N ARG B 399 24.07 -2.11 -29.42
CA ARG B 399 22.62 -2.05 -29.38
C ARG B 399 22.08 -2.94 -28.22
N LEU B 400 21.03 -2.49 -27.56
CA LEU B 400 20.33 -3.27 -26.53
C LEU B 400 19.70 -4.50 -27.20
N SER B 401 20.10 -5.69 -26.74
CA SER B 401 19.61 -6.93 -27.35
C SER B 401 18.61 -7.67 -26.49
N HIS B 402 18.58 -7.36 -25.19
CA HIS B 402 17.71 -8.05 -24.25
C HIS B 402 17.75 -7.35 -22.92
N VAL B 403 16.71 -7.59 -22.13
CA VAL B 403 16.70 -7.21 -20.71
C VAL B 403 16.15 -8.39 -19.91
N SER B 404 16.97 -8.97 -19.02
CA SER B 404 16.51 -10.01 -18.10
C SER B 404 16.43 -9.37 -16.69
N MET B 405 16.34 -10.15 -15.63
CA MET B 405 16.27 -9.55 -14.28
C MET B 405 16.82 -10.39 -13.12
N PHE B 406 17.72 -9.81 -12.35
CA PHE B 406 18.05 -10.38 -11.07
C PHE B 406 17.01 -9.88 -10.08
N ARG B 407 16.41 -10.82 -9.37
CA ARG B 407 15.29 -10.54 -8.46
C ARG B 407 15.47 -11.28 -7.15
N SER B 408 14.99 -10.68 -6.07
CA SER B 408 14.96 -11.31 -4.77
C SER B 408 13.81 -10.68 -4.00
N GLY B 409 13.03 -11.52 -3.32
CA GLY B 409 11.96 -11.05 -2.44
C GLY B 409 10.62 -10.89 -3.12
N PHE B 410 9.56 -11.13 -2.35
CA PHE B 410 8.18 -10.92 -2.84
C PHE B 410 7.56 -9.78 -2.07
N SER B 411 6.77 -8.96 -2.77
CA SER B 411 6.27 -7.72 -2.20
C SER B 411 5.36 -7.91 -1.01
N ASN B 412 4.68 -9.05 -0.95
CA ASN B 412 3.73 -9.27 0.15
C ASN B 412 4.36 -9.94 1.38
N SER B 413 5.55 -10.53 1.26
CA SER B 413 6.10 -11.32 2.35
C SER B 413 7.58 -11.10 2.67
N SER B 414 8.26 -10.18 1.98
CA SER B 414 9.69 -9.96 2.25
C SER B 414 9.94 -8.57 2.86
N VAL B 415 11.00 -8.45 3.66
CA VAL B 415 11.41 -7.16 4.19
C VAL B 415 12.36 -6.44 3.21
N SER B 416 12.92 -7.19 2.27
CA SER B 416 13.87 -6.65 1.31
C SER B 416 13.52 -7.07 -0.12
N ILE B 417 13.36 -6.08 -0.98
CA ILE B 417 13.02 -6.30 -2.37
C ILE B 417 14.18 -5.85 -3.25
N ILE B 418 14.65 -6.76 -4.11
CA ILE B 418 15.58 -6.45 -5.18
C ILE B 418 14.92 -6.74 -6.54
N ARG B 419 14.92 -5.74 -7.42
CA ARG B 419 14.54 -5.90 -8.83
C ARG B 419 15.58 -5.18 -9.67
N ALA B 420 16.51 -5.93 -10.27
CA ALA B 420 17.68 -5.40 -10.93
C ALA B 420 17.75 -5.85 -12.39
N PRO B 421 17.08 -5.11 -13.27
CA PRO B 421 17.12 -5.43 -14.68
C PRO B 421 18.54 -5.54 -15.23
N MET B 422 18.80 -6.65 -15.91
CA MET B 422 20.09 -6.96 -16.47
C MET B 422 20.04 -6.61 -17.95
N PHE B 423 20.79 -5.57 -18.34
CA PHE B 423 20.75 -5.07 -19.71
C PHE B 423 21.85 -5.73 -20.51
N SER B 424 21.45 -6.23 -21.66
CA SER B 424 22.31 -7.01 -22.51
C SER B 424 22.60 -6.21 -23.81
N TRP B 425 23.87 -6.13 -24.18
CA TRP B 425 24.33 -5.25 -25.27
C TRP B 425 25.09 -6.00 -26.33
N ILE B 426 24.63 -5.92 -27.58
CA ILE B 426 25.26 -6.62 -28.69
C ILE B 426 26.04 -5.57 -29.49
N HIS B 427 27.20 -5.93 -30.01
CA HIS B 427 27.98 -4.99 -30.83
C HIS B 427 27.22 -4.64 -32.08
N ARG B 428 27.31 -3.39 -32.53
CA ARG B 428 26.48 -2.95 -33.68
C ARG B 428 26.87 -3.58 -35.02
N SER B 429 28.06 -4.16 -35.10
CA SER B 429 28.42 -4.97 -36.28
C SER B 429 27.53 -6.20 -36.47
N ALA B 430 26.83 -6.63 -35.42
CA ALA B 430 25.81 -7.66 -35.55
C ALA B 430 24.57 -7.06 -36.24
N GLU B 431 24.58 -7.04 -37.58
CA GLU B 431 23.55 -6.36 -38.35
C GLU B 431 22.21 -7.04 -38.21
N PHE B 432 21.15 -6.26 -38.34
CA PHE B 432 19.77 -6.77 -38.26
C PHE B 432 19.52 -7.86 -39.28
N ASN B 433 20.08 -7.67 -40.48
CA ASN B 433 19.96 -8.65 -41.56
C ASN B 433 21.33 -9.25 -41.88
N ASN B 434 21.32 -10.37 -42.57
CA ASN B 434 22.52 -10.96 -43.12
C ASN B 434 22.59 -10.55 -44.59
N ILE B 435 23.40 -9.55 -44.88
CA ILE B 435 23.43 -8.88 -46.18
C ILE B 435 24.74 -9.19 -46.86
N ILE B 436 24.70 -9.75 -48.06
CA ILE B 436 25.90 -10.23 -48.72
C ILE B 436 26.43 -9.14 -49.62
N ALA B 437 27.60 -8.60 -49.28
CA ALA B 437 28.21 -7.54 -50.07
C ALA B 437 28.69 -8.14 -51.39
N SER B 438 28.89 -7.28 -52.39
CA SER B 438 29.37 -7.72 -53.70
C SER B 438 30.87 -7.48 -53.88
N ASP B 439 31.49 -6.69 -53.00
CA ASP B 439 32.90 -6.30 -53.15
C ASP B 439 33.80 -6.65 -51.97
N SER B 440 33.34 -7.52 -51.09
CA SER B 440 34.17 -7.98 -49.97
C SER B 440 33.74 -9.37 -49.54
N ILE B 441 34.57 -10.02 -48.73
CA ILE B 441 34.21 -11.34 -48.15
C ILE B 441 33.34 -11.13 -46.91
N THR B 442 32.04 -11.40 -47.05
CA THR B 442 31.05 -11.24 -45.99
C THR B 442 31.04 -12.46 -45.05
N GLN B 443 31.34 -12.22 -43.77
CA GLN B 443 31.30 -13.25 -42.75
C GLN B 443 29.95 -13.20 -42.03
N ILE B 444 29.26 -14.33 -41.98
CA ILE B 444 27.98 -14.43 -41.31
C ILE B 444 28.06 -15.58 -40.29
N PRO B 445 28.19 -15.23 -39.00
CA PRO B 445 28.22 -16.27 -37.97
C PRO B 445 26.99 -17.16 -38.01
N ALA B 446 27.17 -18.43 -37.75
CA ALA B 446 26.10 -19.39 -37.81
C ALA B 446 24.98 -19.08 -36.78
N VAL B 447 25.34 -18.43 -35.66
CA VAL B 447 24.35 -18.03 -34.67
C VAL B 447 23.40 -16.93 -35.19
N LYS B 448 23.74 -16.33 -36.35
CA LYS B 448 22.81 -15.45 -37.04
C LYS B 448 21.76 -16.20 -37.88
N GLY B 449 21.69 -17.51 -37.72
CA GLY B 449 20.67 -18.31 -38.41
C GLY B 449 19.35 -18.17 -37.69
N ASN B 450 18.27 -18.70 -38.28
CA ASN B 450 16.94 -18.64 -37.67
C ASN B 450 16.26 -20.00 -37.49
N PHE B 451 16.94 -21.10 -37.82
CA PHE B 451 16.40 -22.44 -37.65
C PHE B 451 17.51 -23.45 -37.36
N LEU B 452 17.37 -24.15 -36.23
CA LEU B 452 18.36 -25.12 -35.76
C LEU B 452 17.63 -26.41 -35.39
N PHE B 453 18.01 -27.51 -36.03
CA PHE B 453 17.37 -28.81 -35.78
C PHE B 453 18.44 -29.84 -35.40
N ASN B 454 18.17 -30.61 -34.35
CA ASN B 454 19.11 -31.54 -33.77
C ASN B 454 20.51 -30.92 -33.58
N GLY B 455 20.54 -29.86 -32.81
CA GLY B 455 21.77 -29.17 -32.49
C GLY B 455 21.54 -28.16 -31.38
N SER B 456 22.57 -27.45 -30.97
CA SER B 456 22.38 -26.39 -29.99
C SER B 456 23.39 -25.26 -30.17
N VAL B 457 23.07 -24.10 -29.61
CA VAL B 457 24.01 -23.01 -29.57
C VAL B 457 24.84 -23.21 -28.32
N ILE B 458 26.17 -23.16 -28.46
CA ILE B 458 27.08 -23.30 -27.34
C ILE B 458 27.95 -22.05 -27.17
N SER B 459 28.43 -21.81 -25.95
CA SER B 459 29.38 -20.74 -25.65
C SER B 459 30.64 -20.84 -26.50
N GLY B 460 31.00 -19.74 -27.14
CA GLY B 460 32.25 -19.63 -27.85
C GLY B 460 33.44 -19.74 -26.92
N PRO B 461 34.59 -20.18 -27.46
CA PRO B 461 35.79 -20.31 -26.62
C PRO B 461 36.40 -18.98 -26.24
N GLY B 462 35.94 -17.88 -26.83
CA GLY B 462 36.39 -16.52 -26.47
C GLY B 462 37.09 -15.77 -27.60
N PHE B 463 37.37 -16.45 -28.70
CA PHE B 463 38.13 -15.84 -29.79
C PHE B 463 37.37 -15.76 -31.11
N THR B 464 36.09 -16.12 -31.12
CA THR B 464 35.31 -16.09 -32.35
C THR B 464 34.38 -14.88 -32.44
N GLY B 465 34.33 -14.06 -31.39
CA GLY B 465 33.49 -12.87 -31.39
C GLY B 465 32.04 -13.11 -31.03
N GLY B 466 31.73 -14.33 -30.62
CA GLY B 466 30.38 -14.72 -30.28
C GLY B 466 30.27 -16.21 -29.96
N ASP B 467 29.06 -16.71 -29.97
CA ASP B 467 28.80 -18.12 -29.75
C ASP B 467 28.83 -18.95 -31.05
N LEU B 468 28.64 -20.27 -30.90
CA LEU B 468 28.81 -21.22 -31.99
C LEU B 468 27.63 -22.18 -32.10
N VAL B 469 27.51 -22.82 -33.26
CA VAL B 469 26.45 -23.78 -33.49
C VAL B 469 27.03 -25.20 -33.49
N ARG B 470 26.47 -26.06 -32.65
CA ARG B 470 26.83 -27.47 -32.64
C ARG B 470 25.72 -28.28 -33.31
N LEU B 471 26.07 -28.98 -34.39
CA LEU B 471 25.16 -29.95 -35.00
C LEU B 471 25.46 -31.35 -34.45
N ASN B 472 24.44 -31.98 -33.86
CA ASN B 472 24.58 -33.33 -33.30
C ASN B 472 24.67 -34.36 -34.42
N SER B 473 25.07 -35.58 -34.04
CA SER B 473 25.01 -36.72 -34.94
C SER B 473 23.55 -37.20 -35.10
N SER B 474 23.28 -37.89 -36.20
CA SER B 474 21.91 -38.33 -36.50
C SER B 474 21.45 -39.57 -35.71
N GLY B 475 22.40 -40.30 -35.12
CA GLY B 475 22.10 -41.62 -34.55
C GLY B 475 21.69 -42.58 -35.66
N ASN B 476 22.35 -42.44 -36.81
CA ASN B 476 22.06 -43.21 -38.01
C ASN B 476 20.60 -43.18 -38.45
N ASN B 477 19.97 -42.02 -38.29
CA ASN B 477 18.63 -41.79 -38.79
C ASN B 477 18.62 -40.58 -39.74
N ILE B 478 18.30 -40.81 -41.02
CA ILE B 478 18.37 -39.79 -42.07
C ILE B 478 17.39 -38.62 -41.85
N GLN B 479 16.31 -38.86 -41.11
CA GLN B 479 15.34 -37.81 -40.77
C GLN B 479 15.77 -36.99 -39.53
N ASN B 480 16.85 -37.38 -38.86
CA ASN B 480 17.31 -36.71 -37.65
C ASN B 480 18.69 -36.03 -37.84
N ARG B 481 18.96 -35.55 -39.06
CA ARG B 481 20.23 -34.92 -39.37
C ARG B 481 20.32 -33.46 -38.86
N GLY B 482 21.36 -33.18 -38.07
CA GLY B 482 21.63 -31.84 -37.58
C GLY B 482 21.65 -30.81 -38.70
N TYR B 483 20.92 -29.73 -38.52
CA TYR B 483 20.77 -28.71 -39.55
C TYR B 483 20.71 -27.30 -38.93
N ILE B 484 21.50 -26.39 -39.51
CA ILE B 484 21.40 -24.94 -39.23
C ILE B 484 21.12 -24.19 -40.55
N GLU B 485 20.09 -23.35 -40.52
CA GLU B 485 19.68 -22.58 -41.69
C GLU B 485 19.75 -21.08 -41.39
N VAL B 486 20.27 -20.31 -42.36
CA VAL B 486 20.55 -18.90 -42.21
C VAL B 486 19.88 -18.10 -43.33
N PRO B 487 19.00 -17.13 -42.97
CA PRO B 487 18.38 -16.25 -43.97
C PRO B 487 19.38 -15.20 -44.43
N ILE B 488 19.44 -14.96 -45.73
CA ILE B 488 20.41 -14.07 -46.32
C ILE B 488 19.76 -13.21 -47.40
N HIS B 489 20.31 -12.02 -47.62
CA HIS B 489 19.81 -11.12 -48.61
C HIS B 489 20.93 -10.69 -49.51
N PHE B 490 20.69 -10.76 -50.82
CA PHE B 490 21.67 -10.39 -51.81
C PHE B 490 21.25 -9.11 -52.54
N PRO B 491 21.89 -7.97 -52.21
CA PRO B 491 21.52 -6.74 -52.97
C PRO B 491 21.95 -6.81 -54.44
N SER B 492 22.96 -7.62 -54.75
CA SER B 492 23.36 -7.82 -56.15
C SER B 492 23.00 -9.22 -56.65
N THR B 493 22.13 -9.31 -57.65
CA THR B 493 21.67 -10.60 -58.18
C THR B 493 22.56 -11.19 -59.29
N SER B 494 23.59 -10.47 -59.70
CA SER B 494 24.50 -10.97 -60.72
C SER B 494 25.90 -11.39 -60.20
N THR B 495 26.31 -10.94 -59.01
CA THR B 495 27.60 -11.36 -58.45
C THR B 495 27.59 -12.88 -58.20
N ARG B 496 28.71 -13.53 -58.54
CA ARG B 496 28.87 -14.96 -58.27
C ARG B 496 29.67 -15.15 -56.99
N TYR B 497 29.22 -16.08 -56.17
CA TYR B 497 29.83 -16.31 -54.86
C TYR B 497 30.20 -17.77 -54.64
N ARG B 498 31.42 -17.96 -54.15
CA ARG B 498 31.80 -19.22 -53.51
C ARG B 498 31.41 -19.11 -52.02
N VAL B 499 30.86 -20.19 -51.48
CA VAL B 499 30.49 -20.25 -50.07
C VAL B 499 31.51 -21.09 -49.29
N ARG B 500 32.17 -20.44 -48.32
CA ARG B 500 33.17 -21.08 -47.47
C ARG B 500 32.61 -21.19 -46.03
N VAL B 501 32.88 -22.31 -45.37
CA VAL B 501 32.40 -22.52 -44.02
C VAL B 501 33.56 -22.77 -43.09
N ARG B 502 33.54 -22.09 -41.95
CA ARG B 502 34.55 -22.24 -40.92
C ARG B 502 33.97 -23.16 -39.83
N TYR B 503 34.70 -24.22 -39.48
CA TYR B 503 34.16 -25.32 -38.68
C TYR B 503 35.22 -25.99 -37.79
N ALA B 504 34.73 -26.80 -36.86
CA ALA B 504 35.60 -27.61 -36.02
C ALA B 504 35.08 -29.05 -35.96
N SER B 505 35.98 -30.02 -36.08
CA SER B 505 35.61 -31.44 -36.05
C SER B 505 36.76 -32.32 -35.56
N VAL B 506 36.43 -33.32 -34.74
CA VAL B 506 37.43 -34.29 -34.23
C VAL B 506 37.66 -35.44 -35.21
N THR B 507 36.68 -35.70 -36.09
CA THR B 507 36.79 -36.78 -37.09
C THR B 507 36.41 -36.26 -38.47
N PRO B 508 36.90 -36.93 -39.54
CA PRO B 508 36.41 -36.63 -40.88
C PRO B 508 34.90 -36.78 -40.88
N ILE B 509 34.20 -35.84 -41.50
CA ILE B 509 32.77 -35.81 -41.37
C ILE B 509 32.13 -35.31 -42.68
N HIS B 510 31.02 -35.94 -43.06
CA HIS B 510 30.31 -35.60 -44.27
C HIS B 510 29.32 -34.51 -44.00
N LEU B 511 29.56 -33.37 -44.63
CA LEU B 511 28.68 -32.20 -44.48
C LEU B 511 28.10 -31.78 -45.84
N ASN B 512 26.82 -31.41 -45.82
CA ASN B 512 26.13 -30.87 -46.98
C ASN B 512 25.80 -29.39 -46.77
N VAL B 513 26.29 -28.54 -47.66
CA VAL B 513 25.90 -27.12 -47.66
C VAL B 513 24.82 -26.90 -48.72
N ASN B 514 23.67 -26.36 -48.33
CA ASN B 514 22.64 -25.98 -49.28
C ASN B 514 22.59 -24.47 -49.46
N TRP B 515 22.29 -24.03 -50.67
CA TRP B 515 21.97 -22.66 -50.97
C TRP B 515 20.59 -22.76 -51.61
N GLY B 516 19.58 -22.26 -50.92
CA GLY B 516 18.19 -22.56 -51.26
C GLY B 516 17.95 -24.05 -51.08
N ASN B 517 17.30 -24.65 -52.07
CA ASN B 517 17.12 -26.10 -52.11
C ASN B 517 18.26 -26.86 -52.78
N SER B 518 19.24 -26.14 -53.33
CA SER B 518 20.32 -26.76 -54.08
C SER B 518 21.52 -27.07 -53.20
N SER B 519 22.02 -28.29 -53.29
CA SER B 519 23.24 -28.66 -52.59
C SER B 519 24.45 -28.21 -53.41
N ILE B 520 25.32 -27.38 -52.82
CA ILE B 520 26.49 -26.83 -53.51
C ILE B 520 27.79 -27.43 -53.00
N PHE B 521 27.68 -28.28 -51.99
CA PHE B 521 28.82 -29.01 -51.46
C PHE B 521 28.25 -30.20 -50.68
N SER B 522 28.82 -31.36 -50.92
CA SER B 522 28.42 -32.56 -50.22
C SER B 522 29.63 -33.49 -50.27
N ASN B 523 30.40 -33.48 -49.20
CA ASN B 523 31.61 -34.26 -49.14
C ASN B 523 32.10 -34.39 -47.72
N THR B 524 33.04 -35.30 -47.52
CA THR B 524 33.73 -35.46 -46.25
C THR B 524 34.73 -34.34 -46.14
N VAL B 525 34.80 -33.71 -44.97
CA VAL B 525 35.82 -32.69 -44.70
C VAL B 525 36.73 -33.25 -43.63
N PRO B 526 37.99 -32.82 -43.64
CA PRO B 526 38.92 -33.34 -42.66
C PRO B 526 38.63 -32.99 -41.19
N ALA B 527 39.21 -33.78 -40.29
CA ALA B 527 39.24 -33.44 -38.88
C ALA B 527 40.11 -32.21 -38.70
N THR B 528 39.81 -31.41 -37.67
CA THR B 528 40.58 -30.20 -37.39
C THR B 528 41.04 -30.07 -35.95
N ALA B 529 40.47 -30.89 -35.07
CA ALA B 529 40.64 -30.73 -33.63
C ALA B 529 40.80 -32.08 -32.94
N THR B 530 41.46 -32.08 -31.79
CA THR B 530 41.54 -33.28 -30.96
C THR B 530 40.35 -33.40 -30.02
N SER B 531 39.73 -32.28 -29.68
CA SER B 531 38.54 -32.25 -28.81
C SER B 531 37.62 -31.06 -29.15
N LEU B 532 36.31 -31.26 -29.04
CA LEU B 532 35.36 -30.18 -29.23
C LEU B 532 35.10 -29.40 -27.94
N ASP B 533 35.67 -29.85 -26.81
CA ASP B 533 35.37 -29.24 -25.51
C ASP B 533 36.37 -28.16 -25.06
N ASN B 534 37.59 -28.15 -25.57
CA ASN B 534 38.52 -27.07 -25.18
C ASN B 534 39.20 -26.45 -26.40
N LEU B 535 38.44 -25.62 -27.12
CA LEU B 535 38.82 -25.18 -28.46
C LEU B 535 39.97 -24.18 -28.39
N GLN B 536 40.97 -24.42 -29.24
CA GLN B 536 42.04 -23.47 -29.44
C GLN B 536 41.93 -22.96 -30.87
N SER B 537 42.74 -21.97 -31.20
CA SER B 537 42.66 -21.31 -32.49
C SER B 537 42.74 -22.25 -33.70
N SER B 538 43.75 -23.10 -33.71
CA SER B 538 43.98 -24.00 -34.85
C SER B 538 42.91 -25.09 -34.97
N ASP B 539 42.00 -25.24 -34.00
CA ASP B 539 40.93 -26.23 -34.11
C ASP B 539 39.85 -25.86 -35.12
N PHE B 540 39.94 -24.67 -35.68
CA PHE B 540 38.98 -24.29 -36.69
C PHE B 540 39.64 -24.35 -38.05
N GLY B 541 38.97 -25.00 -38.97
CA GLY B 541 39.42 -25.06 -40.35
C GLY B 541 38.32 -24.58 -41.27
N TYR B 542 38.59 -24.71 -42.56
CA TYR B 542 37.73 -24.19 -43.59
C TYR B 542 37.49 -25.26 -44.66
N PHE B 543 36.30 -25.26 -45.24
CA PHE B 543 36.03 -25.94 -46.51
C PHE B 543 35.14 -25.03 -47.33
N GLU B 544 35.02 -25.29 -48.63
CA GLU B 544 34.26 -24.42 -49.50
C GLU B 544 33.70 -25.14 -50.71
N SER B 545 32.60 -24.60 -51.23
CA SER B 545 32.06 -25.05 -52.48
C SER B 545 33.15 -24.87 -53.56
N ALA B 546 33.26 -25.85 -54.44
CA ALA B 546 34.26 -25.80 -55.54
C ALA B 546 33.80 -24.77 -56.58
N ASN B 547 32.48 -24.68 -56.80
CA ASN B 547 31.93 -23.72 -57.75
C ASN B 547 31.31 -22.48 -57.10
N ALA B 548 31.05 -21.47 -57.93
CA ALA B 548 30.46 -20.20 -57.48
C ALA B 548 29.08 -20.00 -58.14
N PHE B 549 28.15 -19.39 -57.41
CA PHE B 549 26.75 -19.23 -57.83
C PHE B 549 26.22 -17.83 -57.52
N THR B 550 25.02 -17.55 -58.01
CA THR B 550 24.36 -16.29 -57.80
C THR B 550 23.13 -16.49 -56.93
N SER B 551 22.57 -15.36 -56.48
CA SER B 551 21.37 -15.34 -55.66
C SER B 551 20.16 -16.05 -56.27
N SER B 552 20.21 -16.44 -57.55
CA SER B 552 19.10 -17.22 -58.15
C SER B 552 18.83 -18.56 -57.43
N LEU B 553 19.83 -19.12 -56.77
CA LEU B 553 19.64 -20.32 -55.95
C LEU B 553 18.74 -20.11 -54.72
N GLY B 554 18.63 -18.87 -54.24
CA GLY B 554 17.71 -18.58 -53.15
C GLY B 554 18.23 -17.68 -52.04
N ASN B 555 17.39 -17.54 -51.01
CA ASN B 555 17.63 -16.61 -49.91
C ASN B 555 17.90 -17.30 -48.57
N ILE B 556 18.30 -18.56 -48.61
CA ILE B 556 18.81 -19.23 -47.41
C ILE B 556 20.07 -19.98 -47.75
N VAL B 557 20.90 -20.19 -46.74
CA VAL B 557 22.09 -21.04 -46.86
C VAL B 557 22.06 -21.92 -45.60
N GLY B 558 22.59 -23.13 -45.70
CA GLY B 558 22.54 -24.05 -44.57
C GLY B 558 23.66 -25.06 -44.59
N VAL B 559 23.84 -25.73 -43.46
CA VAL B 559 24.75 -26.86 -43.37
C VAL B 559 24.04 -27.98 -42.64
N ARG B 560 24.12 -29.19 -43.21
CA ARG B 560 23.55 -30.38 -42.63
C ARG B 560 24.68 -31.36 -42.30
N ASN B 561 24.62 -31.94 -41.10
CA ASN B 561 25.61 -32.94 -40.66
C ASN B 561 25.10 -34.35 -40.99
N PHE B 562 25.72 -35.01 -41.97
CA PHE B 562 25.28 -36.34 -42.40
C PHE B 562 25.76 -37.49 -41.50
N SER B 563 26.73 -37.22 -40.63
CA SER B 563 27.27 -38.26 -39.75
C SER B 563 26.24 -38.81 -38.79
N GLY B 564 26.23 -40.14 -38.64
CA GLY B 564 25.37 -40.82 -37.70
C GLY B 564 25.99 -40.92 -36.30
N THR B 565 27.30 -40.74 -36.21
CA THR B 565 28.01 -40.90 -34.95
C THR B 565 28.74 -39.66 -34.42
N ALA B 566 29.12 -38.70 -35.29
CA ALA B 566 29.96 -37.56 -34.88
C ALA B 566 29.22 -36.21 -34.94
N GLY B 567 29.53 -35.33 -33.98
CA GLY B 567 29.02 -33.96 -33.95
C GLY B 567 29.98 -33.02 -34.68
N VAL B 568 29.52 -31.81 -35.02
CA VAL B 568 30.38 -30.81 -35.64
C VAL B 568 30.00 -29.43 -35.16
N ILE B 569 31.01 -28.56 -35.03
CA ILE B 569 30.80 -27.17 -34.67
C ILE B 569 30.94 -26.28 -35.91
N ILE B 570 29.91 -25.46 -36.16
CA ILE B 570 29.92 -24.48 -37.24
C ILE B 570 30.10 -23.09 -36.65
N ASP B 571 31.16 -22.40 -37.07
CA ASP B 571 31.44 -21.03 -36.63
C ASP B 571 30.70 -20.07 -37.50
N ARG B 572 31.03 -20.02 -38.78
CA ARG B 572 30.39 -19.08 -39.70
C ARG B 572 30.45 -19.45 -41.16
N PHE B 573 29.55 -18.83 -41.92
CA PHE B 573 29.53 -18.88 -43.37
C PHE B 573 30.28 -17.65 -43.90
N GLU B 574 30.95 -17.81 -45.02
CA GLU B 574 31.68 -16.71 -45.64
C GLU B 574 31.36 -16.70 -47.12
N PHE B 575 30.90 -15.57 -47.63
CA PHE B 575 30.62 -15.43 -49.06
C PHE B 575 31.77 -14.73 -49.76
N ILE B 576 32.31 -15.39 -50.78
CA ILE B 576 33.47 -14.89 -51.51
C ILE B 576 33.07 -14.54 -52.95
N PRO B 577 33.03 -13.23 -53.27
CA PRO B 577 32.70 -12.84 -54.62
C PRO B 577 33.84 -13.19 -55.57
N VAL B 578 33.53 -13.75 -56.73
CA VAL B 578 34.56 -14.12 -57.72
C VAL B 578 34.31 -13.39 -59.04
N THR B 579 35.35 -12.77 -59.60
CA THR B 579 35.31 -12.31 -60.99
C THR B 579 36.06 -13.32 -61.82
N GLY C 2 22.59 -1.16 10.87
CA GLY C 2 23.59 -0.37 11.65
C GLY C 2 23.43 1.15 11.56
N TYR C 3 22.20 1.65 11.63
CA TYR C 3 21.97 3.10 11.75
C TYR C 3 22.10 3.55 13.20
N THR C 4 22.49 4.81 13.40
CA THR C 4 22.62 5.37 14.74
C THR C 4 21.82 6.66 14.80
N PRO C 5 21.69 7.25 16.00
CA PRO C 5 21.07 8.57 16.14
C PRO C 5 21.74 9.68 15.32
N ILE C 6 23.00 9.51 14.98
CA ILE C 6 23.68 10.47 14.12
C ILE C 6 23.09 10.46 12.69
N ASP C 7 22.86 9.28 12.15
CA ASP C 7 22.21 9.15 10.84
C ASP C 7 20.82 9.75 10.86
N ILE C 8 20.04 9.37 11.86
CA ILE C 8 18.68 9.84 12.02
C ILE C 8 18.66 11.38 12.13
N SER C 9 19.57 11.93 12.95
CA SER C 9 19.61 13.37 13.17
C SER C 9 20.00 14.12 11.89
N LEU C 10 20.95 13.60 11.13
CA LEU C 10 21.36 14.25 9.89
C LEU C 10 20.19 14.30 8.87
N SER C 11 19.40 13.25 8.87
CA SER C 11 18.23 13.20 8.01
C SER C 11 17.17 14.21 8.48
N LEU C 12 16.95 14.31 9.79
CA LEU C 12 16.06 15.36 10.34
C LEU C 12 16.53 16.75 9.94
N THR C 13 17.84 16.99 10.07
CA THR C 13 18.40 18.30 9.64
C THR C 13 18.18 18.61 8.17
N GLN C 14 18.42 17.64 7.30
CA GLN C 14 18.12 17.83 5.86
C GLN C 14 16.66 18.27 5.68
N PHE C 15 15.75 17.59 6.37
CA PHE C 15 14.32 17.88 6.28
C PHE C 15 14.00 19.28 6.80
N LEU C 16 14.50 19.63 7.98
CA LEU C 16 14.24 20.96 8.55
C LEU C 16 14.88 22.07 7.71
N LEU C 17 16.00 21.81 7.05
CA LEU C 17 16.65 22.82 6.20
C LEU C 17 15.88 23.10 4.91
N SER C 18 15.24 22.07 4.33
CA SER C 18 14.62 22.23 3.02
C SER C 18 13.09 22.28 2.98
N GLU C 19 12.44 21.83 4.06
CA GLU C 19 10.96 21.77 4.13
C GLU C 19 10.40 22.58 5.31
N PHE C 20 11.08 23.67 5.69
CA PHE C 20 10.65 24.43 6.87
C PHE C 20 9.49 25.37 6.51
N VAL C 21 8.29 24.78 6.46
CA VAL C 21 7.05 25.48 6.10
C VAL C 21 5.90 24.77 6.83
N PRO C 22 4.95 25.54 7.40
CA PRO C 22 3.86 24.89 8.15
C PRO C 22 2.93 24.08 7.26
N GLY C 23 2.36 23.01 7.78
CA GLY C 23 1.42 22.18 7.02
C GLY C 23 1.54 20.73 7.36
N ALA C 24 0.73 19.89 6.71
CA ALA C 24 0.72 18.46 6.97
C ALA C 24 2.07 17.81 6.63
N GLY C 25 2.76 18.34 5.63
CA GLY C 25 4.05 17.78 5.20
C GLY C 25 5.08 17.79 6.31
N PHE C 26 5.15 18.90 7.03
CA PHE C 26 6.09 19.06 8.14
C PHE C 26 5.74 18.04 9.23
N VAL C 27 4.48 18.00 9.61
CA VAL C 27 3.99 17.14 10.69
C VAL C 27 4.26 15.68 10.37
N LEU C 28 4.04 15.31 9.12
CA LEU C 28 4.23 13.91 8.68
C LEU C 28 5.72 13.60 8.51
N GLY C 29 6.51 14.58 8.08
CA GLY C 29 7.97 14.46 8.08
C GLY C 29 8.50 14.01 9.44
N LEU C 30 8.03 14.66 10.50
CA LEU C 30 8.51 14.38 11.84
C LEU C 30 8.13 12.99 12.31
N VAL C 31 6.93 12.53 11.95
CA VAL C 31 6.52 11.14 12.24
C VAL C 31 7.41 10.18 11.45
N ASP C 32 7.60 10.45 10.17
CA ASP C 32 8.42 9.57 9.35
C ASP C 32 9.87 9.45 9.84
N ILE C 33 10.51 10.56 10.20
CA ILE C 33 11.94 10.54 10.55
C ILE C 33 12.22 10.17 12.01
N ILE C 34 11.37 10.63 12.94
CA ILE C 34 11.66 10.51 14.38
C ILE C 34 10.59 9.79 15.20
N TRP C 35 9.34 10.22 15.06
CA TRP C 35 8.31 9.88 16.06
C TRP C 35 7.39 8.74 15.72
N GLY C 36 7.62 8.08 14.58
CA GLY C 36 6.71 7.03 14.09
C GLY C 36 7.03 5.63 14.57
N ILE C 37 8.09 5.50 15.36
CA ILE C 37 8.58 4.18 15.84
C ILE C 37 7.67 3.53 16.89
N PHE C 38 7.85 2.23 17.09
CA PHE C 38 7.11 1.46 18.08
C PHE C 38 8.12 0.87 19.07
N GLY C 39 7.87 1.05 20.35
CA GLY C 39 8.74 0.49 21.38
C GLY C 39 9.90 1.39 21.75
N PRO C 40 10.77 0.90 22.66
CA PRO C 40 11.83 1.70 23.25
C PRO C 40 13.20 1.74 22.54
N SER C 41 13.38 0.95 21.49
CA SER C 41 14.69 0.79 20.81
C SER C 41 15.43 2.07 20.40
N GLN C 42 14.74 2.90 19.64
CA GLN C 42 15.32 4.13 19.14
C GLN C 42 15.78 5.01 20.29
N TRP C 43 14.93 5.12 21.32
CA TRP C 43 15.20 6.00 22.45
C TRP C 43 16.35 5.50 23.26
N ASP C 44 16.36 4.19 23.52
CA ASP C 44 17.51 3.56 24.15
C ASP C 44 18.82 3.89 23.38
N ALA C 45 18.79 3.79 22.05
CA ALA C 45 19.96 4.10 21.19
C ALA C 45 20.39 5.57 21.29
N PHE C 46 19.44 6.49 21.32
CA PHE C 46 19.76 7.91 21.53
C PHE C 46 20.52 8.10 22.85
N LEU C 47 20.09 7.41 23.91
CA LEU C 47 20.77 7.54 25.20
C LEU C 47 22.14 6.86 25.18
N VAL C 48 22.21 5.63 24.68
CA VAL C 48 23.51 4.93 24.61
C VAL C 48 24.55 5.75 23.87
N GLN C 49 24.14 6.40 22.79
CA GLN C 49 25.07 7.17 21.95
C GLN C 49 25.85 8.23 22.75
N ILE C 50 25.20 8.86 23.73
CA ILE C 50 25.92 9.80 24.61
C ILE C 50 26.53 9.09 25.82
N GLU C 51 25.79 8.17 26.43
CA GLU C 51 26.27 7.41 27.60
C GLU C 51 27.61 6.75 27.36
N GLN C 52 27.77 6.08 26.23
CA GLN C 52 29.03 5.40 25.94
C GLN C 52 30.17 6.37 25.72
N LEU C 53 29.86 7.61 25.35
CA LEU C 53 30.88 8.59 25.04
C LEU C 53 31.43 9.23 26.32
N ILE C 54 30.54 9.62 27.22
CA ILE C 54 30.92 10.16 28.53
C ILE C 54 31.15 9.06 29.57
N ASN C 55 30.98 7.79 29.19
CA ASN C 55 31.26 6.67 30.08
C ASN C 55 30.44 6.72 31.37
N GLN C 56 29.14 6.99 31.21
CA GLN C 56 28.23 7.03 32.34
C GLN C 56 26.79 6.72 31.88
N ARG C 57 26.22 5.67 32.46
CA ARG C 57 24.85 5.29 32.20
C ARG C 57 23.89 6.07 33.08
N ILE C 58 22.73 6.43 32.55
CA ILE C 58 21.73 7.14 33.33
C ILE C 58 21.18 6.19 34.43
N GLU C 59 21.00 6.72 35.64
CA GLU C 59 20.41 5.96 36.75
C GLU C 59 19.15 5.26 36.25
N GLU C 60 19.02 3.99 36.59
CA GLU C 60 18.11 3.08 35.89
C GLU C 60 16.63 3.47 35.95
N PHE C 61 16.18 3.99 37.08
CA PHE C 61 14.79 4.40 37.19
C PHE C 61 14.51 5.63 36.30
N ALA C 62 15.35 6.65 36.41
CA ALA C 62 15.25 7.86 35.58
C ALA C 62 15.34 7.53 34.09
N ARG C 63 16.18 6.55 33.77
CA ARG C 63 16.39 6.13 32.38
C ARG C 63 15.12 5.51 31.81
N ASN C 64 14.54 4.56 32.57
CA ASN C 64 13.29 3.92 32.17
C ASN C 64 12.13 4.90 32.14
N GLN C 65 12.09 5.83 33.09
CA GLN C 65 11.08 6.89 33.04
C GLN C 65 11.18 7.72 31.76
N ALA C 66 12.40 8.09 31.37
CA ALA C 66 12.60 8.92 30.18
C ALA C 66 12.18 8.16 28.91
N ILE C 67 12.68 6.92 28.78
CA ILE C 67 12.33 6.09 27.62
C ILE C 67 10.81 5.92 27.56
N SER C 68 10.23 5.50 28.69
CA SER C 68 8.79 5.26 28.79
C SER C 68 7.99 6.50 28.38
N ARG C 69 8.42 7.67 28.81
CA ARG C 69 7.74 8.90 28.43
C ARG C 69 7.86 9.21 26.93
N LEU C 70 9.02 8.94 26.35
CA LEU C 70 9.23 9.16 24.91
C LEU C 70 8.33 8.25 24.08
N GLU C 71 8.15 7.01 24.54
CA GLU C 71 7.19 6.08 23.91
C GLU C 71 5.79 6.68 23.92
N GLY C 72 5.39 7.24 25.07
CA GLY C 72 4.08 7.88 25.22
C GLY C 72 3.92 9.04 24.27
N LEU C 73 4.95 9.89 24.17
CA LEU C 73 4.91 11.05 23.30
C LEU C 73 4.82 10.62 21.82
N SER C 74 5.53 9.55 21.47
CA SER C 74 5.49 9.01 20.11
C SER C 74 4.07 8.57 19.73
N ASN C 75 3.47 7.71 20.58
CA ASN C 75 2.08 7.26 20.39
C ASN C 75 1.14 8.44 20.24
N LEU C 76 1.26 9.38 21.16
CA LEU C 76 0.40 10.56 21.18
C LEU C 76 0.59 11.42 19.92
N TYR C 77 1.84 11.63 19.49
CA TYR C 77 2.11 12.48 18.30
C TYR C 77 1.67 11.80 16.99
N GLN C 78 1.75 10.47 16.94
CA GLN C 78 1.23 9.71 15.80
C GLN C 78 -0.27 9.97 15.62
N ILE C 79 -1.01 9.98 16.73
CA ILE C 79 -2.43 10.29 16.71
C ILE C 79 -2.65 11.74 16.28
N TYR C 80 -1.86 12.65 16.83
CA TYR C 80 -1.95 14.07 16.48
C TYR C 80 -1.73 14.23 14.98
N ALA C 81 -0.69 13.56 14.45
CA ALA C 81 -0.32 13.63 13.03
C ALA C 81 -1.45 13.15 12.13
N GLU C 82 -2.01 11.98 12.45
CA GLU C 82 -3.15 11.43 11.71
C GLU C 82 -4.36 12.37 11.78
N SER C 83 -4.63 12.94 12.95
CA SER C 83 -5.73 13.88 13.08
C SER C 83 -5.48 15.11 12.21
N PHE C 84 -4.25 15.65 12.26
CA PHE C 84 -3.86 16.82 11.46
C PHE C 84 -4.15 16.54 9.99
N ARG C 85 -3.69 15.37 9.52
CA ARG C 85 -3.86 15.01 8.13
C ARG C 85 -5.33 14.94 7.71
N GLU C 86 -6.16 14.32 8.58
CA GLU C 86 -7.61 14.20 8.30
C GLU C 86 -8.24 15.62 8.30
N TRP C 87 -7.84 16.44 9.26
CA TRP C 87 -8.29 17.82 9.30
C TRP C 87 -7.91 18.59 8.05
N GLU C 88 -6.67 18.49 7.60
CA GLU C 88 -6.25 19.27 6.42
C GLU C 88 -7.05 18.89 5.17
N ALA C 89 -7.46 17.62 5.09
CA ALA C 89 -8.27 17.11 3.99
C ALA C 89 -9.70 17.65 4.01
N ASP C 90 -10.16 18.09 5.18
CA ASP C 90 -11.54 18.53 5.36
C ASP C 90 -11.58 19.61 6.45
N PRO C 91 -10.97 20.79 6.17
CA PRO C 91 -10.64 21.81 7.20
C PRO C 91 -11.83 22.50 7.91
N THR C 92 -12.96 22.60 7.25
CA THR C 92 -14.13 23.29 7.82
C THR C 92 -14.97 22.36 8.71
N ASN C 93 -14.68 21.05 8.65
CA ASN C 93 -15.40 20.04 9.45
C ASN C 93 -15.24 20.26 10.96
N PRO C 94 -16.35 20.62 11.63
CA PRO C 94 -16.29 20.92 13.08
C PRO C 94 -15.89 19.74 13.98
N ALA C 95 -16.18 18.50 13.59
CA ALA C 95 -15.71 17.34 14.35
C ALA C 95 -14.17 17.26 14.30
N LEU C 96 -13.62 17.39 13.10
CA LEU C 96 -12.16 17.36 12.92
C LEU C 96 -11.45 18.59 13.57
N ARG C 97 -12.07 19.76 13.52
CA ARG C 97 -11.52 20.96 14.16
C ARG C 97 -11.50 20.83 15.68
N GLU C 98 -12.55 20.25 16.24
CA GLU C 98 -12.61 19.96 17.67
C GLU C 98 -11.55 18.92 18.08
N GLU C 99 -11.41 17.87 17.27
CA GLU C 99 -10.39 16.86 17.52
C GLU C 99 -8.97 17.48 17.48
N MET C 100 -8.70 18.42 16.57
CA MET C 100 -7.40 19.11 16.55
C MET C 100 -7.16 19.93 17.81
N ARG C 101 -8.19 20.60 18.31
CA ARG C 101 -8.08 21.41 19.53
C ARG C 101 -7.75 20.51 20.71
N ILE C 102 -8.48 19.40 20.86
CA ILE C 102 -8.21 18.41 21.91
C ILE C 102 -6.80 17.81 21.76
N GLN C 103 -6.45 17.38 20.55
CA GLN C 103 -5.16 16.74 20.28
C GLN C 103 -4.01 17.72 20.55
N PHE C 104 -4.15 18.98 20.14
CA PHE C 104 -3.13 19.97 20.43
C PHE C 104 -2.92 20.15 21.93
N ASN C 105 -4.01 20.29 22.68
CA ASN C 105 -3.92 20.49 24.11
C ASN C 105 -3.25 19.28 24.79
N ASP C 106 -3.62 18.07 24.41
CA ASP C 106 -3.00 16.86 24.96
C ASP C 106 -1.51 16.84 24.64
N MET C 107 -1.18 17.18 23.40
CA MET C 107 0.20 17.16 22.92
C MET C 107 1.01 18.25 23.65
N ASN C 108 0.43 19.45 23.75
CA ASN C 108 1.08 20.55 24.44
C ASN C 108 1.31 20.24 25.93
N SER C 109 0.28 19.70 26.57
CA SER C 109 0.34 19.35 27.97
C SER C 109 1.32 18.20 28.24
N ALA C 110 1.25 17.15 27.42
CA ALA C 110 2.13 16.00 27.57
C ALA C 110 3.61 16.39 27.39
N LEU C 111 3.90 17.32 26.47
CA LEU C 111 5.28 17.76 26.23
C LEU C 111 5.79 18.61 27.38
N THR C 112 4.97 19.56 27.84
CA THR C 112 5.32 20.39 29.00
C THR C 112 5.63 19.54 30.22
N THR C 113 4.85 18.48 30.44
CA THR C 113 5.07 17.58 31.57
C THR C 113 6.27 16.68 31.37
N ALA C 114 6.49 16.23 30.13
CA ALA C 114 7.55 15.26 29.85
C ALA C 114 8.96 15.87 29.88
N ILE C 115 9.09 17.12 29.46
CA ILE C 115 10.40 17.70 29.20
C ILE C 115 11.33 17.72 30.41
N PRO C 116 10.84 18.11 31.60
CA PRO C 116 11.72 18.03 32.79
C PRO C 116 12.25 16.63 33.05
N LEU C 117 11.54 15.59 32.62
CA LEU C 117 12.02 14.22 32.82
C LEU C 117 13.17 13.88 31.87
N PHE C 118 13.43 14.76 30.89
CA PHE C 118 14.60 14.66 30.03
C PHE C 118 15.68 15.66 30.46
N ALA C 119 15.50 16.24 31.65
CA ALA C 119 16.41 17.21 32.22
C ALA C 119 16.73 16.83 33.67
N VAL C 120 16.75 15.53 33.96
CA VAL C 120 16.93 15.04 35.31
C VAL C 120 18.32 15.37 35.84
N GLN C 121 18.36 15.92 37.05
CA GLN C 121 19.56 16.40 37.72
C GLN C 121 20.66 15.32 37.72
N ASN C 122 21.89 15.75 37.41
CA ASN C 122 23.07 14.87 37.28
C ASN C 122 23.10 14.00 36.02
N TYR C 123 22.07 14.08 35.20
CA TYR C 123 21.98 13.30 33.96
C TYR C 123 21.55 14.15 32.75
N GLN C 124 21.73 15.47 32.85
CA GLN C 124 21.34 16.37 31.77
C GLN C 124 22.08 16.06 30.44
N VAL C 125 23.35 15.73 30.52
CA VAL C 125 24.15 15.51 29.32
C VAL C 125 23.69 14.26 28.51
N PRO C 126 23.65 13.06 29.14
CA PRO C 126 23.23 11.88 28.41
C PRO C 126 21.77 11.91 27.94
N LEU C 127 20.95 12.78 28.53
CA LEU C 127 19.56 12.96 28.11
C LEU C 127 19.40 14.10 27.08
N LEU C 128 20.50 14.72 26.68
CA LEU C 128 20.41 15.99 25.92
C LEU C 128 19.83 15.84 24.51
N SER C 129 20.11 14.74 23.81
CA SER C 129 19.58 14.58 22.45
C SER C 129 18.08 14.30 22.47
N VAL C 130 17.59 13.49 23.42
CA VAL C 130 16.16 13.29 23.55
C VAL C 130 15.47 14.56 24.03
N TYR C 131 16.13 15.31 24.90
CA TYR C 131 15.60 16.61 25.32
C TYR C 131 15.38 17.49 24.10
N VAL C 132 16.39 17.56 23.23
CA VAL C 132 16.31 18.39 22.02
C VAL C 132 15.25 17.89 21.04
N GLN C 133 15.11 16.58 20.90
CA GLN C 133 14.05 16.04 20.07
C GLN C 133 12.66 16.47 20.60
N ALA C 134 12.44 16.33 21.91
CA ALA C 134 11.18 16.73 22.56
C ALA C 134 10.95 18.23 22.43
N ALA C 135 12.00 19.02 22.64
CA ALA C 135 11.93 20.45 22.49
C ALA C 135 11.52 20.85 21.06
N ASN C 136 12.15 20.23 20.08
CA ASN C 136 11.85 20.46 18.69
C ASN C 136 10.39 20.18 18.38
N LEU C 137 9.86 19.05 18.87
CA LEU C 137 8.47 18.69 18.65
C LEU C 137 7.54 19.69 19.33
N HIS C 138 7.92 20.12 20.54
CA HIS C 138 7.12 21.12 21.27
C HIS C 138 7.03 22.43 20.53
N LEU C 139 8.15 22.96 20.06
CA LEU C 139 8.13 24.21 19.28
C LEU C 139 7.34 24.03 18.01
N SER C 140 7.44 22.86 17.40
CA SER C 140 6.70 22.54 16.19
C SER C 140 5.15 22.62 16.41
N VAL C 141 4.70 22.01 17.49
CA VAL C 141 3.30 21.94 17.85
C VAL C 141 2.79 23.33 18.24
N LEU C 142 3.62 24.13 18.91
CA LEU C 142 3.25 25.49 19.25
C LEU C 142 3.19 26.35 17.98
N ARG C 143 4.09 26.10 17.04
CA ARG C 143 4.04 26.77 15.74
C ARG C 143 2.74 26.37 15.00
N ASP C 144 2.36 25.09 15.11
CA ASP C 144 1.13 24.61 14.48
C ASP C 144 -0.10 25.41 14.96
N VAL C 145 -0.26 25.55 16.27
CA VAL C 145 -1.41 26.27 16.84
C VAL C 145 -1.33 27.76 16.46
N SER C 146 -0.13 28.32 16.40
CA SER C 146 0.02 29.71 15.98
C SER C 146 -0.48 29.91 14.55
N VAL C 147 -0.15 28.99 13.64
CA VAL C 147 -0.52 29.14 12.24
C VAL C 147 -1.97 28.72 11.94
N PHE C 148 -2.41 27.61 12.55
CA PHE C 148 -3.68 26.96 12.22
C PHE C 148 -4.73 27.01 13.34
N GLY C 149 -4.37 27.52 14.51
CA GLY C 149 -5.26 27.51 15.67
C GLY C 149 -6.56 28.26 15.49
N GLN C 150 -6.54 29.35 14.72
CA GLN C 150 -7.74 30.09 14.42
C GLN C 150 -8.68 29.22 13.59
N ARG C 151 -8.17 28.67 12.50
CA ARG C 151 -8.95 27.75 11.70
C ARG C 151 -9.48 26.57 12.51
N TRP C 152 -8.73 26.13 13.54
CA TRP C 152 -9.21 25.04 14.41
C TRP C 152 -10.33 25.46 15.33
N GLY C 153 -10.47 26.77 15.56
CA GLY C 153 -11.52 27.26 16.42
C GLY C 153 -11.07 27.81 17.76
N PHE C 154 -9.77 27.93 17.97
CA PHE C 154 -9.27 28.64 19.16
C PHE C 154 -9.51 30.15 19.02
N ASP C 155 -9.77 30.81 20.15
CA ASP C 155 -9.95 32.26 20.20
C ASP C 155 -8.60 32.99 20.16
N ALA C 156 -8.65 34.26 19.76
CA ALA C 156 -7.44 35.08 19.60
C ALA C 156 -6.57 35.14 20.86
N ALA C 157 -7.18 35.14 22.04
CA ALA C 157 -6.42 35.23 23.29
C ALA C 157 -5.59 33.97 23.50
N THR C 158 -6.20 32.79 23.27
CA THR C 158 -5.49 31.52 23.38
C THR C 158 -4.34 31.41 22.38
N ILE C 159 -4.55 31.90 21.16
CA ILE C 159 -3.54 31.85 20.09
C ILE C 159 -2.33 32.72 20.41
N ASN C 160 -2.57 33.96 20.80
CA ASN C 160 -1.49 34.88 21.20
C ASN C 160 -0.73 34.40 22.43
N SER C 161 -1.45 33.78 23.36
CA SER C 161 -0.83 33.19 24.53
C SER C 161 0.10 32.00 24.15
N ARG C 162 -0.35 31.11 23.27
CA ARG C 162 0.48 30.01 22.78
C ARG C 162 1.66 30.53 21.93
N TYR C 163 1.45 31.59 21.15
CA TYR C 163 2.52 32.19 20.37
C TYR C 163 3.62 32.76 21.29
N ASN C 164 3.22 33.39 22.40
CA ASN C 164 4.19 33.88 23.39
C ASN C 164 4.96 32.73 24.04
N ASP C 165 4.29 31.62 24.28
CA ASP C 165 4.95 30.40 24.71
C ASP C 165 6.03 29.99 23.68
N LEU C 166 5.68 30.03 22.39
CA LEU C 166 6.58 29.62 21.33
C LEU C 166 7.87 30.45 21.35
N THR C 167 7.72 31.77 21.34
CA THR C 167 8.90 32.64 21.23
C THR C 167 9.76 32.55 22.51
N ARG C 168 9.13 32.41 23.67
CA ARG C 168 9.86 32.26 24.92
C ARG C 168 10.65 30.94 24.92
N LEU C 169 10.00 29.87 24.50
CA LEU C 169 10.59 28.55 24.58
C LEU C 169 11.65 28.32 23.50
N ILE C 170 11.54 29.01 22.36
CA ILE C 170 12.62 29.01 21.38
C ILE C 170 13.91 29.40 22.12
N GLY C 171 13.79 30.44 22.95
CA GLY C 171 14.89 30.92 23.75
C GLY C 171 15.34 29.96 24.83
N ASN C 172 14.40 29.49 25.64
CA ASN C 172 14.74 28.64 26.79
C ASN C 172 15.34 27.30 26.39
N TYR C 173 14.75 26.67 25.37
CA TYR C 173 15.23 25.38 24.91
C TYR C 173 16.63 25.50 24.32
N THR C 174 16.84 26.56 23.55
CA THR C 174 18.12 26.85 22.98
C THR C 174 19.19 27.00 24.06
N ASP C 175 18.92 27.85 25.05
CA ASP C 175 19.90 28.16 26.10
C ASP C 175 20.22 26.95 26.96
N TYR C 176 19.19 26.14 27.24
CA TYR C 176 19.40 24.91 27.97
C TYR C 176 20.31 23.97 27.17
N ALA C 177 20.01 23.78 25.89
CA ALA C 177 20.76 22.85 25.06
C ALA C 177 22.23 23.27 24.96
N VAL C 178 22.47 24.54 24.66
CA VAL C 178 23.84 25.04 24.53
C VAL C 178 24.63 24.96 25.85
N ARG C 179 23.97 25.28 26.96
CA ARG C 179 24.58 25.21 28.28
C ARG C 179 25.10 23.80 28.60
N TRP C 180 24.25 22.80 28.38
CA TRP C 180 24.63 21.43 28.68
C TRP C 180 25.54 20.81 27.66
N TYR C 181 25.51 21.34 26.43
CA TYR C 181 26.51 21.01 25.45
C TYR C 181 27.87 21.47 25.95
N ASN C 182 27.96 22.75 26.35
CA ASN C 182 29.23 23.33 26.86
C ASN C 182 29.77 22.57 28.07
N THR C 183 28.88 22.23 28.98
CA THR C 183 29.25 21.52 30.21
C THR C 183 29.70 20.10 29.90
N GLY C 184 28.94 19.39 29.08
CA GLY C 184 29.31 18.03 28.66
C GLY C 184 30.66 18.00 27.93
N LEU C 185 30.85 18.94 27.01
CA LEU C 185 32.11 18.99 26.24
C LEU C 185 33.30 19.18 27.17
N GLU C 186 33.18 20.15 28.08
CA GLU C 186 34.26 20.48 29.01
C GLU C 186 34.64 19.31 29.94
N ARG C 187 33.66 18.51 30.35
CA ARG C 187 33.92 17.36 31.21
C ARG C 187 34.71 16.28 30.53
N VAL C 188 34.68 16.25 29.20
CA VAL C 188 35.36 15.22 28.44
C VAL C 188 36.79 15.66 28.03
N TRP C 189 37.14 16.92 28.28
CA TRP C 189 38.51 17.38 27.98
C TRP C 189 39.55 16.71 28.85
N GLY C 190 40.71 16.39 28.27
CA GLY C 190 41.84 15.81 29.01
C GLY C 190 43.15 16.10 28.30
N PRO C 191 44.29 15.78 28.94
CA PRO C 191 45.60 16.21 28.43
C PRO C 191 46.18 15.41 27.27
N ASP C 192 45.74 14.17 27.07
CA ASP C 192 46.36 13.26 26.09
C ASP C 192 45.55 13.09 24.81
N SER C 193 46.13 12.42 23.81
CA SER C 193 45.48 12.32 22.50
C SER C 193 44.20 11.49 22.57
N ARG C 194 44.18 10.48 23.43
CA ARG C 194 42.97 9.69 23.62
C ARG C 194 41.85 10.59 24.15
N ASP C 195 42.19 11.53 25.03
CA ASP C 195 41.22 12.45 25.55
C ASP C 195 40.74 13.37 24.44
N TRP C 196 41.68 13.91 23.65
CA TRP C 196 41.30 14.77 22.54
C TRP C 196 40.35 14.08 21.56
N VAL C 197 40.61 12.82 21.26
CA VAL C 197 39.75 12.06 20.36
C VAL C 197 38.31 11.99 20.90
N ARG C 198 38.17 11.77 22.21
CA ARG C 198 36.88 11.70 22.86
C ARG C 198 36.21 13.08 22.89
N TYR C 199 37.00 14.09 23.19
CA TYR C 199 36.52 15.47 23.24
C TYR C 199 35.98 15.92 21.88
N ASN C 200 36.76 15.72 20.82
CA ASN C 200 36.33 16.08 19.50
C ASN C 200 35.15 15.24 19.03
N GLN C 201 35.12 13.98 19.45
CA GLN C 201 34.01 13.09 19.09
C GLN C 201 32.73 13.66 19.67
N PHE C 202 32.82 14.12 20.93
CA PHE C 202 31.70 14.72 21.63
C PHE C 202 31.23 15.95 20.85
N ARG C 203 32.18 16.82 20.53
CA ARG C 203 31.87 18.04 19.78
C ARG C 203 31.15 17.69 18.47
N ARG C 204 31.72 16.73 17.75
CA ARG C 204 31.21 16.34 16.43
C ARG C 204 29.79 15.75 16.55
N GLU C 205 29.65 14.75 17.40
CA GLU C 205 28.41 14.02 17.47
C GLU C 205 27.29 14.87 18.00
N LEU C 206 27.59 15.73 18.98
CA LEU C 206 26.57 16.59 19.55
C LEU C 206 26.31 17.83 18.73
N THR C 207 27.24 18.21 17.85
CA THR C 207 26.93 19.19 16.81
C THR C 207 25.85 18.61 15.88
N LEU C 208 26.02 17.36 15.47
CA LEU C 208 25.10 16.70 14.55
C LEU C 208 23.76 16.34 15.19
N THR C 209 23.76 15.93 16.45
CA THR C 209 22.52 15.48 17.12
C THR C 209 21.83 16.55 17.98
N VAL C 210 22.52 17.66 18.27
CA VAL C 210 21.89 18.75 19.09
C VAL C 210 22.00 20.14 18.47
N LEU C 211 23.21 20.65 18.30
CA LEU C 211 23.40 22.03 17.88
C LEU C 211 22.82 22.35 16.50
N ASP C 212 22.96 21.43 15.55
CA ASP C 212 22.46 21.66 14.19
C ASP C 212 20.94 21.86 14.21
N ILE C 213 20.25 21.07 15.03
CA ILE C 213 18.80 21.17 15.15
C ILE C 213 18.46 22.48 15.88
N VAL C 214 19.18 22.78 16.96
CA VAL C 214 18.91 23.99 17.74
C VAL C 214 19.09 25.26 16.90
N ALA C 215 20.01 25.24 15.96
CA ALA C 215 20.25 26.40 15.08
C ALA C 215 19.03 26.71 14.16
N LEU C 216 18.09 25.79 14.05
CA LEU C 216 16.92 25.99 13.21
C LEU C 216 15.68 26.41 14.03
N PHE C 217 15.80 26.40 15.36
CA PHE C 217 14.69 26.80 16.24
C PHE C 217 14.08 28.17 15.92
N PRO C 218 14.92 29.18 15.61
CA PRO C 218 14.34 30.50 15.32
C PRO C 218 13.37 30.46 14.14
N ASN C 219 13.57 29.52 13.23
CA ASN C 219 12.69 29.37 12.08
C ASN C 219 11.23 29.06 12.48
N TYR C 220 11.00 28.48 13.67
CA TYR C 220 9.65 28.19 14.16
C TYR C 220 8.80 29.44 14.46
N ASP C 221 9.45 30.62 14.51
CA ASP C 221 8.74 31.88 14.72
C ASP C 221 8.03 32.28 13.42
N SER C 222 6.77 31.87 13.34
CA SER C 222 5.93 32.06 12.15
C SER C 222 5.63 33.54 11.82
N ARG C 223 5.63 34.44 12.80
CA ARG C 223 5.52 35.87 12.46
C ARG C 223 6.80 36.41 11.84
N ARG C 224 7.94 35.89 12.27
CA ARG C 224 9.23 36.29 11.71
C ARG C 224 9.44 35.60 10.35
N TYR C 225 8.98 34.36 10.23
CA TYR C 225 9.17 33.58 9.00
C TYR C 225 7.83 33.00 8.50
N PRO C 226 6.94 33.85 7.97
CA PRO C 226 5.57 33.44 7.60
C PRO C 226 5.53 32.62 6.32
N ILE C 227 6.56 32.75 5.48
CA ILE C 227 6.74 31.85 4.35
C ILE C 227 7.99 30.98 4.58
N ARG C 228 8.23 30.08 3.63
CA ARG C 228 9.38 29.20 3.67
C ARG C 228 10.69 29.98 3.86
N THR C 229 11.54 29.46 4.75
CA THR C 229 12.87 30.01 4.96
C THR C 229 13.98 28.93 4.98
N VAL C 230 15.10 29.24 4.33
CA VAL C 230 16.21 28.32 4.14
C VAL C 230 17.46 28.80 4.92
N SER C 231 17.82 28.05 5.96
CA SER C 231 19.04 28.33 6.72
C SER C 231 20.28 27.68 6.07
N GLN C 232 21.46 28.13 6.47
CA GLN C 232 22.75 27.57 6.02
C GLN C 232 23.65 27.33 7.24
N LEU C 233 24.11 26.09 7.40
CA LEU C 233 25.01 25.74 8.50
C LEU C 233 26.46 25.83 8.01
N THR C 234 27.22 26.79 8.53
CA THR C 234 28.59 27.05 8.06
C THR C 234 29.66 26.55 9.02
N ARG C 235 29.28 26.05 10.19
CA ARG C 235 30.23 25.49 11.13
C ARG C 235 31.03 24.33 10.53
N GLU C 236 32.26 24.16 11.01
CA GLU C 236 33.12 23.05 10.59
C GLU C 236 33.29 21.99 11.70
N ILE C 237 33.27 20.72 11.32
CA ILE C 237 33.55 19.63 12.26
C ILE C 237 34.77 18.87 11.76
N TYR C 238 35.37 18.04 12.60
CA TYR C 238 36.74 17.56 12.34
C TYR C 238 36.88 16.07 12.47
N THR C 239 37.63 15.52 11.51
CA THR C 239 38.18 14.20 11.64
C THR C 239 39.71 14.25 11.55
N ASN C 240 40.33 13.21 12.11
CA ASN C 240 41.77 13.07 12.12
C ASN C 240 42.10 11.57 12.16
N PRO C 241 42.33 10.97 10.97
CA PRO C 241 42.49 9.53 10.85
C PRO C 241 43.67 8.96 11.67
N VAL C 242 44.83 9.63 11.62
CA VAL C 242 45.99 9.16 12.40
C VAL C 242 45.68 9.07 13.90
N LEU C 243 45.10 10.12 14.47
CA LEU C 243 44.79 10.13 15.90
C LEU C 243 43.61 9.24 16.29
N GLU C 244 42.54 9.28 15.49
CA GLU C 244 41.32 8.53 15.80
C GLU C 244 41.46 7.02 15.62
N ASN C 245 42.34 6.59 14.72
CA ASN C 245 42.56 5.16 14.50
C ASN C 245 43.72 4.60 15.33
N PHE C 246 44.25 5.40 16.25
CA PHE C 246 45.39 5.02 17.08
C PHE C 246 44.89 4.38 18.38
N ASP C 247 45.38 3.19 18.70
CA ASP C 247 44.98 2.41 19.88
C ASP C 247 45.72 2.89 21.13
N GLY C 248 46.89 3.51 20.96
CA GLY C 248 47.62 4.08 22.09
C GLY C 248 47.17 5.49 22.43
N SER C 249 48.01 6.24 23.14
CA SER C 249 47.68 7.61 23.49
C SER C 249 48.96 8.43 23.65
N PHE C 250 49.10 9.51 22.87
CA PHE C 250 50.23 10.45 23.02
C PHE C 250 50.02 11.35 24.22
N ARG C 251 50.90 11.24 25.20
CA ARG C 251 50.77 12.02 26.44
C ARG C 251 50.95 13.50 26.20
N GLY C 252 50.11 14.31 26.84
CA GLY C 252 50.25 15.76 26.84
C GLY C 252 50.01 16.45 25.51
N SER C 253 49.50 15.74 24.51
CA SER C 253 49.39 16.29 23.17
C SER C 253 48.05 16.99 22.89
N ALA C 254 47.07 16.84 23.78
CA ALA C 254 45.70 17.35 23.49
C ALA C 254 45.63 18.83 23.11
N GLN C 255 46.31 19.67 23.89
CA GLN C 255 46.35 21.12 23.63
C GLN C 255 46.94 21.42 22.26
N GLY C 256 48.05 20.77 21.94
CA GLY C 256 48.67 20.95 20.63
C GLY C 256 47.80 20.50 19.46
N ILE C 257 47.04 19.41 19.65
CA ILE C 257 46.14 18.91 18.60
C ILE C 257 45.02 19.92 18.37
N GLU C 258 44.44 20.41 19.45
CA GLU C 258 43.34 21.36 19.37
C GLU C 258 43.78 22.63 18.66
N ARG C 259 45.05 23.03 18.86
CA ARG C 259 45.55 24.24 18.27
C ARG C 259 45.91 24.07 16.82
N SER C 260 45.91 22.84 16.32
CA SER C 260 46.19 22.63 14.92
C SER C 260 44.97 22.91 14.05
N ILE C 261 43.81 23.10 14.67
CA ILE C 261 42.64 23.59 13.97
C ILE C 261 42.79 25.09 13.68
N ARG C 262 42.40 25.55 12.48
CA ARG C 262 42.52 27.00 12.19
C ARG C 262 41.42 27.79 12.88
N SER C 263 41.71 29.05 13.10
CA SER C 263 40.87 29.91 13.93
C SER C 263 39.67 30.43 13.13
N PRO C 264 38.73 31.10 13.81
CA PRO C 264 37.55 31.56 13.11
C PRO C 264 37.89 32.39 11.87
N HIS C 265 37.12 32.21 10.81
CA HIS C 265 37.46 32.80 9.52
C HIS C 265 36.21 32.98 8.71
N LEU C 266 36.29 33.86 7.72
CA LEU C 266 35.25 33.93 6.70
C LEU C 266 35.27 32.60 5.95
N MET C 267 34.08 32.12 5.59
CA MET C 267 33.96 30.89 4.85
C MET C 267 34.77 30.95 3.56
N ASP C 268 35.54 29.90 3.28
CA ASP C 268 36.22 29.76 1.99
C ASP C 268 35.87 28.43 1.34
N ILE C 269 36.33 28.24 0.12
CA ILE C 269 36.08 27.03 -0.65
C ILE C 269 37.44 26.42 -0.95
N LEU C 270 37.60 25.15 -0.55
CA LEU C 270 38.85 24.42 -0.80
C LEU C 270 38.98 24.09 -2.28
N ASN C 271 40.04 24.59 -2.92
CA ASN C 271 40.29 24.31 -4.35
C ASN C 271 41.22 23.11 -4.55
N SER C 272 42.33 23.11 -3.82
CA SER C 272 43.33 22.06 -4.01
C SER C 272 44.23 21.87 -2.80
N ILE C 273 44.81 20.69 -2.75
CA ILE C 273 45.78 20.37 -1.73
C ILE C 273 46.98 19.77 -2.45
N THR C 274 48.16 20.30 -2.15
CA THR C 274 49.38 19.79 -2.73
C THR C 274 50.15 19.09 -1.64
N ILE C 275 50.33 17.79 -1.78
CA ILE C 275 50.85 16.95 -0.71
C ILE C 275 52.31 16.61 -0.96
N TYR C 276 53.12 16.72 0.08
CA TYR C 276 54.56 16.39 0.01
C TYR C 276 54.80 15.07 0.72
N THR C 277 55.60 14.23 0.08
CA THR C 277 55.92 12.90 0.61
C THR C 277 57.34 12.86 1.18
N ASP C 278 57.47 12.31 2.38
CA ASP C 278 58.77 12.02 2.97
C ASP C 278 58.83 10.51 3.14
N ALA C 279 60.00 10.00 3.53
CA ALA C 279 60.21 8.56 3.66
C ALA C 279 61.18 8.25 4.76
N HIS C 280 60.98 7.09 5.39
CA HIS C 280 61.91 6.58 6.36
C HIS C 280 61.92 5.09 6.24
N ARG C 281 63.11 4.55 5.95
CA ARG C 281 63.32 3.12 5.82
C ARG C 281 62.36 2.46 4.85
N GLY C 282 62.11 3.11 3.72
CA GLY C 282 61.22 2.57 2.70
C GLY C 282 59.73 2.76 2.95
N TYR C 283 59.37 3.41 4.06
CA TYR C 283 57.98 3.79 4.32
C TYR C 283 57.75 5.22 3.88
N TYR C 284 56.91 5.37 2.87
CA TYR C 284 56.58 6.65 2.31
C TYR C 284 55.33 7.22 2.97
N TYR C 285 55.35 8.51 3.28
CA TYR C 285 54.20 9.13 3.93
C TYR C 285 54.00 10.61 3.63
N TRP C 286 52.79 11.04 3.92
CA TRP C 286 52.35 12.42 3.84
C TRP C 286 53.04 13.23 4.91
N SER C 287 54.04 14.01 4.53
CA SER C 287 54.84 14.77 5.51
C SER C 287 54.35 16.20 5.71
N GLY C 288 53.73 16.75 4.67
CA GLY C 288 53.28 18.14 4.73
C GLY C 288 52.45 18.44 3.50
N HIS C 289 51.76 19.57 3.51
CA HIS C 289 50.94 19.97 2.36
C HIS C 289 50.69 21.44 2.29
N GLN C 290 50.20 21.87 1.14
CA GLN C 290 49.78 23.26 0.96
C GLN C 290 48.33 23.34 0.50
N ILE C 291 47.55 24.20 1.14
CA ILE C 291 46.15 24.42 0.79
C ILE C 291 45.99 25.65 -0.07
N MET C 292 45.20 25.52 -1.12
CA MET C 292 44.71 26.67 -1.88
C MET C 292 43.19 26.72 -1.77
N ALA C 293 42.66 27.91 -1.49
CA ALA C 293 41.21 28.13 -1.33
C ALA C 293 40.77 29.43 -2.01
N SER C 294 39.46 29.57 -2.22
CA SER C 294 38.83 30.78 -2.75
C SER C 294 37.78 31.33 -1.80
N PRO C 295 37.44 32.63 -1.94
CA PRO C 295 36.32 33.20 -1.19
C PRO C 295 34.98 32.65 -1.67
N VAL C 296 33.94 32.84 -0.88
CA VAL C 296 32.59 32.41 -1.26
C VAL C 296 32.27 32.98 -2.65
N GLY C 297 31.65 32.17 -3.50
CA GLY C 297 31.28 32.59 -4.85
C GLY C 297 32.45 32.75 -5.82
N PHE C 298 33.64 32.26 -5.45
CA PHE C 298 34.87 32.50 -6.23
C PHE C 298 34.98 33.99 -6.58
N SER C 299 34.74 34.83 -5.58
CA SER C 299 34.54 36.24 -5.79
C SER C 299 35.82 37.05 -5.54
N GLY C 300 36.96 36.40 -5.61
CA GLY C 300 38.23 37.07 -5.39
C GLY C 300 39.31 36.09 -5.78
N PRO C 301 40.56 36.55 -5.85
CA PRO C 301 41.57 35.59 -6.29
C PRO C 301 41.78 34.46 -5.27
N GLU C 302 42.25 33.34 -5.79
CA GLU C 302 42.62 32.19 -4.99
C GLU C 302 43.78 32.60 -4.06
N PHE C 303 43.76 32.14 -2.82
CA PHE C 303 44.84 32.39 -1.87
C PHE C 303 45.44 31.09 -1.36
N THR C 304 46.70 31.17 -0.93
CA THR C 304 47.47 30.00 -0.50
C THR C 304 47.80 30.15 0.97
N PHE C 305 47.61 29.09 1.74
CA PHE C 305 47.90 29.14 3.16
C PHE C 305 49.38 28.83 3.36
N PRO C 306 49.96 29.28 4.47
CA PRO C 306 51.30 28.76 4.82
C PRO C 306 51.38 27.23 4.86
N LEU C 307 52.57 26.70 4.52
CA LEU C 307 52.83 25.27 4.56
C LEU C 307 52.38 24.59 5.85
N TYR C 308 51.69 23.45 5.71
CA TYR C 308 51.41 22.57 6.83
C TYR C 308 52.44 21.45 6.86
N GLY C 309 52.99 21.17 8.04
CA GLY C 309 53.96 20.09 8.21
C GLY C 309 55.29 20.44 7.59
N THR C 310 55.97 19.44 7.03
CA THR C 310 57.32 19.63 6.46
C THR C 310 57.32 19.20 5.02
N MET C 311 58.08 19.91 4.18
CA MET C 311 58.14 19.68 2.75
C MET C 311 59.16 18.60 2.40
N GLY C 312 58.68 17.36 2.27
CA GLY C 312 59.54 16.24 1.93
C GLY C 312 59.70 16.12 0.42
N ASN C 313 60.77 15.45 0.00
CA ASN C 313 61.04 15.24 -1.40
C ASN C 313 61.42 13.79 -1.70
N ALA C 314 60.94 12.86 -0.87
CA ALA C 314 61.14 11.43 -1.10
C ALA C 314 60.36 10.94 -2.34
N ALA C 315 59.40 11.74 -2.80
CA ALA C 315 58.64 11.46 -4.04
C ALA C 315 58.15 12.80 -4.57
N PRO C 316 57.74 12.85 -5.85
CA PRO C 316 57.28 14.15 -6.34
C PRO C 316 55.98 14.62 -5.66
N GLN C 317 55.83 15.93 -5.53
CA GLN C 317 54.65 16.50 -4.93
C GLN C 317 53.43 16.10 -5.75
N GLN C 318 52.27 16.00 -5.10
CA GLN C 318 51.03 15.70 -5.81
C GLN C 318 49.95 16.73 -5.50
N ARG C 319 49.45 17.38 -6.56
CA ARG C 319 48.34 18.32 -6.48
C ARG C 319 47.00 17.57 -6.60
N ILE C 320 46.21 17.55 -5.52
CA ILE C 320 44.87 16.99 -5.52
C ILE C 320 43.91 18.16 -5.70
N VAL C 321 43.14 18.14 -6.78
CA VAL C 321 42.11 19.15 -6.98
C VAL C 321 40.85 18.74 -6.21
N ALA C 322 40.50 19.51 -5.18
CA ALA C 322 39.35 19.22 -4.34
C ALA C 322 38.07 19.67 -4.99
N GLN C 323 38.11 20.80 -5.68
CA GLN C 323 36.87 21.40 -6.16
C GLN C 323 36.54 20.90 -7.57
N LEU C 324 36.15 19.63 -7.65
CA LEU C 324 35.44 19.08 -8.80
C LEU C 324 34.04 18.64 -8.33
N GLY C 325 33.04 18.79 -9.19
CA GLY C 325 31.67 18.46 -8.87
C GLY C 325 31.23 19.24 -7.65
N GLN C 326 30.66 18.55 -6.67
CA GLN C 326 30.23 19.22 -5.45
C GLN C 326 31.34 19.29 -4.39
N GLY C 327 32.58 19.05 -4.80
CA GLY C 327 33.70 18.97 -3.87
C GLY C 327 33.93 17.57 -3.29
N VAL C 328 34.91 17.44 -2.42
CA VAL C 328 35.23 16.17 -1.80
C VAL C 328 34.25 15.88 -0.66
N TYR C 329 33.52 14.79 -0.75
CA TYR C 329 32.55 14.43 0.30
C TYR C 329 33.10 13.40 1.30
N ARG C 330 34.24 12.81 0.98
CA ARG C 330 34.73 11.65 1.68
C ARG C 330 36.21 11.46 1.53
N THR C 331 36.88 11.12 2.63
CA THR C 331 38.25 10.66 2.58
C THR C 331 38.34 9.23 3.09
N LEU C 332 39.10 8.42 2.36
CA LEU C 332 39.37 7.04 2.75
C LEU C 332 40.86 6.90 2.92
N SER C 333 41.30 6.87 4.17
CA SER C 333 42.71 7.05 4.50
C SER C 333 43.36 5.76 4.95
N SER C 334 44.64 5.66 4.66
CA SER C 334 45.45 4.55 5.17
C SER C 334 46.36 5.14 6.21
N THR C 335 46.21 4.67 7.45
CA THR C 335 47.10 5.07 8.53
C THR C 335 48.34 4.13 8.61
N LEU C 336 49.49 4.68 8.98
CA LEU C 336 50.71 3.88 9.17
C LEU C 336 51.25 4.18 10.57
N TYR C 337 51.33 3.14 11.41
CA TYR C 337 51.94 3.26 12.73
C TYR C 337 53.23 2.43 13.00
N ARG C 338 54.41 2.92 12.62
CA ARG C 338 55.61 2.10 12.77
C ARG C 338 55.94 2.08 14.23
N ARG C 339 55.99 0.89 14.81
CA ARG C 339 56.39 0.72 16.19
C ARG C 339 57.49 -0.37 16.23
N PRO C 340 58.72 0.00 15.86
CA PRO C 340 59.83 -0.96 15.88
C PRO C 340 60.15 -1.49 17.27
N PHE C 341 60.74 -2.68 17.32
CA PHE C 341 61.13 -3.30 18.58
C PHE C 341 62.24 -2.48 19.26
N ASN C 342 63.20 -2.00 18.45
CA ASN C 342 64.26 -1.11 18.95
C ASN C 342 64.28 0.24 18.24
N ILE C 343 63.88 1.28 18.97
CA ILE C 343 63.69 2.58 18.37
C ILE C 343 64.89 3.51 18.54
N GLY C 344 65.04 4.44 17.61
CA GLY C 344 66.06 5.50 17.68
C GLY C 344 65.98 6.38 16.45
N ILE C 345 66.88 7.36 16.32
CA ILE C 345 66.81 8.33 15.21
C ILE C 345 66.87 7.63 13.88
N ASN C 346 67.53 6.46 13.84
CA ASN C 346 67.61 5.67 12.60
C ASN C 346 66.56 4.59 12.47
N ASN C 347 65.74 4.45 13.50
CA ASN C 347 64.64 3.51 13.47
C ASN C 347 63.41 4.06 14.21
N GLN C 348 62.71 4.99 13.56
CA GLN C 348 61.73 5.84 14.23
C GLN C 348 60.36 5.22 14.30
N GLN C 349 59.65 5.54 15.39
CA GLN C 349 58.20 5.39 15.43
C GLN C 349 57.60 6.43 14.48
N LEU C 350 56.71 5.96 13.60
CA LEU C 350 55.97 6.81 12.68
C LEU C 350 54.46 6.67 12.95
N SER C 351 53.76 7.81 13.02
CA SER C 351 52.30 7.84 13.07
C SER C 351 51.86 8.88 12.02
N VAL C 352 51.47 8.38 10.86
CA VAL C 352 51.31 9.16 9.67
C VAL C 352 50.27 8.53 8.73
N LEU C 353 50.02 9.19 7.60
CA LEU C 353 49.19 8.64 6.54
C LEU C 353 50.10 8.23 5.39
N ASP C 354 49.99 6.98 4.95
CA ASP C 354 50.68 6.49 3.77
C ASP C 354 49.74 6.42 2.57
N GLY C 355 48.52 6.93 2.74
CA GLY C 355 47.58 7.00 1.63
C GLY C 355 46.28 7.69 2.00
N THR C 356 45.64 8.29 1.02
CA THR C 356 44.28 8.76 1.16
C THR C 356 43.60 8.86 -0.20
N GLU C 357 42.41 8.30 -0.31
CA GLU C 357 41.54 8.51 -1.43
C GLU C 357 40.59 9.66 -1.10
N PHE C 358 40.47 10.60 -2.04
CA PHE C 358 39.54 11.73 -1.95
C PHE C 358 38.40 11.52 -2.95
N ALA C 359 37.19 11.25 -2.46
CA ALA C 359 36.05 10.95 -3.34
C ALA C 359 35.13 12.16 -3.47
N TYR C 360 34.62 12.37 -4.68
CA TYR C 360 33.86 13.55 -5.05
C TYR C 360 32.34 13.41 -4.97
N GLY C 361 31.68 14.44 -4.45
CA GLY C 361 30.22 14.54 -4.53
C GLY C 361 29.88 14.90 -5.96
N THR C 362 28.87 14.24 -6.51
CA THR C 362 28.54 14.44 -7.92
C THR C 362 27.23 13.75 -8.23
N SER C 363 26.43 14.40 -9.07
CA SER C 363 25.11 13.87 -9.47
C SER C 363 25.21 12.80 -10.55
N SER C 364 26.43 12.49 -10.97
CA SER C 364 26.68 11.35 -11.82
C SER C 364 27.86 10.61 -11.20
N ASN C 365 29.04 10.68 -11.80
CA ASN C 365 30.22 10.07 -11.19
C ASN C 365 31.54 10.71 -11.68
N LEU C 366 32.58 10.58 -10.86
CA LEU C 366 33.88 11.20 -11.07
C LEU C 366 34.92 10.33 -10.40
N PRO C 367 35.97 9.94 -11.13
CA PRO C 367 36.96 9.13 -10.45
C PRO C 367 37.60 9.87 -9.29
N SER C 368 37.85 9.16 -8.18
CA SER C 368 38.47 9.74 -7.00
C SER C 368 39.92 10.15 -7.29
N ALA C 369 40.42 11.15 -6.58
CA ALA C 369 41.87 11.43 -6.55
C ALA C 369 42.47 10.55 -5.44
N VAL C 370 43.62 9.96 -5.70
CA VAL C 370 44.26 9.03 -4.79
C VAL C 370 45.71 9.39 -4.53
N TYR C 371 46.02 9.71 -3.27
CA TYR C 371 47.39 9.91 -2.84
C TYR C 371 47.93 8.54 -2.43
N ARG C 372 48.74 7.96 -3.33
CA ARG C 372 49.44 6.67 -3.14
C ARG C 372 48.50 5.45 -3.09
N LYS C 373 47.59 5.42 -2.13
CA LYS C 373 46.60 4.36 -2.08
C LYS C 373 45.40 4.72 -1.23
N SER C 374 44.33 3.95 -1.38
CA SER C 374 43.13 4.09 -0.57
C SER C 374 43.38 3.41 0.76
N GLY C 375 42.49 3.63 1.71
CA GLY C 375 42.56 2.93 3.00
C GLY C 375 41.17 2.78 3.57
N THR C 376 41.06 2.21 4.77
CA THR C 376 39.75 1.94 5.35
C THR C 376 39.40 2.83 6.54
N VAL C 377 40.20 3.84 6.85
CA VAL C 377 39.79 4.84 7.84
C VAL C 377 38.95 5.85 7.07
N ASP C 378 37.64 5.68 7.19
CA ASP C 378 36.66 6.22 6.30
C ASP C 378 35.92 7.33 6.97
N SER C 379 36.02 8.54 6.44
CA SER C 379 35.31 9.70 7.03
C SER C 379 33.81 9.46 7.10
N LEU C 380 33.27 8.70 6.16
CA LEU C 380 31.86 8.40 6.11
C LEU C 380 31.33 7.77 7.40
N ASP C 381 32.18 7.03 8.13
CA ASP C 381 31.81 6.46 9.42
C ASP C 381 31.56 7.54 10.49
N GLU C 382 32.18 8.71 10.38
CA GLU C 382 32.01 9.78 11.34
C GLU C 382 31.16 10.92 10.79
N ILE C 383 31.10 11.03 9.46
CA ILE C 383 30.44 12.15 8.74
C ILE C 383 29.49 11.49 7.74
N PRO C 384 28.42 10.85 8.24
CA PRO C 384 27.58 10.01 7.39
C PRO C 384 26.65 10.78 6.47
N PRO C 385 26.04 10.08 5.50
CA PRO C 385 25.12 10.73 4.57
C PRO C 385 23.88 11.26 5.26
N GLN C 386 23.33 12.33 4.72
CA GLN C 386 22.03 12.85 5.17
C GLN C 386 20.89 12.09 4.50
N ASN C 387 21.14 11.48 3.35
CA ASN C 387 20.11 10.69 2.63
C ASN C 387 20.68 9.36 2.19
N ASN C 388 20.24 8.30 2.83
CA ASN C 388 20.77 6.98 2.58
C ASN C 388 20.06 6.18 1.49
N ASN C 389 19.13 6.85 0.79
CA ASN C 389 18.37 6.24 -0.31
C ASN C 389 18.99 6.38 -1.67
N VAL C 390 20.08 7.13 -1.73
CA VAL C 390 20.85 7.30 -2.93
C VAL C 390 22.29 6.97 -2.56
N PRO C 391 23.19 6.81 -3.54
CA PRO C 391 24.59 6.55 -3.20
C PRO C 391 25.21 7.73 -2.40
N PRO C 392 26.19 7.44 -1.55
CA PRO C 392 26.80 8.45 -0.69
C PRO C 392 27.32 9.68 -1.42
N ARG C 393 27.84 9.49 -2.63
CA ARG C 393 28.32 10.61 -3.41
C ARG C 393 27.20 11.58 -3.84
N GLN C 394 25.93 11.17 -3.70
CA GLN C 394 24.80 12.07 -3.90
C GLN C 394 24.08 12.42 -2.60
N GLY C 395 24.12 11.52 -1.61
CA GLY C 395 23.41 11.72 -0.35
C GLY C 395 24.25 12.27 0.79
N PHE C 396 25.49 12.64 0.50
CA PHE C 396 26.40 13.16 1.50
C PHE C 396 25.83 14.33 2.28
N SER C 397 26.33 14.49 3.49
CA SER C 397 25.92 15.59 4.37
C SER C 397 26.94 16.74 4.43
N HIS C 398 28.22 16.48 4.15
CA HIS C 398 29.27 17.50 4.28
C HIS C 398 30.21 17.57 3.12
N ARG C 399 30.93 18.68 3.05
CA ARG C 399 31.99 18.90 2.08
C ARG C 399 33.31 19.23 2.81
N LEU C 400 34.42 18.69 2.30
CA LEU C 400 35.75 19.00 2.84
C LEU C 400 36.02 20.48 2.62
N SER C 401 36.27 21.21 3.70
CA SER C 401 36.52 22.66 3.62
C SER C 401 37.98 23.05 3.81
N HIS C 402 38.77 22.17 4.43
CA HIS C 402 40.17 22.49 4.76
C HIS C 402 40.87 21.23 5.24
N VAL C 403 42.20 21.25 5.15
CA VAL C 403 43.06 20.25 5.78
C VAL C 403 44.24 20.96 6.46
N SER C 404 44.33 20.87 7.78
CA SER C 404 45.49 21.42 8.51
C SER C 404 46.31 20.21 9.02
N MET C 405 47.21 20.40 9.96
CA MET C 405 48.01 19.26 10.45
C MET C 405 48.51 19.34 11.89
N PHE C 406 48.20 18.31 12.67
CA PHE C 406 48.89 18.12 13.92
C PHE C 406 50.19 17.40 13.61
N ARG C 407 51.27 17.98 14.10
CA ARG C 407 52.62 17.51 13.82
C ARG C 407 53.43 17.49 15.11
N SER C 408 54.29 16.51 15.22
CA SER C 408 55.18 16.40 16.35
C SER C 408 56.41 15.64 15.88
N GLY C 409 57.57 16.15 16.28
CA GLY C 409 58.84 15.52 16.01
C GLY C 409 59.48 15.94 14.73
N PHE C 410 60.81 16.01 14.77
CA PHE C 410 61.59 16.43 13.61
C PHE C 410 62.40 15.23 13.17
N SER C 411 62.48 15.05 11.86
CA SER C 411 63.11 13.87 11.25
C SER C 411 64.55 13.62 11.69
N ASN C 412 65.27 14.72 11.96
CA ASN C 412 66.70 14.65 12.28
C ASN C 412 67.03 14.50 13.75
N SER C 413 66.08 14.77 14.64
CA SER C 413 66.36 14.74 16.07
C SER C 413 65.31 14.07 16.96
N SER C 414 64.28 13.46 16.38
CA SER C 414 63.24 12.76 17.15
C SER C 414 63.19 11.25 16.84
N VAL C 415 62.83 10.49 17.87
CA VAL C 415 62.67 9.05 17.74
C VAL C 415 61.24 8.76 17.31
N SER C 416 60.35 9.74 17.48
CA SER C 416 58.94 9.59 17.17
C SER C 416 58.40 10.71 16.30
N ILE C 417 57.84 10.33 15.14
CA ILE C 417 57.30 11.28 14.19
C ILE C 417 55.79 11.13 14.13
N ILE C 418 55.06 12.23 14.33
CA ILE C 418 53.61 12.31 14.08
C ILE C 418 53.34 13.35 12.98
N ARG C 419 52.62 12.92 11.95
CA ARG C 419 52.06 13.83 10.95
C ARG C 419 50.59 13.42 10.78
N ALA C 420 49.69 14.21 11.36
CA ALA C 420 48.26 13.83 11.48
C ALA C 420 47.37 14.90 10.82
N PRO C 421 47.16 14.77 9.51
CA PRO C 421 46.29 15.73 8.84
C PRO C 421 44.90 15.85 9.50
N MET C 422 44.49 17.10 9.76
CA MET C 422 43.23 17.40 10.40
C MET C 422 42.25 17.81 9.30
N PHE C 423 41.24 17.00 9.10
CA PHE C 423 40.27 17.24 8.05
C PHE C 423 39.10 17.98 8.60
N SER C 424 38.71 19.01 7.87
CA SER C 424 37.68 19.94 8.28
C SER C 424 36.44 19.85 7.33
N TRP C 425 35.25 19.70 7.90
CA TRP C 425 34.03 19.38 7.12
C TRP C 425 32.94 20.37 7.36
N ILE C 426 32.45 20.98 6.29
CA ILE C 426 31.40 21.98 6.37
C ILE C 426 30.11 21.34 5.86
N HIS C 427 28.99 21.71 6.48
CA HIS C 427 27.70 21.13 6.07
C HIS C 427 27.40 21.56 4.68
N ARG C 428 26.78 20.68 3.88
CA ARG C 428 26.55 21.00 2.45
C ARG C 428 25.53 22.12 2.20
N SER C 429 24.70 22.44 3.20
CA SER C 429 23.85 23.65 3.14
C SER C 429 24.65 24.96 3.04
N ALA C 430 25.94 24.93 3.38
CA ALA C 430 26.82 26.06 3.12
C ALA C 430 27.14 26.12 1.63
N GLU C 431 26.29 26.77 0.85
CA GLU C 431 26.41 26.75 -0.62
C GLU C 431 27.64 27.51 -1.08
N PHE C 432 28.19 27.10 -2.21
CA PHE C 432 29.37 27.75 -2.80
C PHE C 432 29.13 29.21 -3.07
N ASN C 433 27.91 29.54 -3.50
CA ASN C 433 27.52 30.92 -3.79
C ASN C 433 26.43 31.35 -2.83
N ASN C 434 26.25 32.66 -2.72
CA ASN C 434 25.12 33.22 -1.99
C ASN C 434 24.06 33.56 -3.02
N ILE C 435 23.07 32.68 -3.14
CA ILE C 435 22.06 32.77 -4.19
C ILE C 435 20.72 33.12 -3.54
N ILE C 436 20.12 34.22 -4.00
CA ILE C 436 18.88 34.73 -3.38
C ILE C 436 17.69 34.13 -4.11
N ALA C 437 16.94 33.31 -3.40
CA ALA C 437 15.74 32.68 -3.96
C ALA C 437 14.66 33.73 -4.19
N SER C 438 13.72 33.44 -5.06
CA SER C 438 12.61 34.37 -5.31
C SER C 438 11.34 33.99 -4.55
N ASP C 439 11.27 32.77 -4.01
CA ASP C 439 10.02 32.27 -3.39
C ASP C 439 10.16 31.85 -1.92
N SER C 440 11.26 32.25 -1.28
CA SER C 440 11.46 31.92 0.12
C SER C 440 12.34 32.98 0.77
N ILE C 441 12.36 33.00 2.10
CA ILE C 441 13.29 33.91 2.83
C ILE C 441 14.70 33.28 2.91
N THR C 442 15.62 33.81 2.10
CA THR C 442 16.99 33.33 2.02
C THR C 442 17.83 33.89 3.16
N GLN C 443 18.36 33.01 4.00
CA GLN C 443 19.31 33.38 5.07
C GLN C 443 20.76 33.24 4.57
N ILE C 444 21.54 34.30 4.70
CA ILE C 444 22.95 34.31 4.32
C ILE C 444 23.79 34.77 5.52
N PRO C 445 24.46 33.82 6.21
CA PRO C 445 25.29 34.19 7.34
C PRO C 445 26.36 35.18 6.95
N ALA C 446 26.66 36.12 7.85
CA ALA C 446 27.64 37.16 7.56
C ALA C 446 29.03 36.59 7.27
N VAL C 447 29.34 35.44 7.87
CA VAL C 447 30.63 34.76 7.62
C VAL C 447 30.77 34.24 6.17
N LYS C 448 29.66 34.25 5.43
CA LYS C 448 29.72 34.01 3.97
C LYS C 448 30.11 35.26 3.16
N GLY C 449 30.53 36.32 3.82
CA GLY C 449 31.01 37.51 3.14
C GLY C 449 32.41 37.27 2.64
N ASN C 450 32.95 38.20 1.84
CA ASN C 450 34.32 38.10 1.32
C ASN C 450 35.21 39.30 1.64
N PHE C 451 34.72 40.26 2.42
CA PHE C 451 35.52 41.44 2.81
C PHE C 451 35.09 41.98 4.19
N LEU C 452 36.06 42.07 5.09
CA LEU C 452 35.83 42.48 6.49
C LEU C 452 36.87 43.53 6.85
N PHE C 453 36.41 44.72 7.25
CA PHE C 453 37.30 45.83 7.61
C PHE C 453 36.97 46.32 9.00
N ASN C 454 38.00 46.50 9.81
CA ASN C 454 37.87 46.86 11.23
C ASN C 454 36.83 45.99 11.93
N GLY C 455 37.08 44.70 11.90
CA GLY C 455 36.23 43.72 12.57
C GLY C 455 36.92 42.37 12.57
N SER C 456 36.27 41.37 13.13
CA SER C 456 36.83 40.03 13.09
C SER C 456 35.72 38.97 13.09
N VAL C 457 36.09 37.77 12.66
CA VAL C 457 35.19 36.64 12.76
C VAL C 457 35.41 36.02 14.12
N ILE C 458 34.34 35.79 14.88
CA ILE C 458 34.43 35.22 16.21
C ILE C 458 33.62 33.92 16.30
N SER C 459 34.02 33.05 17.24
CA SER C 459 33.30 31.82 17.51
C SER C 459 31.85 32.07 17.87
N GLY C 460 30.94 31.35 17.20
CA GLY C 460 29.52 31.42 17.53
C GLY C 460 29.26 30.82 18.91
N PRO C 461 28.17 31.22 19.55
CA PRO C 461 27.85 30.71 20.87
C PRO C 461 27.36 29.28 20.86
N GLY C 462 27.11 28.71 19.69
CA GLY C 462 26.73 27.30 19.54
C GLY C 462 25.32 27.09 18.97
N PHE C 463 24.53 28.15 18.86
CA PHE C 463 23.14 28.01 18.41
C PHE C 463 22.84 28.74 17.10
N THR C 464 23.85 29.30 16.45
CA THR C 464 23.63 30.01 15.20
C THR C 464 23.98 29.20 13.96
N GLY C 465 24.52 28.00 14.14
CA GLY C 465 24.92 27.15 13.03
C GLY C 465 26.26 27.47 12.41
N GLY C 466 27.01 28.37 13.04
CA GLY C 466 28.32 28.76 12.53
C GLY C 466 28.90 29.92 13.33
N ASP C 467 29.91 30.57 12.77
CA ASP C 467 30.55 31.68 13.41
C ASP C 467 29.86 33.02 13.05
N LEU C 468 30.36 34.10 13.66
CA LEU C 468 29.73 35.41 13.61
C LEU C 468 30.74 36.48 13.24
N VAL C 469 30.22 37.62 12.80
CA VAL C 469 31.06 38.75 12.43
C VAL C 469 30.92 39.84 13.48
N ARG C 470 32.04 40.28 14.02
CA ARG C 470 32.06 41.40 14.94
C ARG C 470 32.62 42.63 14.23
N LEU C 471 31.82 43.68 14.17
CA LEU C 471 32.30 44.97 13.69
C LEU C 471 32.73 45.85 14.89
N ASN C 472 33.99 46.28 14.87
CA ASN C 472 34.51 47.16 15.91
C ASN C 472 33.93 48.56 15.79
N SER C 473 34.14 49.35 16.85
CA SER C 473 33.83 50.79 16.82
C SER C 473 34.89 51.52 16.00
N SER C 474 34.53 52.70 15.50
CA SER C 474 35.44 53.48 14.67
C SER C 474 36.55 54.22 15.43
N GLY C 475 36.38 54.41 16.74
CA GLY C 475 37.25 55.30 17.51
C GLY C 475 37.05 56.74 17.06
N ASN C 476 35.80 57.08 16.76
CA ASN C 476 35.39 58.37 16.23
C ASN C 476 36.19 58.80 14.98
N ASN C 477 36.50 57.85 14.10
CA ASN C 477 37.12 58.13 12.82
C ASN C 477 36.27 57.56 11.67
N ILE C 478 35.74 58.45 10.83
CA ILE C 478 34.78 58.07 9.78
C ILE C 478 35.40 57.14 8.72
N GLN C 479 36.72 57.18 8.57
CA GLN C 479 37.42 56.32 7.62
C GLN C 479 37.73 54.92 8.22
N ASN C 480 37.43 54.74 9.50
CA ASN C 480 37.74 53.48 10.20
C ASN C 480 36.47 52.73 10.66
N ARG C 481 35.40 52.86 9.90
CA ARG C 481 34.12 52.25 10.26
C ARG C 481 34.08 50.76 9.93
N GLY C 482 33.76 49.94 10.93
CA GLY C 482 33.61 48.50 10.77
C GLY C 482 32.65 48.16 9.64
N TYR C 483 33.10 47.28 8.74
CA TYR C 483 32.34 46.94 7.54
C TYR C 483 32.51 45.44 7.17
N ILE C 484 31.37 44.80 6.90
CA ILE C 484 31.32 43.45 6.33
C ILE C 484 30.53 43.52 5.01
N GLU C 485 31.13 42.99 3.95
CA GLU C 485 30.53 42.95 2.63
C GLU C 485 30.33 41.50 2.16
N VAL C 486 29.18 41.24 1.54
CA VAL C 486 28.78 39.91 1.10
C VAL C 486 28.40 39.89 -0.38
N PRO C 487 29.10 39.07 -1.21
CA PRO C 487 28.72 38.94 -2.63
C PRO C 487 27.47 38.09 -2.75
N ILE C 488 26.55 38.54 -3.58
CA ILE C 488 25.26 37.86 -3.73
C ILE C 488 24.86 37.78 -5.21
N HIS C 489 24.07 36.77 -5.53
CA HIS C 489 23.64 36.55 -6.90
C HIS C 489 22.15 36.40 -6.92
N PHE C 490 21.50 37.14 -7.80
CA PHE C 490 20.04 37.14 -7.93
C PHE C 490 19.64 36.47 -9.25
N PRO C 491 19.15 35.23 -9.19
CA PRO C 491 18.67 34.64 -10.45
C PRO C 491 17.45 35.34 -11.03
N SER C 492 16.65 35.99 -10.19
CA SER C 492 15.50 36.75 -10.66
C SER C 492 15.74 38.25 -10.50
N THR C 493 15.76 38.98 -11.62
CA THR C 493 16.02 40.43 -11.60
C THR C 493 14.78 41.30 -11.37
N SER C 494 13.59 40.69 -11.29
CA SER C 494 12.34 41.46 -11.09
C SER C 494 11.71 41.30 -9.69
N THR C 495 12.10 40.28 -8.94
CA THR C 495 11.61 40.13 -7.57
C THR C 495 12.09 41.29 -6.69
N ARG C 496 11.20 41.80 -5.85
CA ARG C 496 11.53 42.88 -4.93
C ARG C 496 11.80 42.29 -3.53
N TYR C 497 12.86 42.77 -2.90
CA TYR C 497 13.29 42.22 -1.61
C TYR C 497 13.47 43.29 -0.55
N ARG C 498 12.92 42.99 0.61
CA ARG C 498 13.29 43.67 1.83
C ARG C 498 14.52 42.93 2.42
N VAL C 499 15.51 43.69 2.91
CA VAL C 499 16.69 43.12 3.55
C VAL C 499 16.61 43.26 5.07
N ARG C 500 16.61 42.11 5.76
CA ARG C 500 16.53 42.04 7.20
C ARG C 500 17.87 41.53 7.75
N VAL C 501 18.32 42.09 8.86
CA VAL C 501 19.58 41.70 9.46
C VAL C 501 19.37 41.23 10.88
N ARG C 502 19.98 40.09 11.22
CA ARG C 502 19.95 39.53 12.55
C ARG C 502 21.26 39.90 13.25
N TYR C 503 21.16 40.50 14.44
CA TYR C 503 22.32 41.16 15.08
C TYR C 503 22.26 41.10 16.61
N ALA C 504 23.39 41.43 17.24
CA ALA C 504 23.45 41.56 18.69
C ALA C 504 24.19 42.85 19.06
N SER C 505 23.64 43.58 20.03
CA SER C 505 24.22 44.85 20.48
C SER C 505 23.90 45.13 21.95
N VAL C 506 24.89 45.64 22.68
CA VAL C 506 24.69 46.00 24.09
C VAL C 506 24.11 47.41 24.24
N THR C 507 24.27 48.26 23.23
CA THR C 507 23.73 49.63 23.26
C THR C 507 23.02 49.93 21.96
N PRO C 508 22.09 50.91 21.99
CA PRO C 508 21.55 51.40 20.72
C PRO C 508 22.68 51.86 19.82
N ILE C 509 22.61 51.52 18.55
CA ILE C 509 23.76 51.71 17.69
C ILE C 509 23.27 52.03 16.28
N HIS C 510 23.99 52.94 15.63
CA HIS C 510 23.67 53.37 14.28
C HIS C 510 24.36 52.47 13.27
N LEU C 511 23.55 51.78 12.49
CA LEU C 511 24.04 50.87 11.45
C LEU C 511 23.53 51.29 10.09
N ASN C 512 24.41 51.20 9.10
CA ASN C 512 24.05 51.41 7.72
C ASN C 512 24.12 50.10 6.91
N VAL C 513 23.01 49.72 6.28
CA VAL C 513 23.01 48.61 5.33
C VAL C 513 23.11 49.16 3.89
N ASN C 514 24.11 48.72 3.13
CA ASN C 514 24.19 49.02 1.70
C ASN C 514 23.79 47.83 0.84
N TRP C 515 23.15 48.12 -0.28
CA TRP C 515 22.90 47.16 -1.34
C TRP C 515 23.52 47.82 -2.54
N GLY C 516 24.62 47.24 -3.04
CA GLY C 516 25.49 47.90 -4.00
C GLY C 516 26.08 49.14 -3.35
N ASN C 517 26.08 50.24 -4.08
CA ASN C 517 26.48 51.55 -3.54
C ASN C 517 25.35 52.33 -2.84
N SER C 518 24.13 51.80 -2.84
CA SER C 518 22.98 52.48 -2.26
C SER C 518 22.73 52.09 -0.82
N SER C 519 22.58 53.07 0.05
CA SER C 519 22.19 52.83 1.42
C SER C 519 20.67 52.63 1.49
N ILE C 520 20.23 51.48 2.01
CA ILE C 520 18.79 51.16 2.07
C ILE C 520 18.26 51.18 3.51
N PHE C 521 19.16 51.43 4.46
CA PHE C 521 18.81 51.55 5.87
C PHE C 521 19.96 52.26 6.55
N SER C 522 19.63 53.28 7.32
CA SER C 522 20.64 54.05 8.07
C SER C 522 19.95 54.64 9.28
N ASN C 523 20.07 53.96 10.42
CA ASN C 523 19.35 54.36 11.61
C ASN C 523 19.90 53.67 12.84
N THR C 524 19.49 54.16 14.01
CA THR C 524 19.83 53.55 15.27
C THR C 524 18.93 52.35 15.46
N VAL C 525 19.51 51.24 15.89
CA VAL C 525 18.75 50.04 16.18
C VAL C 525 18.88 49.78 17.67
N PRO C 526 17.86 49.12 18.26
CA PRO C 526 17.88 48.95 19.71
C PRO C 526 18.97 48.02 20.22
N ALA C 527 19.30 48.17 21.50
CA ALA C 527 20.15 47.22 22.18
C ALA C 527 19.36 45.92 22.30
N THR C 528 20.08 44.80 22.29
CA THR C 528 19.44 43.49 22.37
C THR C 528 20.05 42.58 23.44
N ALA C 529 21.20 42.95 23.96
CA ALA C 529 22.00 42.09 24.84
C ALA C 529 22.65 42.88 25.99
N THR C 530 22.93 42.21 27.11
CA THR C 530 23.67 42.83 28.22
C THR C 530 25.18 42.71 28.02
N SER C 531 25.62 41.70 27.29
CA SER C 531 27.05 41.46 27.02
C SER C 531 27.24 40.78 25.67
N LEU C 532 28.31 41.14 24.96
CA LEU C 532 28.65 40.47 23.72
C LEU C 532 29.52 39.21 23.94
N ASP C 533 29.91 38.93 25.17
CA ASP C 533 30.81 37.80 25.46
C ASP C 533 30.13 36.51 25.86
N ASN C 534 28.89 36.54 26.35
CA ASN C 534 28.20 35.30 26.68
C ASN C 534 26.79 35.28 26.12
N LEU C 535 26.70 35.04 24.82
CA LEU C 535 25.46 35.24 24.08
C LEU C 535 24.45 34.14 24.40
N GLN C 536 23.23 34.56 24.66
CA GLN C 536 22.10 33.67 24.81
C GLN C 536 21.15 33.95 23.66
N SER C 537 20.13 33.10 23.53
CA SER C 537 19.21 33.16 22.38
C SER C 537 18.58 34.53 22.15
N SER C 538 18.02 35.09 23.21
CA SER C 538 17.31 36.37 23.10
C SER C 538 18.23 37.55 22.86
N ASP C 539 19.55 37.38 22.92
CA ASP C 539 20.50 38.50 22.64
C ASP C 539 20.55 38.87 21.17
N PHE C 540 19.89 38.09 20.32
CA PHE C 540 19.85 38.42 18.91
C PHE C 540 18.49 39.01 18.56
N GLY C 541 18.54 40.16 17.88
CA GLY C 541 17.34 40.79 17.40
C GLY C 541 17.46 41.03 15.90
N TYR C 542 16.44 41.69 15.37
CA TYR C 542 16.32 41.91 13.95
C TYR C 542 15.99 43.36 13.67
N PHE C 543 16.51 43.90 12.57
CA PHE C 543 16.03 45.15 11.98
C PHE C 543 15.98 44.96 10.47
N GLU C 544 15.29 45.86 9.76
CA GLU C 544 15.10 45.69 8.32
C GLU C 544 14.89 46.99 7.56
N SER C 545 15.24 46.99 6.29
CA SER C 545 14.93 48.09 5.39
C SER C 545 13.41 48.27 5.32
N ALA C 546 12.97 49.54 5.33
CA ALA C 546 11.55 49.88 5.30
C ALA C 546 10.98 49.55 3.92
N ASN C 547 11.78 49.79 2.90
CA ASN C 547 11.37 49.52 1.53
C ASN C 547 12.01 48.26 0.92
N ALA C 548 11.46 47.83 -0.22
CA ALA C 548 11.93 46.66 -0.96
C ALA C 548 12.50 47.07 -2.33
N PHE C 549 13.52 46.35 -2.78
CA PHE C 549 14.25 46.69 -4.00
C PHE C 549 14.57 45.44 -4.81
N THR C 550 15.07 45.66 -6.02
CA THR C 550 15.44 44.59 -6.93
C THR C 550 16.95 44.58 -7.10
N SER C 551 17.42 43.52 -7.74
CA SER C 551 18.84 43.32 -8.03
C SER C 551 19.51 44.44 -8.83
N SER C 552 18.73 45.38 -9.36
CA SER C 552 19.33 46.53 -10.07
C SER C 552 20.26 47.36 -9.18
N LEU C 553 20.05 47.32 -7.87
CA LEU C 553 20.96 48.01 -6.93
C LEU C 553 22.36 47.40 -6.89
N GLY C 554 22.49 46.13 -7.27
CA GLY C 554 23.82 45.52 -7.36
C GLY C 554 23.95 44.11 -6.81
N ASN C 555 25.20 43.66 -6.78
CA ASN C 555 25.55 42.30 -6.43
C ASN C 555 26.36 42.17 -5.14
N ILE C 556 26.31 43.20 -4.29
CA ILE C 556 26.83 43.09 -2.92
C ILE C 556 25.80 43.65 -1.95
N VAL C 557 25.87 43.17 -0.71
CA VAL C 557 25.10 43.72 0.40
C VAL C 557 26.11 43.84 1.54
N GLY C 558 25.91 44.83 2.41
CA GLY C 558 26.85 45.08 3.50
C GLY C 558 26.22 45.77 4.68
N VAL C 559 26.96 45.77 5.80
CA VAL C 559 26.58 46.52 6.98
C VAL C 559 27.80 47.23 7.50
N ARG C 560 27.61 48.51 7.82
CA ARG C 560 28.65 49.35 8.36
C ARG C 560 28.23 49.84 9.76
N ASN C 561 29.16 49.77 10.71
CA ASN C 561 28.94 50.22 12.09
C ASN C 561 29.38 51.67 12.24
N PHE C 562 28.43 52.59 12.38
CA PHE C 562 28.75 54.03 12.45
C PHE C 562 29.24 54.47 13.83
N SER C 563 29.02 53.65 14.86
CA SER C 563 29.38 54.02 16.22
C SER C 563 30.89 54.21 16.38
N GLY C 564 31.26 55.27 17.10
CA GLY C 564 32.65 55.55 17.40
C GLY C 564 33.12 54.82 18.64
N THR C 565 32.17 54.38 19.46
CA THR C 565 32.50 53.79 20.76
C THR C 565 32.05 52.33 20.98
N ALA C 566 31.01 51.89 20.26
CA ALA C 566 30.42 50.57 20.50
C ALA C 566 30.65 49.59 19.34
N GLY C 567 30.82 48.31 19.69
CA GLY C 567 30.95 47.22 18.72
C GLY C 567 29.60 46.57 18.47
N VAL C 568 29.51 45.77 17.41
CA VAL C 568 28.26 45.07 17.12
C VAL C 568 28.54 43.71 16.46
N ILE C 569 27.69 42.73 16.77
CA ILE C 569 27.77 41.41 16.17
C ILE C 569 26.69 41.25 15.09
N ILE C 570 27.13 40.85 13.88
CA ILE C 570 26.21 40.53 12.79
C ILE C 570 26.17 39.00 12.62
N ASP C 571 24.98 38.42 12.75
CA ASP C 571 24.77 37.00 12.53
C ASP C 571 24.56 36.76 11.05
N ARG C 572 23.47 37.27 10.48
CA ARG C 572 23.15 37.02 9.08
C ARG C 572 22.24 38.06 8.42
N PHE C 573 22.32 38.08 7.09
CA PHE C 573 21.41 38.82 6.24
C PHE C 573 20.26 37.90 5.83
N GLU C 574 19.06 38.47 5.67
CA GLU C 574 17.90 37.70 5.25
C GLU C 574 17.18 38.49 4.15
N PHE C 575 16.97 37.87 2.98
CA PHE C 575 16.25 38.51 1.89
C PHE C 575 14.81 38.03 1.86
N ILE C 576 13.88 38.99 1.94
CA ILE C 576 12.45 38.71 2.03
C ILE C 576 11.77 39.18 0.74
N PRO C 577 11.33 38.22 -0.09
CA PRO C 577 10.61 38.61 -1.29
C PRO C 577 9.26 39.22 -0.93
N VAL C 578 8.95 40.39 -1.50
CA VAL C 578 7.65 41.07 -1.25
C VAL C 578 6.75 40.88 -2.45
N THR C 579 7.04 41.41 -3.52
N TYR D 3 -10.49 -11.09 17.11
CA TYR D 3 -10.62 -12.42 16.45
C TYR D 3 -9.93 -13.46 17.32
N THR D 4 -10.38 -14.69 17.26
CA THR D 4 -9.77 -15.78 17.99
C THR D 4 -9.45 -16.91 17.03
N PRO D 5 -8.71 -17.93 17.50
CA PRO D 5 -8.46 -19.14 16.71
C PRO D 5 -9.71 -19.87 16.24
N ILE D 6 -10.81 -19.68 16.94
CA ILE D 6 -12.08 -20.28 16.52
C ILE D 6 -12.57 -19.62 15.25
N ASP D 7 -12.50 -18.29 15.17
CA ASP D 7 -12.86 -17.57 13.95
C ASP D 7 -11.98 -18.00 12.76
N ILE D 8 -10.68 -18.00 13.00
CA ILE D 8 -9.71 -18.38 11.99
C ILE D 8 -9.95 -19.82 11.50
N SER D 9 -10.20 -20.73 12.43
CA SER D 9 -10.40 -22.13 12.07
C SER D 9 -11.68 -22.31 11.27
N LEU D 10 -12.74 -21.60 11.64
CA LEU D 10 -14.00 -21.74 10.90
C LEU D 10 -13.82 -21.27 9.46
N SER D 11 -13.01 -20.24 9.28
CA SER D 11 -12.76 -19.72 7.93
C SER D 11 -11.93 -20.72 7.11
N LEU D 12 -10.93 -21.35 7.74
CA LEU D 12 -10.21 -22.46 7.09
C LEU D 12 -11.15 -23.60 6.67
N THR D 13 -12.03 -24.00 7.57
CA THR D 13 -13.02 -25.02 7.27
C THR D 13 -13.90 -24.67 6.06
N GLN D 14 -14.40 -23.44 6.01
CA GLN D 14 -15.18 -22.97 4.83
C GLN D 14 -14.37 -23.20 3.56
N PHE D 15 -13.11 -22.80 3.60
CA PHE D 15 -12.25 -22.92 2.44
C PHE D 15 -12.01 -24.38 2.05
N LEU D 16 -11.66 -25.22 3.02
CA LEU D 16 -11.37 -26.63 2.74
C LEU D 16 -12.62 -27.36 2.27
N LEU D 17 -13.79 -26.91 2.71
CA LEU D 17 -15.03 -27.52 2.25
C LEU D 17 -15.36 -27.19 0.78
N SER D 18 -15.05 -25.99 0.34
CA SER D 18 -15.54 -25.53 -0.97
C SER D 18 -14.46 -25.44 -2.05
N GLU D 19 -13.18 -25.45 -1.66
CA GLU D 19 -12.10 -25.33 -2.61
C GLU D 19 -11.11 -26.50 -2.57
N PHE D 20 -11.57 -27.70 -2.20
CA PHE D 20 -10.62 -28.82 -2.01
C PHE D 20 -10.25 -29.46 -3.36
N VAL D 21 -9.31 -28.81 -4.02
CA VAL D 21 -8.82 -29.21 -5.33
C VAL D 21 -7.37 -28.80 -5.44
N PRO D 22 -6.51 -29.67 -6.01
CA PRO D 22 -5.11 -29.29 -6.07
C PRO D 22 -4.90 -28.13 -7.02
N GLY D 23 -3.89 -27.31 -6.74
CA GLY D 23 -3.63 -26.15 -7.58
C GLY D 23 -3.15 -24.94 -6.78
N ALA D 24 -2.89 -23.85 -7.48
CA ALA D 24 -2.36 -22.62 -6.83
C ALA D 24 -3.38 -21.99 -5.89
N GLY D 25 -4.66 -22.14 -6.20
CA GLY D 25 -5.73 -21.59 -5.38
C GLY D 25 -5.71 -22.12 -3.96
N PHE D 26 -5.51 -23.44 -3.83
CA PHE D 26 -5.44 -24.11 -2.54
C PHE D 26 -4.27 -23.60 -1.73
N VAL D 27 -3.10 -23.63 -2.36
CA VAL D 27 -1.85 -23.22 -1.73
C VAL D 27 -1.93 -21.77 -1.25
N LEU D 28 -2.54 -20.91 -2.06
CA LEU D 28 -2.66 -19.49 -1.72
C LEU D 28 -3.76 -19.27 -0.68
N GLY D 29 -4.80 -20.08 -0.74
CA GLY D 29 -5.82 -20.08 0.33
C GLY D 29 -5.26 -20.29 1.72
N LEU D 30 -4.37 -21.27 1.85
CA LEU D 30 -3.74 -21.57 3.14
C LEU D 30 -2.87 -20.43 3.64
N VAL D 31 -2.16 -19.76 2.73
CA VAL D 31 -1.39 -18.57 3.12
C VAL D 31 -2.35 -17.47 3.57
N ASP D 32 -3.39 -17.25 2.79
CA ASP D 32 -4.30 -16.18 3.11
C ASP D 32 -4.99 -16.38 4.49
N ILE D 33 -5.42 -17.61 4.78
CA ILE D 33 -6.23 -17.85 5.99
C ILE D 33 -5.39 -18.10 7.26
N ILE D 34 -4.24 -18.77 7.12
CA ILE D 34 -3.47 -19.25 8.26
C ILE D 34 -2.00 -18.83 8.28
N TRP D 35 -1.30 -19.08 7.18
CA TRP D 35 0.17 -19.04 7.18
C TRP D 35 0.82 -17.77 6.68
N GLY D 36 0.00 -16.75 6.34
CA GLY D 36 0.51 -15.50 5.77
C GLY D 36 0.83 -14.40 6.79
N ILE D 37 0.67 -14.74 8.07
CA ILE D 37 0.94 -13.83 9.19
C ILE D 37 2.42 -13.57 9.42
N PHE D 38 2.71 -12.52 10.16
CA PHE D 38 4.08 -12.16 10.53
C PHE D 38 4.18 -12.04 12.05
N GLY D 39 5.20 -12.65 12.62
CA GLY D 39 5.40 -12.60 14.08
C GLY D 39 4.64 -13.70 14.83
N PRO D 40 4.76 -13.70 16.18
CA PRO D 40 4.26 -14.80 17.03
C PRO D 40 2.81 -14.70 17.55
N SER D 41 2.14 -13.57 17.31
CA SER D 41 0.82 -13.30 17.89
C SER D 41 -0.23 -14.39 17.71
N GLN D 42 -0.45 -14.78 16.45
CA GLN D 42 -1.47 -15.74 16.11
C GLN D 42 -1.20 -17.03 16.84
N TRP D 43 0.06 -17.45 16.83
CA TRP D 43 0.44 -18.73 17.42
C TRP D 43 0.29 -18.72 18.92
N ASP D 44 0.74 -17.65 19.55
CA ASP D 44 0.48 -17.46 20.97
C ASP D 44 -1.03 -17.56 21.31
N ALA D 45 -1.88 -16.92 20.49
CA ALA D 45 -3.34 -16.97 20.68
C ALA D 45 -3.92 -18.40 20.54
N PHE D 46 -3.42 -19.15 19.55
CA PHE D 46 -3.83 -20.54 19.41
C PHE D 46 -3.55 -21.34 20.69
N LEU D 47 -2.39 -21.11 21.30
CA LEU D 47 -2.05 -21.82 22.54
C LEU D 47 -2.91 -21.33 23.71
N VAL D 48 -3.02 -20.01 23.90
CA VAL D 48 -3.82 -19.46 25.00
C VAL D 48 -5.26 -20.00 24.98
N GLN D 49 -5.83 -20.11 23.79
CA GLN D 49 -7.21 -20.54 23.64
C GLN D 49 -7.47 -21.90 24.32
N ILE D 50 -6.49 -22.81 24.24
CA ILE D 50 -6.62 -24.11 24.94
C ILE D 50 -6.10 -24.04 26.39
N GLU D 51 -4.96 -23.40 26.57
CA GLU D 51 -4.37 -23.23 27.90
C GLU D 51 -5.36 -22.68 28.92
N GLN D 52 -6.09 -21.62 28.56
CA GLN D 52 -7.01 -20.99 29.51
C GLN D 52 -8.21 -21.90 29.84
N LEU D 53 -8.50 -22.85 28.95
CA LEU D 53 -9.65 -23.72 29.12
C LEU D 53 -9.33 -24.87 30.07
N ILE D 54 -8.17 -25.50 29.87
CA ILE D 54 -7.70 -26.57 30.75
C ILE D 54 -6.94 -26.02 31.96
N ASN D 55 -6.79 -24.69 32.05
CA ASN D 55 -6.11 -24.07 33.19
C ASN D 55 -4.67 -24.56 33.39
N GLN D 56 -3.90 -24.57 32.30
CA GLN D 56 -2.50 -24.99 32.33
C GLN D 56 -1.71 -24.39 31.17
N ARG D 57 -0.67 -23.64 31.51
CA ARG D 57 0.21 -23.03 30.51
C ARG D 57 1.31 -24.03 30.11
N ILE D 58 1.70 -24.01 28.84
CA ILE D 58 2.79 -24.86 28.37
C ILE D 58 4.11 -24.40 28.98
N GLU D 59 4.94 -25.36 29.41
CA GLU D 59 6.27 -25.06 29.94
C GLU D 59 6.99 -24.10 28.99
N GLU D 60 7.59 -23.06 29.55
CA GLU D 60 7.99 -21.88 28.80
C GLU D 60 8.99 -22.12 27.66
N PHE D 61 9.94 -23.02 27.86
CA PHE D 61 10.90 -23.32 26.80
C PHE D 61 10.22 -24.02 25.62
N ALA D 62 9.46 -25.09 25.91
CA ALA D 62 8.72 -25.82 24.87
C ALA D 62 7.72 -24.90 24.15
N ARG D 63 7.14 -23.96 24.89
CA ARG D 63 6.16 -23.02 24.33
C ARG D 63 6.83 -22.09 23.30
N ASN D 64 7.95 -21.49 23.71
CA ASN D 64 8.72 -20.63 22.83
C ASN D 64 9.31 -21.37 21.64
N GLN D 65 9.75 -22.62 21.86
CA GLN D 65 10.23 -23.44 20.75
C GLN D 65 9.12 -23.68 19.72
N ALA D 66 7.90 -23.96 20.19
CA ALA D 66 6.77 -24.23 19.29
C ALA D 66 6.40 -22.99 18.49
N ILE D 67 6.25 -21.87 19.20
CA ILE D 67 5.89 -20.61 18.54
C ILE D 67 6.97 -20.27 17.49
N SER D 68 8.23 -20.30 17.93
CA SER D 68 9.36 -19.95 17.08
C SER D 68 9.38 -20.80 15.81
N ARG D 69 9.12 -22.09 15.95
CA ARG D 69 9.10 -22.97 14.80
C ARG D 69 7.94 -22.65 13.85
N LEU D 70 6.79 -22.28 14.40
CA LEU D 70 5.62 -21.95 13.58
C LEU D 70 5.90 -20.70 12.75
N GLU D 71 6.61 -19.74 13.34
CA GLU D 71 7.05 -18.55 12.59
C GLU D 71 7.91 -18.97 11.39
N GLY D 72 8.85 -19.90 11.62
CA GLY D 72 9.74 -20.38 10.57
C GLY D 72 8.98 -21.04 9.44
N LEU D 73 8.01 -21.88 9.82
CA LEU D 73 7.20 -22.58 8.83
C LEU D 73 6.37 -21.61 7.99
N SER D 74 5.86 -20.56 8.65
CA SER D 74 5.09 -19.53 7.98
C SER D 74 5.90 -18.85 6.87
N ASN D 75 7.07 -18.33 7.25
CA ASN D 75 7.99 -17.69 6.29
C ASN D 75 8.26 -18.61 5.10
N LEU D 76 8.61 -19.85 5.43
CA LEU D 76 9.00 -20.83 4.43
C LEU D 76 7.83 -21.16 3.49
N TYR D 77 6.63 -21.30 4.05
CA TYR D 77 5.47 -21.67 3.23
C TYR D 77 4.99 -20.50 2.33
N GLN D 78 5.20 -19.28 2.80
CA GLN D 78 4.90 -18.10 1.99
C GLN D 78 5.72 -18.10 0.69
N ILE D 79 7.00 -18.46 0.82
CA ILE D 79 7.89 -18.57 -0.33
C ILE D 79 7.46 -19.71 -1.24
N TYR D 80 7.15 -20.85 -0.63
CA TYR D 80 6.67 -22.02 -1.38
C TYR D 80 5.42 -21.65 -2.21
N ALA D 81 4.48 -20.95 -1.57
CA ALA D 81 3.20 -20.57 -2.21
C ALA D 81 3.40 -19.64 -3.43
N GLU D 82 4.25 -18.62 -3.25
CA GLU D 82 4.60 -17.72 -4.37
C GLU D 82 5.30 -18.46 -5.50
N SER D 83 6.22 -19.37 -5.16
CA SER D 83 6.89 -20.16 -6.18
C SER D 83 5.87 -21.01 -6.94
N PHE D 84 4.98 -21.65 -6.19
CA PHE D 84 3.92 -22.49 -6.79
C PHE D 84 3.09 -21.70 -7.81
N ARG D 85 2.66 -20.51 -7.40
CA ARG D 85 1.85 -19.65 -8.26
C ARG D 85 2.58 -19.32 -9.56
N GLU D 86 3.86 -18.95 -9.45
CA GLU D 86 4.64 -18.64 -10.66
C GLU D 86 4.78 -19.89 -11.54
N TRP D 87 5.07 -21.02 -10.91
CA TRP D 87 5.16 -22.27 -11.66
C TRP D 87 3.88 -22.63 -12.38
N GLU D 88 2.73 -22.50 -11.73
CA GLU D 88 1.45 -22.86 -12.38
C GLU D 88 1.13 -21.98 -13.61
N ALA D 89 1.55 -20.73 -13.59
CA ALA D 89 1.37 -19.83 -14.73
C ALA D 89 2.27 -20.21 -15.92
N ASP D 90 3.34 -20.95 -15.67
CA ASP D 90 4.35 -21.27 -16.69
C ASP D 90 4.98 -22.63 -16.38
N PRO D 91 4.18 -23.71 -16.47
CA PRO D 91 4.51 -25.03 -15.91
C PRO D 91 5.68 -25.79 -16.56
N THR D 92 5.96 -25.54 -17.83
CA THR D 92 7.05 -26.23 -18.54
C THR D 92 8.42 -25.55 -18.30
N ASN D 93 8.41 -24.36 -17.70
CA ASN D 93 9.64 -23.61 -17.40
C ASN D 93 10.58 -24.34 -16.44
N PRO D 94 11.77 -24.73 -16.92
CA PRO D 94 12.69 -25.53 -16.10
C PRO D 94 13.24 -24.81 -14.87
N ALA D 95 13.39 -23.50 -14.94
CA ALA D 95 13.84 -22.73 -13.77
C ALA D 95 12.78 -22.84 -12.66
N LEU D 96 11.52 -22.60 -13.04
CA LEU D 96 10.40 -22.67 -12.10
C LEU D 96 10.14 -24.11 -11.57
N ARG D 97 10.31 -25.11 -12.43
CA ARG D 97 10.21 -26.52 -12.03
C ARG D 97 11.29 -26.92 -11.01
N GLU D 98 12.51 -26.46 -11.24
CA GLU D 98 13.61 -26.70 -10.31
C GLU D 98 13.36 -26.02 -8.96
N GLU D 99 12.88 -24.79 -9.03
CA GLU D 99 12.57 -24.05 -7.80
C GLU D 99 11.46 -24.77 -6.99
N MET D 100 10.46 -25.35 -7.66
CA MET D 100 9.42 -26.12 -6.96
C MET D 100 9.97 -27.39 -6.29
N ARG D 101 10.91 -28.07 -6.95
CA ARG D 101 11.56 -29.24 -6.37
C ARG D 101 12.34 -28.89 -5.10
N ILE D 102 13.13 -27.82 -5.16
CA ILE D 102 13.87 -27.34 -4.01
C ILE D 102 12.93 -26.90 -2.89
N GLN D 103 11.92 -26.09 -3.25
CA GLN D 103 10.98 -25.54 -2.26
C GLN D 103 10.20 -26.67 -1.57
N PHE D 104 9.78 -27.67 -2.35
CA PHE D 104 9.07 -28.80 -1.75
C PHE D 104 9.93 -29.55 -0.72
N ASN D 105 11.18 -29.85 -1.09
CA ASN D 105 12.07 -30.58 -0.20
C ASN D 105 12.30 -29.81 1.11
N ASP D 106 12.53 -28.50 1.00
CA ASP D 106 12.72 -27.67 2.18
C ASP D 106 11.47 -27.71 3.08
N MET D 107 10.32 -27.57 2.44
CA MET D 107 9.04 -27.51 3.13
C MET D 107 8.74 -28.86 3.78
N ASN D 108 8.97 -29.94 3.04
CA ASN D 108 8.77 -31.28 3.57
C ASN D 108 9.67 -31.59 4.77
N SER D 109 10.94 -31.24 4.61
CA SER D 109 11.92 -31.47 5.66
C SER D 109 11.63 -30.63 6.92
N ALA D 110 11.34 -29.34 6.73
CA ALA D 110 11.05 -28.45 7.87
C ALA D 110 9.82 -28.92 8.68
N LEU D 111 8.82 -29.45 7.98
CA LEU D 111 7.58 -29.88 8.64
C LEU D 111 7.78 -31.17 9.42
N THR D 112 8.46 -32.14 8.80
CA THR D 112 8.82 -33.40 9.46
C THR D 112 9.61 -33.14 10.75
N THR D 113 10.52 -32.17 10.72
CA THR D 113 11.31 -31.83 11.90
C THR D 113 10.49 -31.08 12.94
N ALA D 114 9.62 -30.18 12.48
CA ALA D 114 8.86 -29.30 13.38
C ALA D 114 7.76 -30.05 14.17
N ILE D 115 7.13 -31.03 13.55
CA ILE D 115 5.90 -31.59 14.11
C ILE D 115 6.02 -32.19 15.51
N PRO D 116 7.07 -32.98 15.77
CA PRO D 116 7.26 -33.46 17.15
C PRO D 116 7.34 -32.35 18.21
N LEU D 117 7.78 -31.15 17.80
CA LEU D 117 7.87 -30.03 18.74
C LEU D 117 6.49 -29.49 19.08
N PHE D 118 5.46 -29.92 18.34
CA PHE D 118 4.07 -29.60 18.66
C PHE D 118 3.39 -30.80 19.34
N ALA D 119 4.16 -31.79 19.75
CA ALA D 119 3.65 -32.98 20.48
C ALA D 119 4.47 -33.23 21.74
N VAL D 120 4.93 -32.17 22.39
CA VAL D 120 5.83 -32.29 23.54
C VAL D 120 5.12 -32.97 24.70
N GLN D 121 5.80 -33.94 25.30
CA GLN D 121 5.26 -34.78 26.38
C GLN D 121 4.70 -33.95 27.53
N ASN D 122 3.51 -34.33 28.03
CA ASN D 122 2.77 -33.61 29.09
C ASN D 122 2.08 -32.31 28.64
N TYR D 123 2.25 -31.95 27.37
CA TYR D 123 1.66 -30.73 26.83
C TYR D 123 0.98 -30.96 25.48
N GLN D 124 0.63 -32.21 25.20
CA GLN D 124 0.02 -32.56 23.93
C GLN D 124 -1.31 -31.81 23.71
N VAL D 125 -2.11 -31.65 24.78
CA VAL D 125 -3.45 -31.06 24.68
C VAL D 125 -3.40 -29.56 24.29
N PRO D 126 -2.69 -28.74 25.08
CA PRO D 126 -2.61 -27.32 24.71
C PRO D 126 -1.88 -27.00 23.39
N LEU D 127 -1.09 -27.94 22.89
CA LEU D 127 -0.39 -27.82 21.61
C LEU D 127 -1.19 -28.41 20.45
N LEU D 128 -2.39 -28.92 20.74
CA LEU D 128 -3.11 -29.73 19.75
C LEU D 128 -3.60 -28.97 18.51
N SER D 129 -4.02 -27.71 18.68
CA SER D 129 -4.51 -26.96 17.51
C SER D 129 -3.35 -26.57 16.57
N VAL D 130 -2.20 -26.17 17.11
CA VAL D 130 -1.04 -25.87 16.26
C VAL D 130 -0.51 -27.16 15.62
N TYR D 131 -0.55 -28.27 16.37
CA TYR D 131 -0.17 -29.57 15.80
C TYR D 131 -1.02 -29.83 14.57
N VAL D 132 -2.33 -29.65 14.71
CA VAL D 132 -3.25 -29.92 13.61
C VAL D 132 -3.04 -28.96 12.43
N GLN D 133 -2.77 -27.70 12.71
CA GLN D 133 -2.43 -26.76 11.62
C GLN D 133 -1.18 -27.23 10.85
N ALA D 134 -0.13 -27.61 11.57
CA ALA D 134 1.11 -28.11 10.96
C ALA D 134 0.87 -29.38 10.16
N ALA D 135 0.12 -30.31 10.76
CA ALA D 135 -0.19 -31.56 10.10
C ALA D 135 -0.93 -31.29 8.79
N ASN D 136 -1.92 -30.38 8.84
CA ASN D 136 -2.68 -30.01 7.67
C ASN D 136 -1.78 -29.49 6.55
N LEU D 137 -0.84 -28.63 6.90
CA LEU D 137 0.08 -28.06 5.91
C LEU D 137 0.98 -29.16 5.32
N HIS D 138 1.42 -30.07 6.18
CA HIS D 138 2.28 -31.17 5.74
C HIS D 138 1.56 -32.06 4.75
N LEU D 139 0.36 -32.48 5.09
CA LEU D 139 -0.42 -33.30 4.17
C LEU D 139 -0.65 -32.55 2.84
N SER D 140 -0.88 -31.25 2.94
CA SER D 140 -1.09 -30.40 1.77
C SER D 140 0.10 -30.43 0.79
N VAL D 141 1.29 -30.26 1.35
CA VAL D 141 2.53 -30.25 0.59
C VAL D 141 2.82 -31.64 0.01
N LEU D 142 2.54 -32.70 0.77
CA LEU D 142 2.74 -34.06 0.26
C LEU D 142 1.75 -34.34 -0.85
N ARG D 143 0.55 -33.81 -0.72
CA ARG D 143 -0.43 -33.93 -1.79
C ARG D 143 0.07 -33.19 -3.04
N ASP D 144 0.69 -32.02 -2.84
CA ASP D 144 1.20 -31.23 -3.95
C ASP D 144 2.18 -32.05 -4.79
N VAL D 145 3.15 -32.66 -4.12
CA VAL D 145 4.17 -33.45 -4.83
C VAL D 145 3.55 -34.68 -5.48
N SER D 146 2.55 -35.27 -4.86
CA SER D 146 1.86 -36.42 -5.45
C SER D 146 1.16 -36.06 -6.75
N VAL D 147 0.47 -34.92 -6.78
CA VAL D 147 -0.26 -34.51 -7.96
C VAL D 147 0.66 -33.91 -9.04
N PHE D 148 1.63 -33.09 -8.63
CA PHE D 148 2.40 -32.24 -9.57
C PHE D 148 3.89 -32.62 -9.66
N GLY D 149 4.35 -33.53 -8.82
CA GLY D 149 5.77 -33.83 -8.70
C GLY D 149 6.43 -34.33 -9.99
N GLN D 150 5.66 -35.08 -10.79
CA GLN D 150 6.16 -35.55 -12.08
C GLN D 150 6.37 -34.34 -12.99
N ARG D 151 5.36 -33.49 -13.13
CA ARG D 151 5.51 -32.26 -13.88
C ARG D 151 6.66 -31.39 -13.37
N TRP D 152 6.94 -31.43 -12.07
CA TRP D 152 8.07 -30.68 -11.53
C TRP D 152 9.42 -31.27 -11.86
N GLY D 153 9.44 -32.55 -12.24
CA GLY D 153 10.67 -33.20 -12.63
C GLY D 153 11.17 -34.25 -11.66
N PHE D 154 10.40 -34.58 -10.63
CA PHE D 154 10.75 -35.71 -9.77
C PHE D 154 10.55 -37.04 -10.50
N ASP D 155 11.38 -38.03 -10.19
CA ASP D 155 11.26 -39.40 -10.74
C ASP D 155 10.17 -40.20 -10.02
N ALA D 156 9.69 -41.24 -10.72
CA ALA D 156 8.57 -42.05 -10.24
C ALA D 156 8.80 -42.66 -8.87
N ALA D 157 10.05 -43.00 -8.56
CA ALA D 157 10.36 -43.62 -7.26
C ALA D 157 10.16 -42.62 -6.12
N THR D 158 10.65 -41.39 -6.31
CA THR D 158 10.46 -40.34 -5.33
C THR D 158 8.99 -40.00 -5.11
N ILE D 159 8.20 -39.98 -6.19
CA ILE D 159 6.78 -39.63 -6.12
C ILE D 159 5.99 -40.67 -5.36
N ASN D 160 6.17 -41.94 -5.72
CA ASN D 160 5.50 -43.06 -5.03
C ASN D 160 5.89 -43.15 -3.55
N SER D 161 7.15 -42.85 -3.26
CA SER D 161 7.61 -42.80 -1.89
C SER D 161 6.93 -41.66 -1.09
N ARG D 162 6.84 -40.46 -1.67
CA ARG D 162 6.16 -39.34 -1.02
C ARG D 162 4.64 -39.62 -0.89
N TYR D 163 4.06 -40.29 -1.87
CA TYR D 163 2.64 -40.65 -1.81
C TYR D 163 2.35 -41.64 -0.68
N ASN D 164 3.24 -42.61 -0.48
CA ASN D 164 3.13 -43.52 0.66
C ASN D 164 3.27 -42.78 1.99
N ASP D 165 4.15 -41.77 2.04
CA ASP D 165 4.21 -40.86 3.20
C ASP D 165 2.83 -40.22 3.44
N LEU D 166 2.21 -39.74 2.36
CA LEU D 166 0.96 -39.01 2.45
C LEU D 166 -0.12 -39.90 3.09
N THR D 167 -0.31 -41.10 2.53
CA THR D 167 -1.40 -41.97 2.99
C THR D 167 -1.14 -42.44 4.42
N ARG D 168 0.11 -42.69 4.76
CA ARG D 168 0.48 -43.10 6.11
C ARG D 168 0.19 -41.96 7.11
N LEU D 169 0.61 -40.75 6.75
CA LEU D 169 0.51 -39.61 7.67
C LEU D 169 -0.92 -39.07 7.80
N ILE D 170 -1.75 -39.25 6.76
CA ILE D 170 -3.18 -38.99 6.90
C ILE D 170 -3.68 -39.76 8.11
N GLY D 171 -3.27 -41.02 8.20
CA GLY D 171 -3.64 -41.88 9.31
C GLY D 171 -3.06 -41.48 10.65
N ASN D 172 -1.74 -41.27 10.69
CA ASN D 172 -1.05 -41.00 11.95
C ASN D 172 -1.46 -39.67 12.56
N TYR D 173 -1.57 -38.65 11.73
CA TYR D 173 -1.95 -37.32 12.23
C TYR D 173 -3.37 -37.36 12.76
N THR D 174 -4.26 -38.01 12.02
CA THR D 174 -5.62 -38.18 12.45
C THR D 174 -5.73 -38.84 13.82
N ASP D 175 -5.07 -39.99 13.97
CA ASP D 175 -5.16 -40.78 15.22
C ASP D 175 -4.58 -40.04 16.40
N TYR D 176 -3.47 -39.34 16.18
CA TYR D 176 -2.87 -38.55 17.22
C TYR D 176 -3.84 -37.45 17.67
N ALA D 177 -4.40 -36.71 16.71
CA ALA D 177 -5.31 -35.60 17.04
C ALA D 177 -6.56 -36.07 17.82
N VAL D 178 -7.19 -37.13 17.34
CA VAL D 178 -8.37 -37.67 18.03
C VAL D 178 -8.07 -38.21 19.42
N ARG D 179 -6.95 -38.90 19.56
CA ARG D 179 -6.51 -39.45 20.84
C ARG D 179 -6.35 -38.37 21.91
N TRP D 180 -5.68 -37.29 21.55
CA TRP D 180 -5.46 -36.21 22.50
C TRP D 180 -6.66 -35.32 22.71
N TYR D 181 -7.54 -35.27 21.72
CA TYR D 181 -8.85 -34.65 21.90
C TYR D 181 -9.62 -35.44 22.98
N ASN D 182 -9.72 -36.76 22.81
CA ASN D 182 -10.44 -37.62 23.77
C ASN D 182 -9.88 -37.50 25.18
N THR D 183 -8.55 -37.48 25.29
CA THR D 183 -7.89 -37.39 26.57
C THR D 183 -8.14 -36.04 27.22
N GLY D 184 -7.97 -34.97 26.46
CA GLY D 184 -8.25 -33.61 26.95
C GLY D 184 -9.70 -33.41 27.40
N LEU D 185 -10.63 -33.90 26.59
CA LEU D 185 -12.06 -33.78 26.91
C LEU D 185 -12.35 -34.50 28.22
N GLU D 186 -11.85 -35.72 28.35
CA GLU D 186 -12.11 -36.54 29.53
C GLU D 186 -11.56 -35.93 30.84
N ARG D 187 -10.41 -35.26 30.76
CA ARG D 187 -9.83 -34.60 31.92
C ARG D 187 -10.64 -33.44 32.44
N VAL D 188 -11.48 -32.86 31.58
CA VAL D 188 -12.29 -31.69 31.96
C VAL D 188 -13.68 -32.10 32.44
N TRP D 189 -14.02 -33.37 32.34
CA TRP D 189 -15.28 -33.85 32.88
C TRP D 189 -15.34 -33.73 34.38
N GLY D 190 -16.50 -33.36 34.91
CA GLY D 190 -16.73 -33.35 36.35
C GLY D 190 -18.20 -33.54 36.66
N PRO D 191 -18.56 -33.66 37.96
CA PRO D 191 -19.93 -34.07 38.33
C PRO D 191 -21.01 -32.97 38.27
N ASP D 192 -20.61 -31.70 38.36
CA ASP D 192 -21.56 -30.60 38.51
C ASP D 192 -21.78 -29.79 37.22
N SER D 193 -22.75 -28.88 37.24
CA SER D 193 -23.10 -28.12 36.02
C SER D 193 -21.97 -27.22 35.56
N ARG D 194 -21.20 -26.69 36.50
CA ARG D 194 -20.05 -25.85 36.14
C ARG D 194 -19.03 -26.68 35.39
N ASP D 195 -18.86 -27.94 35.79
CA ASP D 195 -17.95 -28.84 35.09
C ASP D 195 -18.49 -29.14 33.71
N TRP D 196 -19.79 -29.43 33.60
CA TRP D 196 -20.38 -29.68 32.30
C TRP D 196 -20.20 -28.51 31.34
N VAL D 197 -20.38 -27.28 31.82
CA VAL D 197 -20.21 -26.08 30.98
C VAL D 197 -18.77 -26.03 30.38
N ARG D 198 -17.78 -26.32 31.22
CA ARG D 198 -16.38 -26.36 30.79
C ARG D 198 -16.13 -27.52 29.82
N TYR D 199 -16.69 -28.68 30.12
CA TYR D 199 -16.55 -29.88 29.29
C TYR D 199 -17.13 -29.66 27.89
N ASN D 200 -18.35 -29.14 27.82
CA ASN D 200 -18.98 -28.88 26.55
C ASN D 200 -18.26 -27.76 25.81
N GLN D 201 -17.72 -26.78 26.54
CA GLN D 201 -16.95 -25.71 25.91
C GLN D 201 -15.70 -26.28 25.21
N PHE D 202 -15.04 -27.22 25.88
CA PHE D 202 -13.88 -27.91 25.34
C PHE D 202 -14.29 -28.66 24.07
N ARG D 203 -15.37 -29.44 24.17
CA ARG D 203 -15.87 -30.20 23.03
C ARG D 203 -16.12 -29.25 21.84
N ARG D 204 -16.83 -28.17 22.11
CA ARG D 204 -17.26 -27.23 21.09
C ARG D 204 -16.04 -26.57 20.43
N GLU D 205 -15.18 -25.99 21.25
CA GLU D 205 -14.07 -25.21 20.72
C GLU D 205 -13.05 -26.09 20.00
N LEU D 206 -12.80 -27.29 20.51
CA LEU D 206 -11.88 -28.22 19.85
C LEU D 206 -12.49 -28.99 18.70
N THR D 207 -13.81 -29.09 18.63
CA THR D 207 -14.45 -29.54 17.40
C THR D 207 -14.17 -28.55 16.29
N LEU D 208 -14.31 -27.25 16.60
CA LEU D 208 -14.12 -26.20 15.61
C LEU D 208 -12.65 -25.99 15.21
N THR D 209 -11.73 -26.09 16.17
CA THR D 209 -10.31 -25.84 15.91
C THR D 209 -9.46 -27.10 15.63
N VAL D 210 -9.99 -28.31 15.90
CA VAL D 210 -9.24 -29.56 15.61
C VAL D 210 -10.01 -30.57 14.76
N LEU D 211 -11.12 -31.09 15.29
CA LEU D 211 -11.79 -32.22 14.66
C LEU D 211 -12.33 -31.91 13.27
N ASP D 212 -12.87 -30.69 13.09
CA ASP D 212 -13.43 -30.30 11.79
C ASP D 212 -12.36 -30.34 10.72
N ILE D 213 -11.16 -29.89 11.05
CA ILE D 213 -10.04 -29.88 10.11
C ILE D 213 -9.57 -31.34 9.86
N VAL D 214 -9.43 -32.11 10.94
CA VAL D 214 -9.02 -33.53 10.82
C VAL D 214 -9.97 -34.34 9.93
N ALA D 215 -11.26 -34.02 9.97
CA ALA D 215 -12.24 -34.75 9.16
C ALA D 215 -12.05 -34.57 7.66
N LEU D 216 -11.24 -33.60 7.27
CA LEU D 216 -11.00 -33.34 5.85
C LEU D 216 -9.68 -33.94 5.35
N PHE D 217 -8.87 -34.47 6.27
CA PHE D 217 -7.57 -35.07 5.91
C PHE D 217 -7.63 -36.14 4.82
N PRO D 218 -8.62 -37.03 4.88
CA PRO D 218 -8.67 -38.02 3.81
C PRO D 218 -8.75 -37.41 2.40
N ASN D 219 -9.32 -36.21 2.30
CA ASN D 219 -9.44 -35.54 1.02
C ASN D 219 -8.07 -35.29 0.38
N TYR D 220 -7.01 -35.24 1.17
CA TYR D 220 -5.66 -35.05 0.65
C TYR D 220 -5.09 -36.23 -0.16
N ASP D 221 -5.72 -37.40 -0.11
CA ASP D 221 -5.31 -38.51 -0.95
C ASP D 221 -5.69 -38.25 -2.41
N SER D 222 -4.73 -37.75 -3.17
CA SER D 222 -4.94 -37.35 -4.57
C SER D 222 -5.31 -38.48 -5.52
N ARG D 223 -4.89 -39.73 -5.25
CA ARG D 223 -5.34 -40.84 -6.11
C ARG D 223 -6.79 -41.14 -5.83
N ARG D 224 -7.18 -40.93 -4.58
CA ARG D 224 -8.54 -41.15 -4.19
C ARG D 224 -9.41 -39.97 -4.64
N TYR D 225 -8.87 -38.75 -4.55
CA TYR D 225 -9.63 -37.53 -4.91
C TYR D 225 -8.82 -36.66 -5.89
N PRO D 226 -8.70 -37.10 -7.17
CA PRO D 226 -7.86 -36.42 -8.16
C PRO D 226 -8.47 -35.10 -8.66
N ILE D 227 -9.78 -34.94 -8.55
CA ILE D 227 -10.44 -33.66 -8.83
C ILE D 227 -11.04 -33.09 -7.53
N ARG D 228 -11.68 -31.92 -7.65
CA ARG D 228 -12.36 -31.27 -6.53
C ARG D 228 -13.35 -32.20 -5.83
N THR D 229 -13.31 -32.18 -4.50
CA THR D 229 -14.23 -32.96 -3.67
C THR D 229 -14.80 -32.12 -2.53
N VAL D 230 -16.10 -32.26 -2.31
CA VAL D 230 -16.85 -31.49 -1.33
C VAL D 230 -17.29 -32.43 -0.19
N SER D 231 -16.71 -32.27 1.00
CA SER D 231 -17.16 -32.94 2.21
C SER D 231 -18.35 -32.19 2.86
N GLN D 232 -19.07 -32.89 3.74
CA GLN D 232 -20.17 -32.31 4.52
C GLN D 232 -19.97 -32.70 5.98
N LEU D 233 -19.95 -31.68 6.86
CA LEU D 233 -19.81 -31.92 8.30
C LEU D 233 -21.21 -31.96 8.93
N THR D 234 -21.59 -33.12 9.43
CA THR D 234 -22.95 -33.31 9.94
C THR D 234 -23.01 -33.33 11.47
N ARG D 235 -21.88 -33.32 12.15
CA ARG D 235 -21.85 -33.31 13.60
C ARG D 235 -22.56 -32.07 14.18
N GLU D 236 -23.08 -32.24 15.39
CA GLU D 236 -23.79 -31.18 16.09
C GLU D 236 -22.99 -30.70 17.31
N ILE D 237 -22.95 -29.39 17.52
CA ILE D 237 -22.34 -28.81 18.73
C ILE D 237 -23.42 -28.05 19.51
N TYR D 238 -23.15 -27.74 20.76
CA TYR D 238 -24.23 -27.36 21.67
C TYR D 238 -23.97 -26.06 22.40
N THR D 239 -25.04 -25.28 22.55
CA THR D 239 -25.09 -24.21 23.53
C THR D 239 -26.28 -24.43 24.47
N ASN D 240 -26.20 -23.78 25.63
CA ASN D 240 -27.25 -23.87 26.65
C ASN D 240 -27.22 -22.60 27.48
N PRO D 241 -28.01 -21.60 27.08
CA PRO D 241 -28.01 -20.30 27.74
C PRO D 241 -28.26 -20.33 29.26
N VAL D 242 -29.26 -21.09 29.73
CA VAL D 242 -29.55 -21.13 31.16
C VAL D 242 -28.32 -21.61 31.94
N LEU D 243 -27.67 -22.68 31.51
CA LEU D 243 -26.51 -23.22 32.21
C LEU D 243 -25.26 -22.38 32.03
N GLU D 244 -25.00 -21.91 30.81
CA GLU D 244 -23.79 -21.15 30.50
C GLU D 244 -23.79 -19.71 31.08
N ASN D 245 -24.96 -19.13 31.31
CA ASN D 245 -25.07 -17.79 31.92
C ASN D 245 -25.29 -17.85 33.44
N PHE D 246 -25.19 -19.03 34.03
CA PHE D 246 -25.37 -19.28 35.47
C PHE D 246 -24.01 -19.24 36.20
N ASP D 247 -23.89 -18.40 37.22
CA ASP D 247 -22.65 -18.24 37.97
C ASP D 247 -22.51 -19.31 39.05
N GLY D 248 -23.62 -19.88 39.50
CA GLY D 248 -23.56 -20.95 40.50
C GLY D 248 -23.26 -22.28 39.85
N SER D 249 -23.55 -23.37 40.55
CA SER D 249 -23.32 -24.70 39.99
C SER D 249 -24.29 -25.72 40.59
N PHE D 250 -25.07 -26.39 39.75
CA PHE D 250 -26.00 -27.44 40.21
C PHE D 250 -25.21 -28.73 40.48
N ARG D 251 -25.16 -29.15 41.74
CA ARG D 251 -24.36 -30.31 42.13
C ARG D 251 -24.89 -31.60 41.54
N GLY D 252 -23.98 -32.44 41.06
CA GLY D 252 -24.34 -33.76 40.58
C GLY D 252 -25.17 -33.81 39.30
N SER D 253 -25.33 -32.69 38.59
CA SER D 253 -26.22 -32.63 37.45
C SER D 253 -25.53 -32.93 36.11
N ALA D 254 -24.21 -33.01 36.07
CA ALA D 254 -23.46 -33.08 34.79
C ALA D 254 -23.91 -34.24 33.89
N GLN D 255 -24.05 -35.41 34.48
CA GLN D 255 -24.52 -36.60 33.76
C GLN D 255 -25.92 -36.38 33.15
N GLY D 256 -26.84 -35.84 33.95
CA GLY D 256 -28.19 -35.55 33.46
C GLY D 256 -28.22 -34.53 32.34
N ILE D 257 -27.34 -33.53 32.39
CA ILE D 257 -27.27 -32.49 31.35
C ILE D 257 -26.79 -33.11 30.05
N GLU D 258 -25.73 -33.94 30.17
CA GLU D 258 -25.15 -34.59 29.00
C GLU D 258 -26.18 -35.49 28.34
N ARG D 259 -27.02 -36.13 29.14
CA ARG D 259 -28.02 -37.05 28.59
C ARG D 259 -29.23 -36.34 28.01
N SER D 260 -29.33 -35.03 28.21
CA SER D 260 -30.42 -34.30 27.60
C SER D 260 -30.13 -34.03 26.11
N ILE D 261 -28.92 -34.29 25.66
CA ILE D 261 -28.60 -34.25 24.23
C ILE D 261 -29.23 -35.48 23.58
N ARG D 262 -29.84 -35.35 22.41
CA ARG D 262 -30.44 -36.53 21.81
C ARG D 262 -29.38 -37.46 21.25
N SER D 263 -29.75 -38.73 21.13
CA SER D 263 -28.79 -39.77 20.80
C SER D 263 -28.54 -39.77 19.29
N PRO D 264 -27.56 -40.55 18.84
CA PRO D 264 -27.22 -40.54 17.43
C PRO D 264 -28.43 -40.83 16.55
N HIS D 265 -28.52 -40.16 15.41
CA HIS D 265 -29.74 -40.18 14.60
C HIS D 265 -29.41 -39.91 13.16
N LEU D 266 -30.30 -40.28 12.25
CA LEU D 266 -30.21 -39.80 10.87
C LEU D 266 -30.42 -38.28 10.88
N MET D 267 -29.67 -37.57 10.04
CA MET D 267 -29.79 -36.13 9.94
C MET D 267 -31.22 -35.74 9.60
N ASP D 268 -31.75 -34.74 10.30
CA ASP D 268 -33.04 -34.18 9.95
C ASP D 268 -32.93 -32.67 9.79
N ILE D 269 -34.02 -32.05 9.38
CA ILE D 269 -34.10 -30.60 9.19
C ILE D 269 -35.14 -30.08 10.15
N LEU D 270 -34.74 -29.15 11.02
CA LEU D 270 -35.66 -28.54 11.99
C LEU D 270 -36.65 -27.64 11.24
N ASN D 271 -37.94 -27.95 11.36
CA ASN D 271 -38.98 -27.13 10.75
C ASN D 271 -39.55 -26.07 11.71
N SER D 272 -39.89 -26.51 12.91
CA SER D 272 -40.56 -25.63 13.85
C SER D 272 -40.43 -26.09 15.31
N ILE D 273 -40.61 -25.13 16.21
CA ILE D 273 -40.59 -25.37 17.64
C ILE D 273 -41.83 -24.73 18.18
N THR D 274 -42.62 -25.50 18.91
CA THR D 274 -43.83 -24.97 19.52
C THR D 274 -43.57 -24.89 21.00
N ILE D 275 -43.56 -23.67 21.54
CA ILE D 275 -43.08 -23.42 22.90
C ILE D 275 -44.27 -23.21 23.80
N TYR D 276 -44.23 -23.88 24.95
CA TYR D 276 -45.26 -23.74 25.96
C TYR D 276 -44.76 -22.85 27.06
N THR D 277 -45.62 -21.96 27.54
CA THR D 277 -45.31 -21.03 28.58
C THR D 277 -45.98 -21.39 29.90
N ASP D 278 -45.19 -21.41 30.97
CA ASP D 278 -45.72 -21.56 32.33
C ASP D 278 -45.41 -20.25 33.04
N ALA D 279 -45.92 -20.10 34.27
CA ALA D 279 -45.75 -18.87 35.02
C ALA D 279 -45.69 -19.15 36.51
N HIS D 280 -44.92 -18.33 37.22
CA HIS D 280 -44.84 -18.42 38.67
C HIS D 280 -44.63 -17.03 39.23
N ARG D 281 -45.58 -16.59 40.03
CA ARG D 281 -45.58 -15.27 40.65
C ARG D 281 -45.37 -14.16 39.64
N GLY D 282 -46.05 -14.26 38.51
CA GLY D 282 -45.97 -13.23 37.48
C GLY D 282 -44.78 -13.32 36.55
N TYR D 283 -43.90 -14.30 36.76
CA TYR D 283 -42.79 -14.56 35.83
C TYR D 283 -43.19 -15.64 34.84
N TYR D 284 -43.27 -15.26 33.57
CA TYR D 284 -43.60 -16.15 32.47
C TYR D 284 -42.34 -16.77 31.85
N TYR D 285 -42.37 -18.07 31.60
CA TYR D 285 -41.19 -18.74 31.03
C TYR D 285 -41.48 -19.93 30.16
N TRP D 286 -40.47 -20.27 29.36
CA TRP D 286 -40.43 -21.42 28.48
C TRP D 286 -40.41 -22.68 29.32
N SER D 287 -41.57 -23.35 29.46
CA SER D 287 -41.64 -24.56 30.30
C SER D 287 -41.41 -25.85 29.56
N GLY D 288 -41.74 -25.86 28.28
CA GLY D 288 -41.58 -27.07 27.48
C GLY D 288 -41.76 -26.71 26.04
N HIS D 289 -41.45 -27.65 25.15
CA HIS D 289 -41.65 -27.41 23.74
C HIS D 289 -41.74 -28.69 22.96
N GLN D 290 -42.20 -28.56 21.72
CA GLN D 290 -42.30 -29.67 20.82
C GLN D 290 -41.56 -29.33 19.53
N ILE D 291 -40.73 -30.26 19.09
CA ILE D 291 -39.97 -30.11 17.87
C ILE D 291 -40.66 -30.84 16.72
N MET D 292 -40.75 -30.18 15.58
CA MET D 292 -41.14 -30.83 14.34
C MET D 292 -39.97 -30.73 13.35
N ALA D 293 -39.66 -31.85 12.71
CA ALA D 293 -38.54 -31.93 11.77
C ALA D 293 -38.93 -32.75 10.54
N SER D 294 -38.12 -32.63 9.49
CA SER D 294 -38.24 -33.43 8.27
C SER D 294 -36.96 -34.20 7.97
N PRO D 295 -37.07 -35.28 7.17
CA PRO D 295 -35.88 -35.98 6.69
C PRO D 295 -35.08 -35.12 5.73
N VAL D 296 -33.84 -35.49 5.49
CA VAL D 296 -33.04 -34.80 4.51
C VAL D 296 -33.80 -34.71 3.18
N GLY D 297 -33.73 -33.54 2.55
CA GLY D 297 -34.40 -33.33 1.27
C GLY D 297 -35.91 -33.21 1.33
N PHE D 298 -36.45 -33.07 2.53
CA PHE D 298 -37.88 -33.08 2.75
C PHE D 298 -38.50 -34.27 2.02
N SER D 299 -37.88 -35.43 2.20
CA SER D 299 -38.16 -36.60 1.36
C SER D 299 -39.13 -37.56 2.03
N GLY D 300 -39.88 -37.07 3.01
CA GLY D 300 -40.79 -37.93 3.75
C GLY D 300 -41.64 -37.02 4.61
N PRO D 301 -42.68 -37.57 5.25
CA PRO D 301 -43.51 -36.65 6.02
C PRO D 301 -42.79 -36.05 7.24
N GLU D 302 -43.24 -34.86 7.63
CA GLU D 302 -42.76 -34.20 8.82
C GLU D 302 -43.08 -35.07 10.04
N PHE D 303 -42.15 -35.21 10.97
CA PHE D 303 -42.41 -35.97 12.20
C PHE D 303 -42.26 -35.08 13.43
N THR D 304 -42.88 -35.51 14.53
CA THR D 304 -42.91 -34.74 15.77
C THR D 304 -42.20 -35.54 16.83
N PHE D 305 -41.36 -34.87 17.61
CA PHE D 305 -40.69 -35.54 18.72
C PHE D 305 -41.58 -35.54 19.95
N PRO D 306 -41.34 -36.45 20.89
CA PRO D 306 -42.05 -36.34 22.17
C PRO D 306 -41.80 -34.98 22.85
N LEU D 307 -42.77 -34.53 23.65
CA LEU D 307 -42.67 -33.28 24.39
C LEU D 307 -41.36 -33.16 25.16
N TYR D 308 -40.69 -32.01 25.02
CA TYR D 308 -39.57 -31.66 25.89
C TYR D 308 -40.15 -30.81 27.02
N GLY D 309 -39.76 -31.11 28.24
CA GLY D 309 -40.17 -30.34 29.40
C GLY D 309 -41.64 -30.59 29.74
N THR D 310 -42.33 -29.56 30.22
CA THR D 310 -43.71 -29.68 30.69
C THR D 310 -44.58 -28.68 29.96
N MET D 311 -45.82 -29.09 29.66
CA MET D 311 -46.76 -28.28 28.87
C MET D 311 -47.51 -27.29 29.75
N GLY D 312 -47.03 -26.06 29.80
CA GLY D 312 -47.70 -25.02 30.56
C GLY D 312 -48.75 -24.33 29.73
N ASN D 313 -49.72 -23.72 30.41
CA ASN D 313 -50.80 -23.02 29.74
C ASN D 313 -51.04 -21.63 30.34
N ALA D 314 -50.01 -21.04 30.92
CA ALA D 314 -50.11 -19.68 31.46
C ALA D 314 -50.29 -18.67 30.36
N ALA D 315 -49.97 -19.07 29.13
CA ALA D 315 -50.22 -18.23 27.96
C ALA D 315 -50.33 -19.15 26.75
N PRO D 316 -50.86 -18.64 25.65
CA PRO D 316 -51.02 -19.53 24.49
C PRO D 316 -49.69 -20.06 23.95
N GLN D 317 -49.73 -21.29 23.43
CA GLN D 317 -48.55 -21.87 22.81
C GLN D 317 -48.09 -21.01 21.63
N GLN D 318 -46.80 -21.01 21.33
CA GLN D 318 -46.30 -20.25 20.19
C GLN D 318 -45.47 -21.15 19.27
N ARG D 319 -45.89 -21.22 18.01
CA ARG D 319 -45.18 -21.96 16.99
C ARG D 319 -44.14 -21.06 16.32
N ILE D 320 -42.86 -21.35 16.54
CA ILE D 320 -41.75 -20.66 15.87
C ILE D 320 -41.36 -21.51 14.67
N VAL D 321 -41.46 -20.94 13.46
CA VAL D 321 -41.02 -21.63 12.26
C VAL D 321 -39.52 -21.39 12.08
N ALA D 322 -38.73 -22.46 12.23
CA ALA D 322 -37.28 -22.37 12.12
C ALA D 322 -36.84 -22.39 10.67
N GLN D 323 -37.54 -23.13 9.82
CA GLN D 323 -37.09 -23.29 8.44
C GLN D 323 -37.66 -22.23 7.48
N LEU D 324 -37.16 -21.01 7.63
CA LEU D 324 -37.28 -19.94 6.63
C LEU D 324 -35.87 -19.58 6.17
N GLY D 325 -35.72 -19.21 4.90
CA GLY D 325 -34.42 -18.82 4.35
C GLY D 325 -33.44 -19.97 4.51
N GLN D 326 -32.27 -19.69 5.06
CA GLN D 326 -31.30 -20.75 5.32
C GLN D 326 -31.45 -21.38 6.70
N GLY D 327 -32.58 -21.14 7.36
CA GLY D 327 -32.82 -21.63 8.72
C GLY D 327 -32.35 -20.63 9.77
N VAL D 328 -32.48 -21.02 11.02
CA VAL D 328 -32.04 -20.17 12.12
C VAL D 328 -30.52 -20.25 12.34
N TYR D 329 -29.82 -19.13 12.23
CA TYR D 329 -28.35 -19.11 12.37
C TYR D 329 -27.91 -18.64 13.75
N ARG D 330 -28.85 -18.13 14.54
CA ARG D 330 -28.51 -17.43 15.76
C ARG D 330 -29.68 -17.39 16.73
N THR D 331 -29.38 -17.60 18.00
CA THR D 331 -30.35 -17.37 19.06
C THR D 331 -29.84 -16.30 20.00
N LEU D 332 -30.73 -15.38 20.36
CA LEU D 332 -30.44 -14.36 21.34
C LEU D 332 -31.44 -14.55 22.48
N SER D 333 -30.96 -15.09 23.60
CA SER D 333 -31.84 -15.57 24.67
C SER D 333 -31.82 -14.67 25.91
N SER D 334 -32.96 -14.64 26.62
CA SER D 334 -33.05 -13.96 27.89
C SER D 334 -33.20 -15.03 28.96
N THR D 335 -32.24 -15.07 29.88
CA THR D 335 -32.28 -15.99 31.01
C THR D 335 -33.05 -15.40 32.19
N LEU D 336 -33.75 -16.24 32.93
CA LEU D 336 -34.42 -15.85 34.17
C LEU D 336 -33.96 -16.75 35.30
N TYR D 337 -33.29 -16.15 36.29
CA TYR D 337 -32.93 -16.85 37.50
C TYR D 337 -33.78 -16.14 38.55
N ARG D 338 -34.59 -16.91 39.27
CA ARG D 338 -35.16 -16.44 40.53
C ARG D 338 -34.46 -17.13 41.68
N ARG D 339 -33.90 -16.33 42.59
CA ARG D 339 -33.26 -16.85 43.80
C ARG D 339 -33.79 -16.08 45.01
N PRO D 340 -35.01 -16.40 45.45
CA PRO D 340 -35.62 -15.69 46.60
C PRO D 340 -34.88 -15.96 47.91
N PHE D 341 -34.98 -15.05 48.88
CA PHE D 341 -34.41 -15.28 50.21
C PHE D 341 -35.16 -16.41 50.92
N ASN D 342 -36.49 -16.40 50.83
CA ASN D 342 -37.30 -17.38 51.51
C ASN D 342 -37.94 -18.28 50.49
N ILE D 343 -37.35 -19.45 50.26
CA ILE D 343 -37.80 -20.33 49.17
C ILE D 343 -38.79 -21.37 49.65
N GLY D 344 -39.67 -21.79 48.76
CA GLY D 344 -40.62 -22.88 49.03
C GLY D 344 -41.53 -23.09 47.82
N ILE D 345 -42.49 -23.99 47.93
CA ILE D 345 -43.37 -24.33 46.82
C ILE D 345 -44.10 -23.09 46.31
N ASN D 346 -44.37 -22.13 47.20
CA ASN D 346 -45.02 -20.88 46.79
C ASN D 346 -44.04 -19.77 46.42
N ASN D 347 -42.75 -20.02 46.57
CA ASN D 347 -41.73 -19.04 46.19
C ASN D 347 -40.47 -19.74 45.65
N GLN D 348 -40.55 -20.18 44.41
CA GLN D 348 -39.58 -21.11 43.85
C GLN D 348 -38.36 -20.45 43.27
N GLN D 349 -37.23 -21.14 43.39
CA GLN D 349 -36.08 -20.85 42.54
C GLN D 349 -36.44 -21.27 41.11
N LEU D 350 -36.22 -20.36 40.16
CA LEU D 350 -36.38 -20.61 38.72
C LEU D 350 -35.05 -20.43 37.98
N SER D 351 -34.70 -21.38 37.12
CA SER D 351 -33.58 -21.23 36.19
C SER D 351 -34.07 -21.64 34.79
N VAL D 352 -34.43 -20.63 33.99
CA VAL D 352 -35.27 -20.80 32.82
C VAL D 352 -34.99 -19.71 31.78
N LEU D 353 -35.68 -19.78 30.65
CA LEU D 353 -35.66 -18.72 29.64
C LEU D 353 -37.02 -18.01 29.66
N ASP D 354 -37.01 -16.68 29.76
CA ASP D 354 -38.22 -15.87 29.61
C ASP D 354 -38.28 -15.21 28.23
N GLY D 355 -37.34 -15.56 27.36
CA GLY D 355 -37.35 -15.04 26.00
C GLY D 355 -36.27 -15.62 25.13
N THR D 356 -36.50 -15.65 23.83
CA THR D 356 -35.46 -15.94 22.87
C THR D 356 -35.85 -15.40 21.51
N GLU D 357 -34.92 -14.69 20.89
CA GLU D 357 -35.03 -14.30 19.48
C GLU D 357 -34.30 -15.31 18.62
N PHE D 358 -34.98 -15.77 17.57
CA PHE D 358 -34.44 -16.69 16.58
C PHE D 358 -34.20 -15.94 15.28
N ALA D 359 -32.94 -15.67 14.93
CA ALA D 359 -32.62 -14.90 13.72
C ALA D 359 -32.26 -15.84 12.55
N TYR D 360 -32.70 -15.45 11.36
CA TYR D 360 -32.60 -16.27 10.14
C TYR D 360 -31.39 -15.98 9.26
N GLY D 361 -30.77 -17.04 8.74
CA GLY D 361 -29.78 -16.92 7.68
C GLY D 361 -30.52 -16.58 6.42
N THR D 362 -29.99 -15.63 5.65
CA THR D 362 -30.68 -15.17 4.47
C THR D 362 -29.79 -14.25 3.64
N SER D 363 -29.88 -14.36 2.32
CA SER D 363 -29.06 -13.56 1.40
C SER D 363 -29.60 -12.16 1.24
N SER D 364 -30.71 -11.86 1.89
CA SER D 364 -31.22 -10.50 1.95
C SER D 364 -31.53 -10.23 3.42
N ASN D 365 -32.80 -10.18 3.80
CA ASN D 365 -33.15 -10.05 5.21
C ASN D 365 -34.55 -10.56 5.52
N LEU D 366 -34.75 -10.97 6.76
CA LEU D 366 -35.98 -11.59 7.23
C LEU D 366 -36.14 -11.22 8.69
N PRO D 367 -37.30 -10.66 9.07
CA PRO D 367 -37.46 -10.39 10.49
C PRO D 367 -37.35 -11.67 11.34
N SER D 368 -36.72 -11.55 12.50
CA SER D 368 -36.55 -12.64 13.43
C SER D 368 -37.88 -13.10 14.00
N ALA D 369 -37.97 -14.37 14.37
CA ALA D 369 -39.07 -14.85 15.20
C ALA D 369 -38.66 -14.59 16.65
N VAL D 370 -39.60 -14.11 17.46
CA VAL D 370 -39.33 -13.79 18.86
C VAL D 370 -40.32 -14.49 19.77
N TYR D 371 -39.81 -15.29 20.70
CA TYR D 371 -40.59 -15.80 21.81
C TYR D 371 -40.49 -14.79 22.95
N ARG D 372 -41.58 -14.02 23.15
CA ARG D 372 -41.74 -13.04 24.21
C ARG D 372 -40.78 -11.84 24.09
N LYS D 373 -39.48 -12.07 24.15
CA LYS D 373 -38.52 -11.00 23.96
C LYS D 373 -37.12 -11.53 23.61
N SER D 374 -36.28 -10.62 23.12
CA SER D 374 -34.89 -10.91 22.83
C SER D 374 -34.11 -10.88 24.13
N GLY D 375 -32.87 -11.31 24.08
CA GLY D 375 -32.00 -11.23 25.24
C GLY D 375 -30.57 -11.13 24.77
N THR D 376 -29.63 -11.09 25.70
CA THR D 376 -28.24 -10.87 25.33
C THR D 376 -27.35 -12.10 25.53
N VAL D 377 -27.90 -13.25 25.85
CA VAL D 377 -27.11 -14.48 25.79
C VAL D 377 -27.17 -14.95 24.32
N ASP D 378 -26.08 -14.66 23.62
CA ASP D 378 -26.00 -14.68 22.15
C ASP D 378 -25.18 -15.87 21.67
N SER D 379 -25.84 -16.76 20.92
CA SER D 379 -25.15 -17.93 20.35
C SER D 379 -23.96 -17.58 19.45
N LEU D 380 -24.03 -16.43 18.79
CA LEU D 380 -22.96 -15.99 17.92
C LEU D 380 -21.60 -15.86 18.64
N ASP D 381 -21.61 -15.56 19.94
CA ASP D 381 -20.39 -15.53 20.75
C ASP D 381 -19.72 -16.91 20.86
N GLU D 382 -20.49 -17.99 20.76
CA GLU D 382 -19.95 -19.35 20.85
C GLU D 382 -19.91 -20.05 19.51
N ILE D 383 -20.74 -19.60 18.58
CA ILE D 383 -20.93 -20.24 17.27
C ILE D 383 -20.75 -19.13 16.23
N PRO D 384 -19.50 -18.65 16.05
CA PRO D 384 -19.25 -17.46 15.23
C PRO D 384 -19.34 -17.68 13.72
N PRO D 385 -19.35 -16.59 12.95
CA PRO D 385 -19.42 -16.68 11.50
C PRO D 385 -18.17 -17.33 10.89
N GLN D 386 -18.35 -18.01 9.76
CA GLN D 386 -17.24 -18.52 8.96
C GLN D 386 -16.66 -17.44 8.06
N ASN D 387 -17.47 -16.43 7.74
CA ASN D 387 -17.02 -15.31 6.91
C ASN D 387 -17.41 -13.99 7.54
N ASN D 388 -16.45 -13.28 8.11
CA ASN D 388 -16.73 -12.02 8.81
C ASN D 388 -16.63 -10.77 7.89
N ASN D 389 -16.53 -10.96 6.57
CA ASN D 389 -16.53 -9.87 5.59
C ASN D 389 -17.91 -9.46 5.10
N VAL D 390 -18.93 -10.19 5.54
CA VAL D 390 -20.32 -9.89 5.23
C VAL D 390 -21.07 -9.93 6.55
N PRO D 391 -22.33 -9.45 6.59
CA PRO D 391 -23.11 -9.59 7.83
C PRO D 391 -23.31 -11.06 8.30
N PRO D 392 -23.40 -11.27 9.62
CA PRO D 392 -23.54 -12.62 10.20
C PRO D 392 -24.66 -13.46 9.58
N ARG D 393 -25.76 -12.83 9.22
CA ARG D 393 -26.86 -13.59 8.62
C ARG D 393 -26.51 -14.16 7.23
N GLN D 394 -25.43 -13.70 6.62
CA GLN D 394 -24.90 -14.27 5.40
C GLN D 394 -23.63 -15.08 5.60
N GLY D 395 -22.82 -14.69 6.59
CA GLY D 395 -21.55 -15.33 6.84
C GLY D 395 -21.53 -16.38 7.95
N PHE D 396 -22.71 -16.73 8.46
CA PHE D 396 -22.85 -17.73 9.50
C PHE D 396 -22.21 -19.07 9.16
N SER D 397 -21.83 -19.80 10.22
CA SER D 397 -21.15 -21.10 10.08
C SER D 397 -22.08 -22.27 10.35
N HIS D 398 -23.14 -22.08 11.15
CA HIS D 398 -23.99 -23.17 11.54
C HIS D 398 -25.45 -22.86 11.42
N ARG D 399 -26.26 -23.92 11.46
CA ARG D 399 -27.71 -23.84 11.47
C ARG D 399 -28.26 -24.59 12.68
N LEU D 400 -29.30 -24.04 13.30
CA LEU D 400 -29.98 -24.69 14.42
C LEU D 400 -30.63 -25.96 13.89
N SER D 401 -30.24 -27.10 14.47
CA SER D 401 -30.74 -28.40 13.99
C SER D 401 -31.76 -29.02 14.93
N HIS D 402 -31.74 -28.60 16.19
CA HIS D 402 -32.63 -29.19 17.20
C HIS D 402 -32.59 -28.36 18.46
N VAL D 403 -33.62 -28.51 19.28
CA VAL D 403 -33.63 -27.98 20.62
C VAL D 403 -34.20 -29.05 21.54
N SER D 404 -33.38 -29.55 22.47
CA SER D 404 -33.86 -30.49 23.48
C SER D 404 -33.89 -29.74 24.81
N MET D 405 -33.99 -30.43 25.94
CA MET D 405 -34.05 -29.71 27.22
C MET D 405 -33.50 -30.44 28.43
N PHE D 406 -32.59 -29.78 29.16
CA PHE D 406 -32.26 -30.23 30.50
C PHE D 406 -33.34 -29.65 31.42
N ARG D 407 -33.94 -30.53 32.20
CA ARG D 407 -35.11 -30.18 33.03
C ARG D 407 -34.99 -30.82 34.39
N SER D 408 -35.50 -30.13 35.40
CA SER D 408 -35.56 -30.65 36.76
C SER D 408 -36.71 -29.92 37.47
N GLY D 409 -37.49 -30.68 38.24
CA GLY D 409 -38.54 -30.09 39.07
C GLY D 409 -39.89 -29.92 38.41
N PHE D 410 -40.93 -29.94 39.22
CA PHE D 410 -42.31 -29.77 38.77
C PHE D 410 -42.95 -28.64 39.56
N SER D 411 -43.78 -27.87 38.86
CA SER D 411 -44.34 -26.65 39.42
C SER D 411 -45.21 -26.87 40.64
N ASN D 412 -45.81 -28.05 40.76
CA ASN D 412 -46.70 -28.33 41.86
C ASN D 412 -46.04 -28.80 43.13
N SER D 413 -44.83 -29.33 43.03
CA SER D 413 -44.21 -29.93 44.20
C SER D 413 -42.74 -29.59 44.45
N SER D 414 -42.10 -28.80 43.59
CA SER D 414 -40.65 -28.57 43.76
C SER D 414 -40.37 -27.14 44.23
N VAL D 415 -39.31 -26.97 45.00
CA VAL D 415 -38.87 -25.64 45.40
C VAL D 415 -37.96 -25.02 44.33
N SER D 416 -37.45 -25.87 43.44
CA SER D 416 -36.52 -25.43 42.39
C SER D 416 -36.91 -25.97 41.02
N ILE D 417 -37.07 -25.06 40.07
CA ILE D 417 -37.41 -25.40 38.70
C ILE D 417 -36.26 -25.04 37.77
N ILE D 418 -35.79 -26.02 37.01
CA ILE D 418 -34.83 -25.81 35.92
C ILE D 418 -35.49 -26.22 34.59
N ARG D 419 -35.48 -25.30 33.63
CA ARG D 419 -35.85 -25.60 32.25
C ARG D 419 -34.77 -24.95 31.38
N ALA D 420 -33.85 -25.77 30.87
CA ALA D 420 -32.65 -25.28 30.17
C ALA D 420 -32.58 -25.84 28.75
N PRO D 421 -33.25 -25.18 27.81
CA PRO D 421 -33.21 -25.63 26.43
C PRO D 421 -31.78 -25.79 25.90
N MET D 422 -31.52 -26.95 25.33
CA MET D 422 -30.22 -27.31 24.80
C MET D 422 -30.29 -27.09 23.31
N PHE D 423 -29.54 -26.11 22.82
CA PHE D 423 -29.55 -25.77 21.42
C PHE D 423 -28.47 -26.52 20.69
N SER D 424 -28.86 -27.12 19.58
CA SER D 424 -28.02 -28.00 18.81
C SER D 424 -27.73 -27.37 17.43
N TRP D 425 -26.46 -27.31 17.06
CA TRP D 425 -26.02 -26.57 15.87
C TRP D 425 -25.26 -27.45 14.92
N ILE D 426 -25.73 -27.50 13.67
CA ILE D 426 -25.11 -28.32 12.63
C ILE D 426 -24.36 -27.39 11.69
N HIS D 427 -23.20 -27.82 11.20
CA HIS D 427 -22.41 -27.01 10.28
C HIS D 427 -23.18 -26.81 9.02
N ARG D 428 -23.09 -25.62 8.41
CA ARG D 428 -23.93 -25.29 7.23
C ARG D 428 -23.57 -26.08 5.97
N SER D 429 -22.39 -26.69 5.91
CA SER D 429 -22.08 -27.67 4.87
C SER D 429 -22.99 -28.90 4.86
N ALA D 430 -23.69 -29.18 5.95
CA ALA D 430 -24.74 -30.20 5.94
C ALA D 430 -25.97 -29.69 5.17
N GLU D 431 -25.95 -29.85 3.85
CA GLU D 431 -26.95 -29.23 2.99
C GLU D 431 -28.30 -29.86 3.22
N PHE D 432 -29.34 -29.05 3.02
CA PHE D 432 -30.71 -29.52 3.15
C PHE D 432 -30.99 -30.73 2.26
N ASN D 433 -30.44 -30.73 1.06
CA ASN D 433 -30.60 -31.81 0.09
C ASN D 433 -29.28 -32.49 -0.17
N ASN D 434 -29.35 -33.70 -0.71
CA ASN D 434 -28.17 -34.38 -1.24
C ASN D 434 -28.14 -34.14 -2.74
N ILE D 435 -27.30 -33.20 -3.16
CA ILE D 435 -27.27 -32.71 -4.54
C ILE D 435 -25.96 -33.13 -5.15
N ILE D 436 -26.03 -33.86 -6.27
CA ILE D 436 -24.83 -34.44 -6.85
C ILE D 436 -24.30 -33.47 -7.88
N ALA D 437 -23.10 -32.94 -7.62
CA ALA D 437 -22.47 -32.01 -8.53
C ALA D 437 -22.08 -32.77 -9.80
N SER D 438 -21.89 -32.06 -10.90
CA SER D 438 -21.41 -32.67 -12.14
C SER D 438 -19.90 -32.50 -12.37
N ASP D 439 -19.26 -31.61 -11.61
CA ASP D 439 -17.85 -31.28 -11.83
C ASP D 439 -16.96 -31.51 -10.61
N SER D 440 -17.46 -32.24 -9.62
CA SER D 440 -16.66 -32.55 -8.43
C SER D 440 -17.11 -33.87 -7.81
N ILE D 441 -16.26 -34.44 -6.95
CA ILE D 441 -16.61 -35.65 -6.20
C ILE D 441 -17.48 -35.28 -4.98
N THR D 442 -18.79 -35.55 -5.08
CA THR D 442 -19.75 -35.26 -4.03
C THR D 442 -19.75 -36.34 -2.94
N GLN D 443 -19.42 -35.94 -1.72
CA GLN D 443 -19.46 -36.84 -0.56
C GLN D 443 -20.80 -36.66 0.14
N ILE D 444 -21.49 -37.77 0.37
CA ILE D 444 -22.77 -37.78 1.06
C ILE D 444 -22.67 -38.78 2.21
N PRO D 445 -22.55 -38.28 3.46
CA PRO D 445 -22.50 -39.16 4.61
C PRO D 445 -23.74 -40.03 4.69
N ALA D 446 -23.57 -41.28 5.11
CA ALA D 446 -24.71 -42.22 5.15
C ALA D 446 -25.77 -41.74 6.12
N VAL D 447 -25.38 -40.99 7.15
CA VAL D 447 -26.35 -40.42 8.10
C VAL D 447 -27.29 -39.38 7.43
N LYS D 448 -26.95 -38.93 6.22
CA LYS D 448 -27.89 -38.10 5.42
C LYS D 448 -28.94 -38.94 4.68
N GLY D 449 -29.03 -40.23 5.00
CA GLY D 449 -30.08 -41.07 4.42
C GLY D 449 -31.40 -40.81 5.10
N ASN D 450 -32.48 -41.38 4.58
CA ASN D 450 -33.81 -41.24 5.17
C ASN D 450 -34.52 -42.55 5.51
N PHE D 451 -33.83 -43.68 5.35
CA PHE D 451 -34.39 -45.01 5.68
C PHE D 451 -33.28 -45.99 6.08
N LEU D 452 -33.41 -46.55 7.29
CA LEU D 452 -32.43 -47.44 7.88
C LEU D 452 -33.17 -48.67 8.43
N PHE D 453 -32.83 -49.86 7.94
CA PHE D 453 -33.50 -51.09 8.33
C PHE D 453 -32.46 -52.08 8.83
N ASN D 454 -32.74 -52.70 9.98
CA ASN D 454 -31.81 -53.58 10.66
C ASN D 454 -30.42 -52.98 10.75
N GLY D 455 -30.36 -51.81 11.38
CA GLY D 455 -29.11 -51.11 11.63
C GLY D 455 -29.34 -49.96 12.57
N SER D 456 -28.29 -49.24 12.91
CA SER D 456 -28.45 -48.07 13.74
C SER D 456 -27.42 -46.99 13.42
N VAL D 457 -27.72 -45.77 13.85
CA VAL D 457 -26.74 -44.69 13.75
C VAL D 457 -25.90 -44.75 15.02
N ILE D 458 -24.57 -44.72 14.88
CA ILE D 458 -23.64 -44.76 16.02
C ILE D 458 -22.72 -43.53 16.02
N SER D 459 -22.24 -43.15 17.20
CA SER D 459 -21.30 -42.06 17.38
C SER D 459 -20.04 -42.26 16.57
N GLY D 460 -19.65 -41.24 15.81
CA GLY D 460 -18.41 -41.26 15.04
C GLY D 460 -17.21 -41.25 15.98
N PRO D 461 -16.07 -41.76 15.53
CA PRO D 461 -14.89 -41.81 16.37
C PRO D 461 -14.27 -40.46 16.59
N GLY D 462 -14.71 -39.44 15.85
CA GLY D 462 -14.22 -38.06 16.00
C GLY D 462 -13.51 -37.47 14.77
N PHE D 463 -13.24 -38.29 13.77
CA PHE D 463 -12.47 -37.86 12.61
C PHE D 463 -13.25 -37.96 11.29
N THR D 464 -14.52 -38.32 11.33
CA THR D 464 -15.32 -38.41 10.13
C THR D 464 -16.22 -37.18 9.90
N GLY D 465 -16.26 -36.23 10.84
CA GLY D 465 -17.07 -35.02 10.69
C GLY D 465 -18.52 -35.20 11.08
N GLY D 466 -18.85 -36.34 11.67
CA GLY D 466 -20.22 -36.66 12.04
C GLY D 466 -20.34 -38.10 12.49
N ASP D 467 -21.57 -38.60 12.52
CA ASP D 467 -21.85 -39.96 12.96
C ASP D 467 -21.83 -40.94 11.79
N LEU D 468 -22.05 -42.22 12.09
CA LEU D 468 -21.91 -43.32 11.13
C LEU D 468 -23.12 -44.23 11.13
N VAL D 469 -23.29 -45.00 10.06
CA VAL D 469 -24.35 -45.98 9.97
C VAL D 469 -23.79 -47.40 10.16
N ARG D 470 -24.38 -48.15 11.07
CA ARG D 470 -24.03 -49.55 11.27
C ARG D 470 -25.14 -50.41 10.72
N LEU D 471 -24.80 -51.27 9.75
CA LEU D 471 -25.73 -52.28 9.27
C LEU D 471 -25.47 -53.61 9.99
N ASN D 472 -26.50 -54.12 10.66
CA ASN D 472 -26.40 -55.40 11.36
C ASN D 472 -26.32 -56.57 10.39
N SER D 473 -25.95 -57.74 10.92
CA SER D 473 -26.04 -58.99 10.16
C SER D 473 -27.50 -59.42 10.06
N SER D 474 -27.80 -60.24 9.06
CA SER D 474 -29.18 -60.71 8.82
C SER D 474 -29.65 -61.83 9.78
N GLY D 475 -28.72 -62.52 10.44
CA GLY D 475 -29.05 -63.74 11.18
C GLY D 475 -29.48 -64.84 10.20
N ASN D 476 -28.82 -64.87 9.04
CA ASN D 476 -29.12 -65.77 7.94
C ASN D 476 -30.59 -65.74 7.49
N ASN D 477 -31.19 -64.55 7.49
CA ASN D 477 -32.54 -64.35 6.98
C ASN D 477 -32.54 -63.28 5.89
N ILE D 478 -32.87 -63.67 4.67
CA ILE D 478 -32.78 -62.79 3.48
C ILE D 478 -33.72 -61.58 3.55
N GLN D 479 -34.80 -61.70 4.32
CA GLN D 479 -35.74 -60.60 4.53
C GLN D 479 -35.30 -59.63 5.64
N ASN D 480 -34.23 -59.96 6.35
CA ASN D 480 -33.74 -59.15 7.47
C ASN D 480 -32.34 -58.55 7.19
N ARG D 481 -32.08 -58.22 5.93
CA ARG D 481 -30.77 -57.66 5.56
C ARG D 481 -30.66 -56.17 5.86
N GLY D 482 -29.61 -55.82 6.61
CA GLY D 482 -29.31 -54.42 6.93
C GLY D 482 -29.25 -53.55 5.69
N TYR D 483 -29.96 -52.44 5.73
CA TYR D 483 -30.10 -51.56 4.56
C TYR D 483 -30.14 -50.08 4.99
N ILE D 484 -29.35 -49.26 4.31
CA ILE D 484 -29.41 -47.79 4.41
C ILE D 484 -29.70 -47.22 3.02
N GLU D 485 -30.71 -46.36 2.94
CA GLU D 485 -31.11 -45.73 1.69
C GLU D 485 -30.99 -44.22 1.79
N VAL D 486 -30.48 -43.59 0.72
CA VAL D 486 -30.20 -42.16 0.68
C VAL D 486 -30.89 -41.50 -0.52
N PRO D 487 -31.75 -40.49 -0.28
CA PRO D 487 -32.34 -39.73 -1.40
C PRO D 487 -31.33 -38.76 -1.99
N ILE D 488 -31.30 -38.67 -3.32
CA ILE D 488 -30.33 -37.84 -4.02
C ILE D 488 -30.99 -37.13 -5.20
N HIS D 489 -30.42 -36.00 -5.58
CA HIS D 489 -30.92 -35.19 -6.66
C HIS D 489 -29.81 -34.87 -7.62
N PHE D 490 -30.06 -35.11 -8.90
CA PHE D 490 -29.06 -34.91 -9.95
C PHE D 490 -29.47 -33.73 -10.81
N PRO D 491 -28.84 -32.55 -10.62
CA PRO D 491 -29.15 -31.46 -11.54
C PRO D 491 -28.73 -31.70 -13.00
N SER D 492 -27.74 -32.55 -13.22
CA SER D 492 -27.35 -32.94 -14.59
C SER D 492 -27.71 -34.40 -14.88
N THR D 493 -28.58 -34.61 -15.87
CA THR D 493 -29.07 -35.95 -16.21
C THR D 493 -28.20 -36.71 -17.21
N SER D 494 -27.14 -36.06 -17.73
CA SER D 494 -26.27 -36.71 -18.70
C SER D 494 -24.89 -37.09 -18.15
N THR D 495 -24.48 -36.50 -17.02
CA THR D 495 -23.18 -36.87 -16.42
C THR D 495 -23.19 -38.32 -15.96
N ARG D 496 -22.07 -39.03 -16.19
CA ARG D 496 -21.93 -40.42 -15.74
C ARG D 496 -21.14 -40.47 -14.44
N TYR D 497 -21.60 -41.29 -13.51
CA TYR D 497 -21.00 -41.37 -12.17
C TYR D 497 -20.63 -42.78 -11.76
N ARG D 498 -19.42 -42.94 -11.24
CA ARG D 498 -19.04 -44.10 -10.46
C ARG D 498 -19.43 -43.82 -8.99
N VAL D 499 -19.98 -44.83 -8.32
CA VAL D 499 -20.38 -44.72 -6.92
C VAL D 499 -19.39 -45.45 -6.03
N ARG D 500 -18.74 -44.71 -5.15
CA ARG D 500 -17.76 -45.26 -4.23
C ARG D 500 -18.30 -45.18 -2.80
N VAL D 501 -18.02 -46.22 -1.99
CA VAL D 501 -18.49 -46.25 -0.62
C VAL D 501 -17.32 -46.39 0.35
N ARG D 502 -17.32 -45.57 1.39
CA ARG D 502 -16.29 -45.60 2.43
C ARG D 502 -16.86 -46.37 3.62
N TYR D 503 -16.13 -47.39 4.11
CA TYR D 503 -16.68 -48.38 5.06
C TYR D 503 -15.64 -48.95 6.03
N ALA D 504 -16.12 -49.62 7.08
CA ALA D 504 -15.26 -50.34 8.02
C ALA D 504 -15.82 -51.73 8.27
N SER D 505 -14.95 -52.74 8.28
CA SER D 505 -15.36 -54.15 8.49
C SER D 505 -14.24 -54.98 9.11
N VAL D 506 -14.61 -55.86 10.04
CA VAL D 506 -13.64 -56.77 10.69
C VAL D 506 -13.43 -58.05 9.88
N THR D 507 -14.40 -58.42 9.04
CA THR D 507 -14.30 -59.61 8.21
C THR D 507 -14.67 -59.28 6.76
N PRO D 508 -14.17 -60.10 5.80
CA PRO D 508 -14.64 -59.95 4.43
C PRO D 508 -16.14 -60.08 4.41
N ILE D 509 -16.81 -59.22 3.63
CA ILE D 509 -18.25 -59.14 3.73
C ILE D 509 -18.85 -58.80 2.38
N HIS D 510 -19.98 -59.43 2.07
CA HIS D 510 -20.69 -59.22 0.80
C HIS D 510 -21.66 -58.07 0.94
N LEU D 511 -21.41 -57.02 0.16
CA LEU D 511 -22.26 -55.83 0.16
C LEU D 511 -22.85 -55.58 -1.23
N ASN D 512 -24.12 -55.18 -1.26
CA ASN D 512 -24.81 -54.78 -2.49
C ASN D 512 -25.12 -53.28 -2.48
N VAL D 513 -24.65 -52.55 -3.49
CA VAL D 513 -25.02 -51.15 -3.68
C VAL D 513 -26.10 -51.05 -4.75
N ASN D 514 -27.23 -50.46 -4.42
CA ASN D 514 -28.26 -50.15 -5.43
C ASN D 514 -28.28 -48.65 -5.78
N TRP D 515 -28.60 -48.38 -7.03
CA TRP D 515 -28.90 -47.04 -7.51
C TRP D 515 -30.24 -47.19 -8.15
N GLY D 516 -31.26 -46.59 -7.53
CA GLY D 516 -32.65 -46.90 -7.83
C GLY D 516 -32.94 -48.35 -7.48
N ASN D 517 -33.60 -49.07 -8.39
CA ASN D 517 -33.81 -50.51 -8.27
C ASN D 517 -32.66 -51.37 -8.82
N SER D 518 -31.66 -50.74 -9.45
CA SER D 518 -30.59 -51.47 -10.11
C SER D 518 -29.39 -51.69 -9.19
N SER D 519 -28.92 -52.93 -9.10
CA SER D 519 -27.71 -53.23 -8.37
C SER D 519 -26.48 -52.91 -9.23
N ILE D 520 -25.60 -52.03 -8.75
CA ILE D 520 -24.42 -51.60 -9.53
C ILE D 520 -23.12 -52.14 -8.93
N PHE D 521 -23.24 -52.86 -7.82
CA PHE D 521 -22.12 -53.52 -7.18
C PHE D 521 -22.69 -54.59 -6.25
N SER D 522 -22.14 -55.80 -6.34
CA SER D 522 -22.55 -56.90 -5.49
C SER D 522 -21.37 -57.86 -5.39
N ASN D 523 -20.61 -57.73 -4.32
CA ASN D 523 -19.39 -58.51 -4.18
C ASN D 523 -18.89 -58.48 -2.74
N THR D 524 -17.95 -59.36 -2.44
CA THR D 524 -17.26 -59.38 -1.15
C THR D 524 -16.23 -58.28 -1.16
N VAL D 525 -16.15 -57.54 -0.06
CA VAL D 525 -15.13 -56.51 0.10
C VAL D 525 -14.21 -56.93 1.26
N PRO D 526 -12.95 -56.50 1.23
CA PRO D 526 -12.01 -56.94 2.25
C PRO D 526 -12.31 -56.40 3.65
N ALA D 527 -11.77 -57.09 4.65
CA ALA D 527 -11.76 -56.60 6.02
C ALA D 527 -10.84 -55.38 6.06
N THR D 528 -11.14 -54.41 6.93
CA THR D 528 -10.35 -53.19 7.05
C THR D 528 -9.91 -52.88 8.47
N ALA D 529 -10.50 -53.56 9.45
CA ALA D 529 -10.30 -53.23 10.87
C ALA D 529 -10.22 -54.50 11.74
N THR D 530 -9.57 -54.39 12.88
CA THR D 530 -9.54 -55.50 13.86
C THR D 530 -10.77 -55.44 14.78
N SER D 531 -11.32 -54.24 14.97
CA SER D 531 -12.50 -54.03 15.83
C SER D 531 -13.35 -52.86 15.32
N LEU D 532 -14.67 -53.00 15.43
CA LEU D 532 -15.57 -51.91 15.08
C LEU D 532 -15.80 -50.96 16.25
N ASP D 533 -15.26 -51.27 17.43
CA ASP D 533 -15.55 -50.49 18.64
C ASP D 533 -14.54 -49.40 18.95
N ASN D 534 -13.31 -49.48 18.45
CA ASN D 534 -12.36 -48.39 18.69
C ASN D 534 -11.66 -47.95 17.40
N LEU D 535 -12.39 -47.21 16.58
CA LEU D 535 -11.99 -46.96 15.21
C LEU D 535 -10.81 -46.02 15.14
N GLN D 536 -9.83 -46.38 14.34
CA GLN D 536 -8.72 -45.50 13.98
C GLN D 536 -8.85 -45.18 12.48
N SER D 537 -8.02 -44.26 12.00
CA SER D 537 -8.10 -43.78 10.62
C SER D 537 -8.05 -44.88 9.57
N SER D 538 -7.07 -45.76 9.69
CA SER D 538 -6.85 -46.80 8.70
C SER D 538 -7.93 -47.88 8.73
N ASP D 539 -8.83 -47.87 9.72
CA ASP D 539 -9.93 -48.86 9.75
C ASP D 539 -11.02 -48.60 8.71
N PHE D 540 -10.93 -47.47 8.01
CA PHE D 540 -11.86 -47.20 6.93
C PHE D 540 -11.19 -47.47 5.58
N GLY D 541 -11.90 -48.22 4.74
CA GLY D 541 -11.46 -48.44 3.37
C GLY D 541 -12.56 -48.05 2.41
N TYR D 542 -12.29 -48.31 1.13
CA TYR D 542 -13.16 -47.92 0.04
C TYR D 542 -13.41 -49.11 -0.87
N PHE D 543 -14.62 -49.17 -1.44
CA PHE D 543 -14.88 -50.01 -2.61
C PHE D 543 -15.79 -49.20 -3.54
N GLU D 544 -15.91 -49.63 -4.80
CA GLU D 544 -16.68 -48.86 -5.78
C GLU D 544 -17.26 -49.69 -6.91
N SER D 545 -18.32 -49.19 -7.51
CA SER D 545 -18.85 -49.78 -8.73
C SER D 545 -17.77 -49.74 -9.80
N ALA D 546 -17.66 -50.82 -10.55
CA ALA D 546 -16.67 -50.91 -11.64
C ALA D 546 -17.07 -49.98 -12.78
N ASN D 547 -18.38 -49.84 -13.00
CA ASN D 547 -18.89 -48.99 -14.07
C ASN D 547 -19.55 -47.71 -13.60
N ALA D 548 -19.80 -46.81 -14.55
CA ALA D 548 -20.40 -45.52 -14.29
C ALA D 548 -21.77 -45.42 -14.95
N PHE D 549 -22.70 -44.70 -14.30
CA PHE D 549 -24.09 -44.57 -14.76
C PHE D 549 -24.59 -43.14 -14.64
N THR D 550 -25.78 -42.89 -15.20
CA THR D 550 -26.43 -41.59 -15.13
C THR D 550 -27.65 -41.66 -14.23
N SER D 551 -28.21 -40.47 -13.94
CA SER D 551 -29.41 -40.34 -13.11
C SER D 551 -30.64 -41.12 -13.61
N SER D 552 -30.58 -41.68 -14.82
CA SER D 552 -31.69 -42.51 -15.32
C SER D 552 -31.98 -43.73 -14.44
N LEU D 553 -30.97 -44.21 -13.71
CA LEU D 553 -31.17 -45.30 -12.76
C LEU D 553 -32.07 -44.92 -11.57
N GLY D 554 -32.16 -43.63 -11.24
CA GLY D 554 -33.09 -43.18 -10.20
C GLY D 554 -32.57 -42.14 -9.23
N ASN D 555 -33.39 -41.88 -8.22
CA ASN D 555 -33.15 -40.83 -7.23
C ASN D 555 -32.88 -41.33 -5.82
N ILE D 556 -32.49 -42.61 -5.70
CA ILE D 556 -31.99 -43.12 -4.44
C ILE D 556 -30.73 -43.92 -4.68
N VAL D 557 -29.90 -44.01 -3.66
CA VAL D 557 -28.73 -44.90 -3.63
C VAL D 557 -28.76 -45.62 -2.29
N GLY D 558 -28.25 -46.85 -2.23
CA GLY D 558 -28.29 -47.62 -1.00
C GLY D 558 -27.20 -48.67 -0.90
N VAL D 559 -27.03 -49.20 0.31
CA VAL D 559 -26.12 -50.31 0.55
C VAL D 559 -26.84 -51.30 1.42
N ARG D 560 -26.77 -52.57 1.01
CA ARG D 560 -27.35 -53.68 1.75
C ARG D 560 -26.23 -54.63 2.21
N ASN D 561 -26.28 -55.04 3.47
CA ASN D 561 -25.33 -56.00 4.07
C ASN D 561 -25.88 -57.42 3.90
N PHE D 562 -25.27 -58.22 3.01
CA PHE D 562 -25.76 -59.58 2.74
C PHE D 562 -25.31 -60.61 3.80
N SER D 563 -24.32 -60.26 4.61
CA SER D 563 -23.80 -61.20 5.61
C SER D 563 -24.85 -61.61 6.64
N GLY D 564 -24.88 -62.88 6.95
CA GLY D 564 -25.77 -63.41 7.98
C GLY D 564 -25.17 -63.31 9.37
N THR D 565 -23.84 -63.16 9.43
CA THR D 565 -23.13 -63.19 10.71
C THR D 565 -22.34 -61.93 11.09
N ALA D 566 -21.95 -61.10 10.12
CA ALA D 566 -21.11 -59.91 10.39
C ALA D 566 -21.85 -58.58 10.15
N GLY D 567 -21.50 -57.59 10.97
CA GLY D 567 -21.98 -56.22 10.80
C GLY D 567 -21.01 -55.41 9.97
N VAL D 568 -21.45 -54.25 9.51
CA VAL D 568 -20.56 -53.34 8.77
C VAL D 568 -20.91 -51.87 9.05
N ILE D 569 -19.88 -51.04 9.09
CA ILE D 569 -20.06 -49.59 9.25
C ILE D 569 -19.92 -48.88 7.92
N ILE D 570 -20.92 -48.09 7.57
CA ILE D 570 -20.88 -47.25 6.37
C ILE D 570 -20.66 -45.80 6.81
N ASP D 571 -19.58 -45.20 6.32
CA ASP D 571 -19.31 -43.79 6.56
C ASP D 571 -20.07 -42.92 5.56
N ARG D 572 -19.76 -43.05 4.28
CA ARG D 572 -20.39 -42.21 3.25
C ARG D 572 -20.36 -42.79 1.85
N PHE D 573 -21.27 -42.26 1.01
CA PHE D 573 -21.29 -42.50 -0.42
C PHE D 573 -20.54 -41.36 -1.09
N GLU D 574 -19.89 -41.67 -2.20
CA GLU D 574 -19.15 -40.65 -2.98
C GLU D 574 -19.51 -40.85 -4.46
N PHE D 575 -19.97 -39.78 -5.10
CA PHE D 575 -20.24 -39.81 -6.53
C PHE D 575 -19.08 -39.19 -7.31
N ILE D 576 -18.54 -39.98 -8.23
CA ILE D 576 -17.39 -39.58 -9.04
C ILE D 576 -17.81 -39.40 -10.50
N PRO D 577 -17.86 -38.15 -10.97
CA PRO D 577 -18.14 -37.92 -12.39
C PRO D 577 -17.00 -38.40 -13.28
N VAL D 578 -17.31 -39.11 -14.37
CA VAL D 578 -16.28 -39.54 -15.35
C VAL D 578 -16.13 -38.52 -16.49
N THR D 579 -15.03 -38.05 -16.81
CA 13D E . -46.58 -2.26 -6.62
CB 13D E . -45.23 -2.67 -7.27
CC 13D E . -45.43 -2.25 -8.75
ND 13D E . -44.22 -2.07 -9.51
NAA 13D E . -46.67 -2.42 -5.18
CA 13D F . -18.55 -7.03 8.58
CB 13D F . -19.85 -6.62 9.30
CC 13D F . -20.85 -6.33 8.16
ND 13D F . -22.24 -6.34 8.60
NAA 13D F . -17.43 -7.31 9.46
CA 13D G . 28.95 15.59 -30.17
CB 13D G . 29.71 14.79 -29.09
CC 13D G . 31.04 14.22 -29.62
ND 13D G . 32.18 14.67 -28.83
NAA 13D G . 27.51 15.59 -30.01
CA 13D H . 23.22 2.96 -2.73
CB 13D H . 23.45 2.94 -1.20
CC 13D H . 22.14 3.38 -0.52
ND 13D H . 21.97 2.72 0.77
NAA 13D H . 24.42 3.27 -3.50
C1 GOL I . -30.55 -8.88 13.67
O1 GOL I . -29.36 -8.98 12.92
C2 GOL I . -30.24 -9.52 15.01
O2 GOL I . -30.91 -10.77 15.10
C3 GOL I . -30.69 -8.59 16.12
O3 GOL I . -29.77 -7.50 16.19
#